data_3DR4
#
_entry.id   3DR4
#
_cell.length_a   50.099
_cell.length_b   151.921
_cell.length_c   105.747
_cell.angle_alpha   90.00
_cell.angle_beta   102.09
_cell.angle_gamma   90.00
#
_symmetry.space_group_name_H-M   'P 1 21 1'
#
loop_
_entity.id
_entity.type
_entity.pdbx_description
1 polymer 'Putative perosamine synthetase'
2 non-polymer '[(2R,3S,4R,5R)-5-(2-amino-6-oxo-1,6-dihydro-9H-purin-9-yl)-3,4-dihydroxytetrahydrofuran-2-yl]methyl (2R,3S,4S,5S,6R)-3,4-dihydroxy-5-[({3-hydroxy-2-methyl-5-[(phosphonooxy)methyl]pyridin-4-yl}methyl)amino]-6-methyltetrahydro-2H-pyran-2-yl dihydrogen diphosphate'
3 non-polymer 1,2-ETHANEDIOL
4 water water
#
_entity_poly.entity_id   1
_entity_poly.type   'polypeptide(L)'
_entity_poly.pdbx_seq_one_letter_code
;MGSSHHHHHHSSENLYFQGHMSDLPRISVAAPRLDGNERDYVLECMDTTWISSVGRFIVEFEKAFADYCGVKHAIACNNG
TTALHLALVAMGIGPGDEVIVPSLTYIASANSVTYCGATPVLVDNDPRTFNLDAAKLEALITPRTKAIMPVHLYGQICDM
DPILEVARRHNLLVIEDAAEAVGATYRGKKSGSLGDCATFSFFGNAIITTGEGGMITTNDDDLAAKMRLLRGQGMDPNRR
YWFPIVGFNYRMTNIQAAIGLAQLERVDEHLAARERVVGWYEQKLARLGNRVTKPHVALTGRHVFWMYTVRLGEGLSTTR
DQVIKDLDALGIESRPVFHPMHIMPPYAHLATDDLKIAEACGVDGLNLPTHAGLTEADIDRVIAALDQVLV
;
_entity_poly.pdbx_strand_id   A,B,C,D
#
loop_
_chem_comp.id
_chem_comp.type
_chem_comp.name
_chem_comp.formula
EDO non-polymer 1,2-ETHANEDIOL 'C2 H6 O2'
G4M non-polymer '[(2R,3S,4R,5R)-5-(2-amino-6-oxo-1,6-dihydro-9H-purin-9-yl)-3,4-dihydroxytetrahydrofuran-2-yl]methyl (2R,3S,4S,5S,6R)-3,4-dihydroxy-5-[({3-hydroxy-2-methyl-5-[(phosphonooxy)methyl]pyridin-4-yl}methyl)amino]-6-methyltetrahydro-2H-pyran-2-yl dihydrogen diphosphate' 'C24 H36 N7 O19 P3'
#
# COMPACT_ATOMS: atom_id res chain seq x y z
N SER A 28 -29.28 23.03 28.60
CA SER A 28 -28.27 22.80 27.58
C SER A 28 -26.91 22.67 28.21
N VAL A 29 -26.18 21.67 27.74
CA VAL A 29 -24.90 21.37 28.34
C VAL A 29 -23.94 22.43 27.88
N ALA A 30 -24.25 23.00 26.72
CA ALA A 30 -23.41 24.04 26.18
C ALA A 30 -24.27 24.86 25.25
N ALA A 31 -23.87 26.12 25.06
CA ALA A 31 -24.59 27.01 24.15
C ALA A 31 -23.72 28.21 23.76
N PRO A 32 -23.95 28.79 22.58
CA PRO A 32 -23.14 29.93 22.13
C PRO A 32 -23.62 31.17 22.84
N ARG A 33 -22.74 32.17 22.97
CA ARG A 33 -23.09 33.41 23.64
C ARG A 33 -22.74 34.52 22.67
N LEU A 34 -23.72 34.87 21.82
CA LEU A 34 -23.48 35.82 20.75
C LEU A 34 -23.81 37.24 21.17
N ASP A 35 -23.10 37.71 22.18
CA ASP A 35 -23.42 39.02 22.74
C ASP A 35 -22.44 40.14 22.38
N GLY A 36 -21.82 39.98 21.22
CA GLY A 36 -20.82 40.97 20.78
C GLY A 36 -21.27 41.43 19.39
N ASN A 37 -20.30 41.68 18.50
CA ASN A 37 -20.50 42.12 17.09
C ASN A 37 -20.80 41.09 15.97
N GLU A 38 -21.17 39.87 16.36
CA GLU A 38 -21.40 38.75 15.42
C GLU A 38 -22.44 39.13 14.39
N ARG A 39 -23.61 39.57 14.85
CA ARG A 39 -24.69 39.94 13.93
C ARG A 39 -24.26 41.03 12.98
N ASP A 40 -23.62 42.06 13.53
CA ASP A 40 -23.21 43.17 12.69
C ASP A 40 -22.23 42.69 11.64
N TYR A 41 -21.18 42.01 12.09
CA TYR A 41 -20.12 41.55 11.20
C TYR A 41 -20.80 40.65 10.16
N VAL A 42 -21.73 39.83 10.57
CA VAL A 42 -22.39 39.01 9.56
C VAL A 42 -23.19 39.83 8.51
N LEU A 43 -23.97 40.81 8.95
CA LEU A 43 -24.74 41.65 8.02
C LEU A 43 -23.80 42.41 7.09
N GLU A 44 -22.62 42.76 7.57
CA GLU A 44 -21.62 43.35 6.67
C GLU A 44 -21.20 42.39 5.54
N CYS A 45 -21.11 41.09 5.82
CA CYS A 45 -20.78 40.15 4.73
C CYS A 45 -22.01 40.08 3.80
N MET A 46 -23.21 40.04 4.35
CA MET A 46 -24.40 39.97 3.50
C MET A 46 -24.47 41.26 2.67
N ASP A 47 -24.32 42.37 3.36
CA ASP A 47 -24.45 43.62 2.66
C ASP A 47 -23.41 43.86 1.60
N THR A 48 -22.19 43.43 1.81
CA THR A 48 -21.19 43.67 0.75
C THR A 48 -21.20 42.49 -0.22
N THR A 49 -21.95 41.45 0.12
CA THR A 49 -22.01 40.23 -0.67
C THR A 49 -20.80 39.32 -0.61
N TRP A 50 -19.85 39.58 0.28
CA TRP A 50 -18.70 38.68 0.43
C TRP A 50 -19.05 37.63 1.46
N ILE A 51 -19.58 36.51 0.97
CA ILE A 51 -20.06 35.45 1.83
C ILE A 51 -19.35 34.13 1.69
N SER A 52 -18.47 34.06 0.71
CA SER A 52 -17.81 32.78 0.52
C SER A 52 -16.46 32.87 1.23
N SER A 53 -15.46 32.12 0.75
CA SER A 53 -14.14 32.02 1.40
C SER A 53 -13.16 33.08 0.93
N VAL A 54 -13.76 34.16 0.50
CA VAL A 54 -13.06 35.36 0.13
C VAL A 54 -13.83 36.49 0.80
N GLY A 55 -13.07 37.18 1.64
CA GLY A 55 -13.56 38.32 2.37
C GLY A 55 -12.38 38.71 3.24
N ARG A 56 -12.40 39.95 3.70
CA ARG A 56 -11.35 40.44 4.58
C ARG A 56 -11.53 39.97 6.03
N PHE A 57 -12.68 39.41 6.41
CA PHE A 57 -12.78 38.98 7.80
C PHE A 57 -11.90 37.78 8.08
N ILE A 58 -11.64 36.99 7.04
CA ILE A 58 -10.84 35.78 7.23
C ILE A 58 -9.44 36.11 7.74
N VAL A 59 -8.77 36.99 6.98
CA VAL A 59 -7.44 37.41 7.36
C VAL A 59 -7.48 38.24 8.65
N GLU A 60 -8.50 39.06 8.86
CA GLU A 60 -8.50 39.80 10.12
C GLU A 60 -8.63 38.83 11.28
N PHE A 61 -9.46 37.81 11.16
CA PHE A 61 -9.63 36.88 12.29
C PHE A 61 -8.37 36.07 12.53
N GLU A 62 -7.74 35.72 11.43
CA GLU A 62 -6.50 34.98 11.60
C GLU A 62 -5.49 35.84 12.34
N LYS A 63 -5.32 37.08 11.88
CA LYS A 63 -4.32 37.95 12.54
C LYS A 63 -4.59 38.13 14.05
N ALA A 64 -5.85 38.40 14.35
CA ALA A 64 -6.29 38.60 15.71
C ALA A 64 -6.11 37.35 16.55
N PHE A 65 -6.42 36.20 15.95
CA PHE A 65 -6.26 34.97 16.69
C PHE A 65 -4.78 34.62 16.96
N ALA A 66 -3.95 34.85 15.95
CA ALA A 66 -2.51 34.56 16.07
C ALA A 66 -1.95 35.42 17.21
N ASP A 67 -2.36 36.67 17.18
CA ASP A 67 -1.90 37.59 18.22
C ASP A 67 -2.38 37.10 19.56
N TYR A 68 -3.66 36.71 19.62
CA TYR A 68 -4.20 36.23 20.87
C TYR A 68 -3.41 35.04 21.32
N CYS A 69 -2.97 34.15 20.42
CA CYS A 69 -2.23 32.94 20.85
C CYS A 69 -0.75 33.22 21.08
N GLY A 70 -0.32 34.38 20.61
CA GLY A 70 1.07 34.76 20.76
C GLY A 70 1.91 33.97 19.76
N VAL A 71 1.33 33.73 18.57
CA VAL A 71 2.04 33.00 17.52
C VAL A 71 2.15 33.83 16.24
N LYS A 72 3.02 33.37 15.35
CA LYS A 72 3.23 34.05 14.10
C LYS A 72 2.13 33.88 13.08
N HIS A 73 1.55 32.69 12.98
CA HIS A 73 0.57 32.46 11.93
C HIS A 73 -0.67 31.76 12.43
N ALA A 74 -1.79 32.07 11.77
CA ALA A 74 -3.07 31.38 12.05
C ALA A 74 -3.69 31.14 10.65
N ILE A 75 -4.17 29.91 10.46
CA ILE A 75 -4.75 29.45 9.19
C ILE A 75 -6.15 28.96 9.53
N ALA A 76 -7.16 29.71 9.08
CA ALA A 76 -8.56 29.41 9.39
C ALA A 76 -9.04 28.30 8.46
N CYS A 77 -9.81 27.38 9.01
CA CYS A 77 -10.29 26.23 8.28
C CYS A 77 -11.77 26.03 8.52
N ASN A 78 -12.33 25.10 7.74
CA ASN A 78 -13.73 24.86 7.90
C ASN A 78 -14.23 24.13 9.13
N ASN A 79 -13.38 23.44 9.88
CA ASN A 79 -13.78 22.89 11.16
C ASN A 79 -12.52 22.38 11.84
N GLY A 80 -12.66 21.86 13.05
CA GLY A 80 -11.52 21.39 13.82
C GLY A 80 -10.91 20.12 13.26
N THR A 81 -11.75 19.33 12.60
CA THR A 81 -11.28 18.04 12.10
C THR A 81 -10.44 18.26 10.86
N THR A 82 -10.91 19.15 9.99
CA THR A 82 -10.12 19.42 8.81
C THR A 82 -8.83 20.16 9.19
N ALA A 83 -8.91 20.96 10.25
CA ALA A 83 -7.72 21.64 10.72
C ALA A 83 -6.66 20.59 11.18
N LEU A 84 -7.09 19.51 11.83
CA LEU A 84 -6.13 18.50 12.22
C LEU A 84 -5.61 17.85 10.97
N HIS A 85 -6.51 17.47 10.07
CA HIS A 85 -6.02 16.79 8.85
C HIS A 85 -4.95 17.60 8.08
N LEU A 86 -5.32 18.84 7.80
CA LEU A 86 -4.47 19.79 7.06
C LEU A 86 -3.11 19.91 7.73
N ALA A 87 -3.11 20.14 9.04
CA ALA A 87 -1.86 20.28 9.81
C ALA A 87 -0.96 19.04 9.60
N LEU A 88 -1.53 17.87 9.86
CA LEU A 88 -0.75 16.65 9.69
C LEU A 88 -0.21 16.50 8.26
N VAL A 89 -1.04 16.77 7.27
CA VAL A 89 -0.57 16.56 5.92
C VAL A 89 0.55 17.54 5.70
N ALA A 90 0.32 18.80 6.06
CA ALA A 90 1.35 19.81 5.86
C ALA A 90 2.60 19.41 6.66
N MET A 91 2.47 18.67 7.77
CA MET A 91 3.65 18.21 8.55
C MET A 91 4.37 16.99 7.90
N GLY A 92 3.82 16.45 6.83
CA GLY A 92 4.47 15.34 6.13
C GLY A 92 4.02 14.00 6.65
N ILE A 93 3.00 14.00 7.48
CA ILE A 93 2.51 12.71 7.99
C ILE A 93 1.87 11.85 6.89
N GLY A 94 2.28 10.59 6.75
CA GLY A 94 1.75 9.75 5.67
C GLY A 94 1.82 8.26 5.97
N PRO A 95 1.56 7.46 4.92
CA PRO A 95 1.53 6.02 5.07
C PRO A 95 2.84 5.55 5.70
N GLY A 96 2.70 4.69 6.69
CA GLY A 96 3.89 4.14 7.34
C GLY A 96 4.37 4.95 8.55
N ASP A 97 3.84 6.16 8.71
CA ASP A 97 4.23 6.95 9.87
C ASP A 97 3.33 6.61 11.03
N GLU A 98 3.81 6.87 12.24
CA GLU A 98 3.03 6.68 13.47
C GLU A 98 2.87 8.02 14.21
N VAL A 99 1.70 8.23 14.81
CA VAL A 99 1.49 9.46 15.58
C VAL A 99 0.91 9.01 16.89
N ILE A 100 1.54 9.48 17.98
CA ILE A 100 1.04 9.12 19.30
C ILE A 100 -0.17 9.99 19.65
N VAL A 101 -1.26 9.32 20.02
CA VAL A 101 -2.51 10.00 20.33
C VAL A 101 -3.13 9.38 21.58
N PRO A 102 -3.70 10.16 22.51
CA PRO A 102 -4.32 9.54 23.67
C PRO A 102 -5.52 8.74 23.24
N SER A 103 -5.75 7.60 23.90
CA SER A 103 -6.93 6.86 23.54
C SER A 103 -8.19 7.63 23.99
N LEU A 104 -8.02 8.42 25.06
CA LEU A 104 -9.14 9.16 25.58
C LEU A 104 -9.21 10.52 24.87
N THR A 105 -10.10 10.65 23.88
CA THR A 105 -10.19 11.97 23.22
C THR A 105 -11.39 11.95 22.30
N TYR A 106 -11.60 13.08 21.62
CA TYR A 106 -12.64 13.12 20.55
C TYR A 106 -12.07 12.36 19.33
N ILE A 107 -12.87 11.51 18.73
CA ILE A 107 -12.36 10.68 17.63
C ILE A 107 -11.60 11.37 16.51
N ALA A 108 -11.96 12.63 16.25
CA ALA A 108 -11.29 13.33 15.18
C ALA A 108 -9.76 13.29 15.39
N SER A 109 -9.30 13.27 16.65
CA SER A 109 -7.86 13.29 16.88
C SER A 109 -7.18 12.11 16.19
N ALA A 110 -7.78 10.93 16.31
CA ALA A 110 -7.26 9.72 15.65
C ALA A 110 -7.61 9.66 14.16
N ASN A 111 -8.83 10.04 13.83
CA ASN A 111 -9.23 9.92 12.44
C ASN A 111 -8.32 10.78 11.58
N SER A 112 -7.92 11.91 12.12
CA SER A 112 -7.10 12.81 11.30
C SER A 112 -5.82 12.10 10.89
N VAL A 113 -5.25 11.32 11.79
CA VAL A 113 -4.04 10.57 11.48
C VAL A 113 -4.41 9.50 10.46
N THR A 114 -5.51 8.79 10.69
CA THR A 114 -5.95 7.79 9.72
C THR A 114 -6.09 8.33 8.28
N TYR A 115 -6.65 9.54 8.13
CA TYR A 115 -6.84 10.16 6.82
C TYR A 115 -5.55 10.25 6.07
N CYS A 116 -4.47 10.53 6.79
CA CYS A 116 -3.16 10.64 6.14
C CYS A 116 -2.63 9.28 5.73
N GLY A 117 -3.25 8.20 6.19
CA GLY A 117 -2.71 6.89 5.83
C GLY A 117 -1.69 6.47 6.89
N ALA A 118 -1.66 7.23 7.99
CA ALA A 118 -0.76 6.96 9.13
C ALA A 118 -1.43 6.15 10.23
N THR A 119 -0.62 5.67 11.17
CA THR A 119 -1.15 4.81 12.25
C THR A 119 -1.15 5.51 13.60
N PRO A 120 -2.31 5.64 14.21
CA PRO A 120 -2.34 6.25 15.54
C PRO A 120 -1.68 5.24 16.51
N VAL A 121 -0.90 5.69 17.49
CA VAL A 121 -0.33 4.78 18.48
C VAL A 121 -0.90 5.39 19.79
N LEU A 122 -1.84 4.67 20.40
CA LEU A 122 -2.57 5.15 21.58
C LEU A 122 -1.78 5.16 22.90
N VAL A 123 -2.01 6.20 23.69
CA VAL A 123 -1.37 6.35 24.97
C VAL A 123 -2.41 6.62 26.05
N ASP A 124 -2.07 6.21 27.27
CA ASP A 124 -2.98 6.44 28.38
C ASP A 124 -2.94 7.89 28.87
N ASN A 125 -3.95 8.26 29.64
CA ASN A 125 -3.96 9.61 30.17
C ASN A 125 -3.93 9.56 31.71
N ASP A 126 -3.71 10.75 32.26
CA ASP A 126 -3.74 11.04 33.71
C ASP A 126 -5.16 10.86 34.25
N PRO A 127 -5.30 10.23 35.41
CA PRO A 127 -6.61 9.94 36.04
C PRO A 127 -7.36 11.14 36.63
N ARG A 128 -6.62 12.23 36.78
CA ARG A 128 -7.26 13.42 37.33
C ARG A 128 -7.49 14.52 36.27
N THR A 129 -6.46 14.80 35.47
CA THR A 129 -6.55 15.82 34.41
C THR A 129 -7.18 15.29 33.15
N PHE A 130 -7.23 13.96 32.99
CA PHE A 130 -7.77 13.33 31.78
C PHE A 130 -6.81 13.49 30.60
N ASN A 131 -5.66 14.13 30.78
CA ASN A 131 -4.70 14.40 29.73
C ASN A 131 -3.58 13.39 29.54
N LEU A 132 -3.04 13.35 28.32
CA LEU A 132 -1.97 12.44 27.93
C LEU A 132 -1.00 12.27 29.08
N ASP A 133 -0.75 11.02 29.44
CA ASP A 133 0.18 10.76 30.54
C ASP A 133 1.62 10.79 30.03
N ALA A 134 2.34 11.86 30.32
CA ALA A 134 3.68 12.05 29.73
C ALA A 134 4.63 10.94 30.11
N ALA A 135 4.35 10.34 31.25
CA ALA A 135 5.23 9.29 31.73
C ALA A 135 5.11 8.04 30.83
N LYS A 136 3.98 7.86 30.16
CA LYS A 136 3.84 6.68 29.28
C LYS A 136 4.33 6.84 27.82
N LEU A 137 4.88 8.00 27.48
CA LEU A 137 5.30 8.26 26.12
C LEU A 137 6.53 7.61 25.51
N GLU A 138 7.64 7.67 26.22
CA GLU A 138 8.88 7.21 25.62
C GLU A 138 8.85 5.74 25.28
N ALA A 139 8.03 5.03 26.02
CA ALA A 139 7.92 3.62 25.75
C ALA A 139 7.22 3.41 24.44
N LEU A 140 6.42 4.34 23.92
CA LEU A 140 5.68 4.06 22.68
C LEU A 140 6.41 4.53 21.45
N ILE A 141 7.49 5.25 21.66
CA ILE A 141 8.21 5.75 20.50
C ILE A 141 8.87 4.63 19.71
N THR A 142 8.84 4.69 18.37
CA THR A 142 9.50 3.69 17.54
C THR A 142 10.16 4.40 16.37
N PRO A 143 10.79 3.61 15.49
CA PRO A 143 11.40 4.21 14.31
C PRO A 143 10.34 4.89 13.46
N ARG A 144 9.07 4.48 13.59
CA ARG A 144 8.03 5.07 12.73
C ARG A 144 7.40 6.35 13.29
N THR A 145 7.63 6.63 14.56
CA THR A 145 6.98 7.79 15.17
C THR A 145 7.38 9.11 14.54
N LYS A 146 6.43 9.94 14.10
CA LYS A 146 6.91 11.20 13.56
C LYS A 146 6.43 12.38 14.41
N ALA A 147 5.40 12.15 15.23
CA ALA A 147 4.79 13.20 16.04
C ALA A 147 3.97 12.65 17.20
N ILE A 148 3.76 13.57 18.15
CA ILE A 148 2.95 13.29 19.34
C ILE A 148 1.84 14.34 19.35
N MET A 149 0.64 13.89 19.69
CA MET A 149 -0.53 14.76 19.70
C MET A 149 -1.17 14.83 21.07
N PRO A 150 -0.67 15.74 21.90
CA PRO A 150 -1.26 16.00 23.21
C PRO A 150 -2.59 16.69 22.90
N VAL A 151 -3.63 16.26 23.59
CA VAL A 151 -5.00 16.82 23.43
C VAL A 151 -5.39 17.53 24.75
N HIS A 152 -5.72 18.81 24.69
CA HIS A 152 -5.98 19.56 25.95
C HIS A 152 -7.46 19.41 26.28
N LEU A 153 -7.83 18.31 26.89
CA LEU A 153 -9.27 18.17 27.05
C LEU A 153 -9.87 19.09 28.07
N TYR A 154 -11.12 19.48 27.78
CA TYR A 154 -11.99 20.25 28.67
C TYR A 154 -11.56 21.65 29.05
N GLY A 155 -10.56 22.15 28.33
CA GLY A 155 -10.00 23.47 28.58
C GLY A 155 -8.70 23.42 29.38
N GLN A 156 -8.19 22.21 29.67
CA GLN A 156 -6.95 22.07 30.45
C GLN A 156 -5.75 21.60 29.60
N ILE A 157 -4.67 22.38 29.61
CA ILE A 157 -3.53 22.06 28.79
C ILE A 157 -2.72 20.92 29.35
N CYS A 158 -2.26 20.01 28.49
CA CYS A 158 -1.46 18.86 28.98
C CYS A 158 -0.18 19.36 29.68
N ASP A 159 0.53 18.44 30.31
CA ASP A 159 1.76 18.87 31.00
C ASP A 159 2.83 18.85 29.95
N MET A 160 2.92 19.97 29.26
CA MET A 160 3.78 20.10 28.12
C MET A 160 5.27 19.99 28.25
N ASP A 161 5.75 20.39 29.41
CA ASP A 161 7.18 20.41 29.50
C ASP A 161 7.87 19.11 29.15
N PRO A 162 7.48 18.08 29.90
CA PRO A 162 7.98 16.73 29.67
C PRO A 162 7.69 16.26 28.24
N ILE A 163 6.47 16.54 27.78
CA ILE A 163 6.02 16.14 26.44
C ILE A 163 6.96 16.74 25.43
N LEU A 164 7.17 18.03 25.56
CA LEU A 164 8.09 18.65 24.61
C LEU A 164 9.53 18.13 24.74
N GLU A 165 9.98 17.74 25.93
CA GLU A 165 11.35 17.22 26.03
C GLU A 165 11.58 15.84 25.35
N VAL A 166 10.64 14.95 25.63
CA VAL A 166 10.68 13.61 25.06
C VAL A 166 10.73 13.75 23.56
N ALA A 167 9.85 14.62 23.06
CA ALA A 167 9.81 14.88 21.61
C ALA A 167 11.13 15.43 21.09
N ARG A 168 11.72 16.34 21.87
CA ARG A 168 12.94 17.01 21.44
C ARG A 168 13.97 15.91 21.37
N ARG A 169 13.95 15.15 22.46
CA ARG A 169 14.90 14.10 22.63
C ARG A 169 14.83 13.20 21.42
N HIS A 170 13.62 12.87 20.95
CA HIS A 170 13.53 11.96 19.81
C HIS A 170 13.34 12.56 18.45
N ASN A 171 13.58 13.84 18.37
CA ASN A 171 13.42 14.56 17.13
C ASN A 171 12.00 14.40 16.61
N LEU A 172 10.99 14.53 17.47
CA LEU A 172 9.61 14.38 16.99
C LEU A 172 8.86 15.68 16.90
N LEU A 173 7.84 15.70 16.06
CA LEU A 173 7.06 16.92 16.01
C LEU A 173 5.98 16.79 17.08
N VAL A 174 5.49 17.95 17.54
CA VAL A 174 4.40 17.96 18.50
C VAL A 174 3.27 18.82 17.87
N ILE A 175 2.06 18.28 17.83
CA ILE A 175 0.90 19.02 17.33
C ILE A 175 -0.10 19.01 18.47
N GLU A 176 -0.48 20.19 18.98
CA GLU A 176 -1.47 20.24 20.05
C GLU A 176 -2.89 20.18 19.46
N ASP A 177 -3.73 19.29 19.96
CA ASP A 177 -5.13 19.30 19.56
C ASP A 177 -5.74 20.14 20.69
N ALA A 178 -5.80 21.43 20.39
CA ALA A 178 -6.28 22.40 21.39
C ALA A 178 -7.76 22.74 21.20
N ALA A 179 -8.48 21.88 20.48
CA ALA A 179 -9.89 22.08 20.12
C ALA A 179 -10.73 22.71 21.23
N GLU A 180 -10.60 22.21 22.46
CA GLU A 180 -11.43 22.61 23.59
C GLU A 180 -10.69 23.55 24.54
N ALA A 181 -9.67 24.25 24.06
CA ALA A 181 -8.89 24.98 25.04
C ALA A 181 -8.39 26.35 24.63
N VAL A 182 -9.20 27.03 23.84
CA VAL A 182 -8.76 28.37 23.44
C VAL A 182 -8.62 29.23 24.72
N GLY A 183 -7.55 30.01 24.90
CA GLY A 183 -7.44 30.86 26.10
C GLY A 183 -6.75 30.22 27.27
N ALA A 184 -6.46 28.93 27.15
CA ALA A 184 -5.80 28.28 28.25
C ALA A 184 -4.33 28.70 28.20
N THR A 185 -3.62 28.59 29.34
CA THR A 185 -2.20 28.97 29.40
C THR A 185 -1.39 27.93 30.16
N TYR A 186 -0.12 27.82 29.78
CA TYR A 186 0.71 26.84 30.46
C TYR A 186 2.01 27.61 30.67
N ARG A 187 2.36 27.85 31.94
CA ARG A 187 3.60 28.56 32.16
C ARG A 187 3.78 29.84 31.33
N GLY A 188 2.73 30.67 31.31
CA GLY A 188 2.79 31.91 30.57
C GLY A 188 2.58 31.84 29.06
N LYS A 189 2.43 30.64 28.53
CA LYS A 189 2.22 30.49 27.07
C LYS A 189 0.79 30.03 26.82
N LYS A 190 0.19 30.54 25.75
CA LYS A 190 -1.18 30.19 25.43
C LYS A 190 -1.23 28.85 24.68
N SER A 191 -2.34 28.13 24.83
CA SER A 191 -2.61 26.96 24.02
C SER A 191 -2.41 27.49 22.61
N GLY A 192 -1.87 26.59 21.79
CA GLY A 192 -1.62 26.86 20.38
C GLY A 192 -0.24 27.43 20.15
N SER A 193 0.49 27.77 21.22
CA SER A 193 1.83 28.31 21.00
C SER A 193 2.96 27.39 21.50
N LEU A 194 2.60 26.20 22.03
CA LEU A 194 3.53 25.21 22.61
C LEU A 194 4.17 24.18 21.70
N GLY A 195 3.36 23.54 20.85
CA GLY A 195 3.95 22.56 19.93
C GLY A 195 4.46 23.21 18.62
N ASP A 196 4.87 22.39 17.66
CA ASP A 196 5.27 22.87 16.34
C ASP A 196 4.06 23.51 15.61
N CYS A 197 2.85 23.03 15.92
CA CYS A 197 1.62 23.63 15.40
C CYS A 197 0.53 23.19 16.34
N ALA A 198 -0.67 23.74 16.17
CA ALA A 198 -1.79 23.35 17.03
C ALA A 198 -3.06 23.60 16.26
N THR A 199 -4.14 22.98 16.69
CA THR A 199 -5.44 23.23 16.04
C THR A 199 -6.53 23.53 17.10
N PHE A 200 -7.54 24.29 16.68
CA PHE A 200 -8.69 24.57 17.52
C PHE A 200 -9.95 24.29 16.70
N SER A 201 -11.08 24.14 17.39
CA SER A 201 -12.40 23.98 16.79
C SER A 201 -13.25 25.17 17.29
N PHE A 202 -14.16 25.67 16.45
CA PHE A 202 -15.09 26.74 16.81
C PHE A 202 -16.52 26.24 16.58
N PHE A 203 -16.79 25.02 17.00
CA PHE A 203 -18.09 24.43 16.84
C PHE A 203 -19.01 25.21 17.78
N GLY A 204 -20.32 25.04 17.55
CA GLY A 204 -21.36 25.76 18.26
C GLY A 204 -21.28 25.77 19.80
N ASN A 205 -20.67 24.75 20.38
CA ASN A 205 -20.59 24.59 21.84
C ASN A 205 -19.26 25.16 22.40
N ALA A 206 -18.39 25.65 21.52
CA ALA A 206 -17.06 26.09 21.94
C ALA A 206 -17.01 27.46 22.65
N ILE A 207 -15.90 27.67 23.33
CA ILE A 207 -15.56 28.90 24.01
C ILE A 207 -15.67 30.05 23.01
N ILE A 208 -15.08 29.91 21.82
CA ILE A 208 -15.20 30.89 20.73
C ILE A 208 -15.87 30.06 19.61
N THR A 209 -16.98 30.54 19.06
CA THR A 209 -17.62 29.73 18.03
C THR A 209 -17.69 30.46 16.70
N THR A 210 -17.78 29.70 15.61
CA THR A 210 -18.03 30.25 14.28
C THR A 210 -19.19 29.44 13.65
N GLY A 211 -19.89 28.66 14.49
CA GLY A 211 -20.94 27.79 13.97
C GLY A 211 -20.20 26.45 13.73
N GLU A 212 -19.40 26.44 12.67
CA GLU A 212 -18.50 25.31 12.41
C GLU A 212 -17.26 26.07 12.01
N GLY A 213 -16.06 25.67 12.45
CA GLY A 213 -14.87 26.38 12.01
C GLY A 213 -13.68 25.81 12.75
N GLY A 214 -12.48 26.08 12.24
CA GLY A 214 -11.26 25.59 12.88
C GLY A 214 -10.10 26.53 12.53
N MET A 215 -8.96 26.28 13.17
CA MET A 215 -7.80 27.14 12.96
C MET A 215 -6.58 26.28 13.26
N ILE A 216 -5.51 26.64 12.57
CA ILE A 216 -4.23 26.02 12.88
C ILE A 216 -3.33 27.17 13.27
N THR A 217 -2.55 26.99 14.33
CA THR A 217 -1.56 28.00 14.68
C THR A 217 -0.16 27.41 14.60
N THR A 218 0.78 28.29 14.28
CA THR A 218 2.19 27.90 14.20
C THR A 218 3.13 29.12 14.08
N ASN A 219 4.40 28.91 14.45
CA ASN A 219 5.39 29.95 14.30
C ASN A 219 6.23 29.71 13.06
N ASP A 220 6.13 28.49 12.53
CA ASP A 220 6.88 28.03 11.35
C ASP A 220 6.35 28.49 10.00
N ASP A 221 7.13 29.35 9.36
CA ASP A 221 6.77 29.88 8.06
C ASP A 221 6.56 28.79 7.01
N ASP A 222 7.43 27.80 6.94
CA ASP A 222 7.30 26.80 5.88
C ASP A 222 6.01 26.03 6.02
N LEU A 223 5.76 25.66 7.27
CA LEU A 223 4.58 24.91 7.60
C LEU A 223 3.35 25.68 7.20
N ALA A 224 3.34 26.94 7.62
CA ALA A 224 2.19 27.81 7.33
C ALA A 224 1.92 27.96 5.84
N ALA A 225 3.00 28.15 5.08
CA ALA A 225 2.83 28.27 3.65
C ALA A 225 2.23 26.98 3.10
N LYS A 226 2.83 25.86 3.52
CA LYS A 226 2.30 24.57 3.01
C LYS A 226 0.86 24.39 3.42
N MET A 227 0.51 24.81 4.65
CA MET A 227 -0.87 24.66 5.04
C MET A 227 -1.73 25.56 4.19
N ARG A 228 -1.28 26.77 3.92
CA ARG A 228 -2.16 27.60 3.10
C ARG A 228 -2.30 27.07 1.67
N LEU A 229 -1.23 26.51 1.14
CA LEU A 229 -1.34 26.01 -0.21
C LEU A 229 -2.34 24.88 -0.30
N LEU A 230 -2.20 23.94 0.63
CA LEU A 230 -3.09 22.78 0.63
C LEU A 230 -4.52 23.15 0.95
N ARG A 231 -4.70 24.12 1.84
CA ARG A 231 -6.05 24.52 2.25
C ARG A 231 -6.82 25.02 1.03
N GLY A 232 -6.08 25.65 0.11
CA GLY A 232 -6.67 26.31 -1.06
C GLY A 232 -6.68 25.53 -2.36
N GLN A 233 -7.05 24.23 -2.23
CA GLN A 233 -7.17 23.27 -3.35
C GLN A 233 -5.82 23.03 -4.01
N GLY A 234 -4.70 23.29 -3.33
CA GLY A 234 -3.39 23.08 -3.98
C GLY A 234 -3.16 24.05 -5.17
N MET A 235 -3.95 25.13 -5.29
CA MET A 235 -3.79 25.99 -6.45
C MET A 235 -2.59 26.91 -6.33
N ASP A 236 -1.94 27.18 -7.47
CA ASP A 236 -0.80 28.11 -7.58
C ASP A 236 -1.54 29.44 -7.73
N PRO A 237 -1.39 30.29 -6.72
CA PRO A 237 -2.05 31.60 -6.60
C PRO A 237 -1.83 32.58 -7.74
N ASN A 238 -0.90 32.27 -8.62
CA ASN A 238 -0.61 33.16 -9.74
C ASN A 238 -1.01 32.56 -11.10
N ARG A 239 -1.60 31.37 -11.09
CA ARG A 239 -2.02 30.77 -12.39
C ARG A 239 -3.45 30.20 -12.33
N ARG A 240 -4.44 30.91 -12.85
CA ARG A 240 -5.83 30.48 -12.76
C ARG A 240 -5.92 29.00 -13.09
N TYR A 241 -6.50 28.20 -12.21
CA TYR A 241 -6.63 26.77 -12.45
C TYR A 241 -5.35 25.99 -12.73
N TRP A 242 -4.21 26.45 -12.19
CA TRP A 242 -2.96 25.68 -12.29
C TRP A 242 -2.68 25.08 -10.90
N PHE A 243 -2.54 23.76 -10.79
CA PHE A 243 -2.42 23.14 -9.46
C PHE A 243 -1.18 22.26 -9.39
N PRO A 244 -0.19 22.65 -8.60
CA PRO A 244 1.04 21.85 -8.54
C PRO A 244 0.95 20.63 -7.65
N ILE A 245 -0.05 20.58 -6.77
CA ILE A 245 -0.17 19.46 -5.86
C ILE A 245 -1.65 19.22 -5.61
N VAL A 246 -1.94 18.08 -4.98
CA VAL A 246 -3.32 17.70 -4.64
C VAL A 246 -3.61 18.34 -3.30
N GLY A 247 -4.55 19.28 -3.31
CA GLY A 247 -4.99 19.96 -2.08
C GLY A 247 -6.42 19.55 -1.66
N PHE A 248 -7.00 20.44 -0.87
CA PHE A 248 -8.32 20.24 -0.29
C PHE A 248 -9.14 21.51 -0.39
N ASN A 249 -10.44 21.39 -0.14
CA ASN A 249 -11.23 22.62 -0.03
C ASN A 249 -11.56 22.73 1.50
N TYR A 250 -10.62 23.32 2.26
CA TYR A 250 -10.69 23.44 3.72
C TYR A 250 -10.76 24.91 4.18
N ARG A 251 -11.11 25.80 3.26
CA ARG A 251 -11.23 27.24 3.59
C ARG A 251 -12.40 27.61 4.48
N MET A 252 -12.21 28.61 5.33
CA MET A 252 -13.33 29.06 6.15
C MET A 252 -14.06 30.17 5.32
N THR A 253 -15.36 30.36 5.54
CA THR A 253 -16.09 31.41 4.84
C THR A 253 -15.89 32.75 5.56
N ASN A 254 -16.14 33.85 4.85
CA ASN A 254 -16.05 35.22 5.43
C ASN A 254 -17.06 35.33 6.59
N ILE A 255 -18.24 34.69 6.42
CA ILE A 255 -19.29 34.74 7.45
C ILE A 255 -18.81 34.03 8.71
N GLN A 256 -18.18 32.87 8.53
CA GLN A 256 -17.67 32.19 9.68
C GLN A 256 -16.64 33.05 10.43
N ALA A 257 -15.70 33.63 9.66
CA ALA A 257 -14.63 34.44 10.26
C ALA A 257 -15.19 35.70 10.94
N ALA A 258 -16.28 36.23 10.38
CA ALA A 258 -16.93 37.41 10.95
C ALA A 258 -17.44 37.00 12.35
N ILE A 259 -18.09 35.84 12.46
CA ILE A 259 -18.60 35.44 13.75
C ILE A 259 -17.41 35.22 14.70
N GLY A 260 -16.35 34.58 14.23
CA GLY A 260 -15.22 34.30 15.09
C GLY A 260 -14.47 35.56 15.52
N LEU A 261 -14.37 36.54 14.63
CA LEU A 261 -13.68 37.76 15.01
C LEU A 261 -14.46 38.39 16.17
N ALA A 262 -15.77 38.54 15.98
CA ALA A 262 -16.64 39.08 17.04
C ALA A 262 -16.53 38.34 18.40
N GLN A 263 -16.40 37.02 18.35
CA GLN A 263 -16.36 36.22 19.58
C GLN A 263 -15.02 36.39 20.23
N LEU A 264 -14.01 36.41 19.39
CA LEU A 264 -12.67 36.56 19.92
C LEU A 264 -12.60 37.95 20.62
N GLU A 265 -13.34 38.92 20.08
CA GLU A 265 -13.31 40.24 20.65
C GLU A 265 -13.73 40.22 22.10
N ARG A 266 -14.60 39.30 22.47
CA ARG A 266 -15.11 39.26 23.83
C ARG A 266 -14.59 37.98 24.53
N VAL A 267 -13.42 37.51 24.09
CA VAL A 267 -12.95 36.29 24.71
C VAL A 267 -12.80 36.29 26.23
N ASP A 268 -12.15 37.31 26.75
CA ASP A 268 -11.98 37.45 28.20
C ASP A 268 -13.30 37.52 28.91
N GLU A 269 -14.26 38.18 28.28
CA GLU A 269 -15.57 38.29 28.87
C GLU A 269 -16.20 36.91 28.94
N HIS A 270 -16.13 36.15 27.86
CA HIS A 270 -16.74 34.82 27.91
C HIS A 270 -15.97 33.92 28.89
N LEU A 271 -14.65 33.99 28.91
CA LEU A 271 -13.91 33.13 29.84
C LEU A 271 -14.29 33.41 31.28
N ALA A 272 -14.44 34.69 31.59
CA ALA A 272 -14.81 35.09 32.94
C ALA A 272 -16.15 34.49 33.35
N ALA A 273 -17.08 34.50 32.40
CA ALA A 273 -18.40 33.98 32.73
C ALA A 273 -18.25 32.50 33.04
N ARG A 274 -17.39 31.81 32.32
CA ARG A 274 -17.26 30.40 32.61
C ARG A 274 -16.64 30.30 33.99
N GLU A 275 -15.66 31.12 34.26
CA GLU A 275 -15.09 31.00 35.57
C GLU A 275 -16.14 31.10 36.68
N ARG A 276 -17.17 31.91 36.47
CA ARG A 276 -18.19 32.12 37.49
C ARG A 276 -18.96 30.86 37.69
N VAL A 277 -19.41 30.32 36.56
CA VAL A 277 -20.17 29.08 36.64
C VAL A 277 -19.30 28.10 37.41
N VAL A 278 -18.01 28.14 37.11
CA VAL A 278 -17.13 27.19 37.76
C VAL A 278 -17.05 27.30 39.27
N GLY A 279 -16.86 28.53 39.73
CA GLY A 279 -16.78 28.84 41.15
C GLY A 279 -18.07 28.35 41.78
N TRP A 280 -19.17 28.52 41.06
CA TRP A 280 -20.45 28.01 41.55
C TRP A 280 -20.36 26.51 41.80
N TYR A 281 -20.13 25.72 40.75
CA TYR A 281 -20.06 24.26 40.89
C TYR A 281 -19.15 23.97 42.06
N GLU A 282 -17.96 24.51 41.95
CA GLU A 282 -16.98 24.23 42.96
C GLU A 282 -17.62 24.32 44.35
N GLN A 283 -18.19 25.49 44.63
CA GLN A 283 -18.78 25.76 45.93
C GLN A 283 -20.04 25.03 46.33
N LYS A 284 -20.54 24.13 45.49
CA LYS A 284 -21.77 23.44 45.83
C LYS A 284 -21.61 21.95 45.64
N LEU A 285 -20.53 21.62 44.95
CA LEU A 285 -20.22 20.25 44.64
C LEU A 285 -20.22 19.57 45.99
N ALA A 286 -19.59 20.23 46.95
CA ALA A 286 -19.47 19.79 48.33
C ALA A 286 -20.75 19.14 48.90
N ARG A 287 -21.90 19.79 48.76
CA ARG A 287 -23.07 19.13 49.25
C ARG A 287 -22.88 17.67 48.85
N LEU A 288 -22.54 17.43 47.59
CA LEU A 288 -22.31 16.08 47.03
C LEU A 288 -21.26 15.15 47.66
N GLY A 289 -20.32 15.72 48.41
CA GLY A 289 -19.28 14.95 49.10
C GLY A 289 -18.42 14.01 48.25
N ASN A 290 -18.70 12.71 48.30
CA ASN A 290 -17.92 11.76 47.52
C ASN A 290 -18.59 10.87 46.47
N ARG A 291 -19.88 11.11 46.25
CA ARG A 291 -20.58 10.39 45.20
C ARG A 291 -20.10 10.94 43.84
N VAL A 292 -19.12 11.84 43.84
CA VAL A 292 -18.56 12.42 42.63
C VAL A 292 -17.21 12.95 43.03
N THR A 293 -16.39 13.15 42.01
CA THR A 293 -15.02 13.65 42.16
C THR A 293 -14.83 14.88 41.28
N LYS A 294 -14.56 16.01 41.92
CA LYS A 294 -14.39 17.30 41.26
C LYS A 294 -13.13 17.35 40.40
N PRO A 295 -13.24 18.16 39.37
CA PRO A 295 -12.15 18.26 38.43
C PRO A 295 -10.84 18.77 38.98
N HIS A 296 -9.79 18.00 38.77
CA HIS A 296 -8.47 18.40 39.22
C HIS A 296 -7.97 19.51 38.34
N VAL A 297 -7.45 20.56 38.96
CA VAL A 297 -6.92 21.65 38.18
C VAL A 297 -5.46 21.73 38.42
N ALA A 298 -4.68 21.48 37.38
CA ALA A 298 -3.23 21.58 37.47
C ALA A 298 -2.80 23.02 37.58
N LEU A 299 -1.77 23.22 38.38
CA LEU A 299 -1.35 24.58 38.57
C LEU A 299 -0.26 24.99 37.61
N THR A 300 -0.41 24.63 36.34
CA THR A 300 0.62 25.06 35.41
C THR A 300 0.18 26.27 34.60
N GLY A 301 -1.07 26.67 34.75
CA GLY A 301 -1.55 27.84 34.01
C GLY A 301 -3.07 27.80 34.10
N ARG A 302 -3.71 28.60 33.28
CA ARG A 302 -5.14 28.71 33.31
C ARG A 302 -5.86 27.58 32.67
N HIS A 303 -6.86 27.07 33.38
CA HIS A 303 -7.73 25.98 32.91
C HIS A 303 -9.00 26.71 32.56
N VAL A 304 -9.36 26.71 31.28
CA VAL A 304 -10.55 27.44 30.86
C VAL A 304 -11.84 26.70 31.06
N PHE A 305 -11.80 25.43 31.46
CA PHE A 305 -13.10 24.82 31.69
C PHE A 305 -14.12 24.89 30.57
N TRP A 306 -13.72 24.43 29.38
CA TRP A 306 -14.72 24.37 28.33
C TRP A 306 -15.89 23.56 28.91
N MET A 307 -15.56 22.56 29.74
CA MET A 307 -16.59 21.79 30.41
C MET A 307 -16.13 21.53 31.86
N TYR A 308 -17.06 21.39 32.81
CA TYR A 308 -16.82 21.04 34.23
C TYR A 308 -17.17 19.54 34.24
N THR A 309 -16.14 18.72 34.45
CA THR A 309 -16.26 17.27 34.34
C THR A 309 -15.93 16.62 35.68
N VAL A 310 -16.84 15.77 36.14
CA VAL A 310 -16.59 15.04 37.40
C VAL A 310 -16.50 13.57 37.03
N ARG A 311 -15.89 12.78 37.92
CA ARG A 311 -15.86 11.33 37.70
C ARG A 311 -16.81 10.84 38.78
N LEU A 312 -17.90 10.19 38.39
CA LEU A 312 -18.87 9.70 39.36
C LEU A 312 -18.26 8.69 40.33
N GLY A 313 -18.72 8.71 41.59
CA GLY A 313 -18.26 7.84 42.68
C GLY A 313 -18.37 6.33 42.45
N GLU A 314 -17.29 5.64 42.80
CA GLU A 314 -17.20 4.20 42.58
C GLU A 314 -18.37 3.40 43.11
N GLY A 315 -18.63 3.60 44.40
CA GLY A 315 -19.69 2.90 45.11
C GLY A 315 -21.04 3.00 44.41
N LEU A 316 -21.41 4.20 43.98
CA LEU A 316 -22.71 4.35 43.33
C LEU A 316 -23.33 3.08 42.71
N SER A 317 -24.61 2.88 43.01
CA SER A 317 -25.37 1.75 42.50
C SER A 317 -25.85 1.98 41.07
N THR A 318 -26.02 3.25 40.69
CA THR A 318 -26.48 3.58 39.34
C THR A 318 -25.29 3.61 38.39
N THR A 319 -25.59 3.85 37.11
CA THR A 319 -24.52 3.91 36.13
C THR A 319 -24.40 5.30 35.52
N ARG A 320 -23.20 5.60 35.02
CA ARG A 320 -22.92 6.90 34.42
C ARG A 320 -23.98 7.17 33.35
N ASP A 321 -24.26 6.18 32.52
CA ASP A 321 -25.28 6.57 31.56
C ASP A 321 -26.67 6.73 32.17
N GLN A 322 -26.94 6.12 33.33
CA GLN A 322 -28.25 6.23 33.93
C GLN A 322 -28.37 7.64 34.45
N VAL A 323 -27.29 8.13 35.05
CA VAL A 323 -27.24 9.51 35.54
C VAL A 323 -27.56 10.52 34.43
N ILE A 324 -27.05 10.25 33.23
CA ILE A 324 -27.30 11.15 32.09
C ILE A 324 -28.78 11.07 31.79
N LYS A 325 -29.22 9.84 31.63
CA LYS A 325 -30.61 9.50 31.34
C LYS A 325 -31.60 10.23 32.26
N ASP A 326 -31.31 10.08 33.55
CA ASP A 326 -32.14 10.61 34.61
C ASP A 326 -32.00 12.11 34.50
N LEU A 327 -30.76 12.57 34.63
CA LEU A 327 -30.46 13.98 34.48
C LEU A 327 -31.31 14.55 33.35
N ASP A 328 -31.42 13.82 32.27
CA ASP A 328 -32.21 14.33 31.17
C ASP A 328 -33.69 14.43 31.44
N ALA A 329 -34.29 13.32 31.88
CA ALA A 329 -35.72 13.28 32.12
C ALA A 329 -36.07 14.54 32.88
N LEU A 330 -35.18 14.91 33.79
CA LEU A 330 -35.34 16.14 34.59
C LEU A 330 -35.01 17.38 33.75
N GLY A 331 -34.90 17.23 32.43
CA GLY A 331 -34.59 18.38 31.58
C GLY A 331 -33.23 18.98 31.90
N ILE A 332 -32.23 18.13 32.11
CA ILE A 332 -30.85 18.56 32.34
C ILE A 332 -29.91 17.76 31.38
N GLU A 333 -29.36 18.44 30.36
CA GLU A 333 -28.43 17.89 29.34
C GLU A 333 -26.99 17.74 29.88
N SER A 334 -26.38 16.61 29.60
CA SER A 334 -25.01 16.36 30.03
C SER A 334 -24.34 15.39 29.04
N ARG A 335 -23.04 15.21 29.12
CA ARG A 335 -22.44 14.32 28.12
C ARG A 335 -21.51 13.37 28.84
N PRO A 336 -21.29 12.19 28.26
CA PRO A 336 -20.39 11.25 28.91
C PRO A 336 -18.94 11.66 28.57
N VAL A 337 -17.98 11.40 29.46
CA VAL A 337 -16.61 11.64 29.06
C VAL A 337 -16.42 10.64 27.91
N PHE A 338 -15.58 10.94 26.94
CA PHE A 338 -15.38 10.08 25.76
C PHE A 338 -15.18 8.55 25.94
N HIS A 339 -15.72 7.74 25.03
CA HIS A 339 -15.41 6.31 25.10
C HIS A 339 -14.01 6.33 24.42
N PRO A 340 -12.99 5.76 25.03
CA PRO A 340 -11.67 5.76 24.40
C PRO A 340 -11.70 5.00 23.03
N MET A 341 -10.79 5.45 22.18
CA MET A 341 -10.70 4.88 20.82
C MET A 341 -10.66 3.35 20.76
N HIS A 342 -9.83 2.77 21.60
CA HIS A 342 -9.55 1.34 21.55
C HIS A 342 -10.71 0.44 21.93
N ILE A 343 -11.79 1.04 22.41
CA ILE A 343 -12.92 0.19 22.74
C ILE A 343 -13.95 0.29 21.65
N MET A 344 -13.74 1.17 20.69
CA MET A 344 -14.73 1.29 19.64
C MET A 344 -14.26 0.59 18.39
N PRO A 345 -15.23 0.27 17.54
CA PRO A 345 -14.91 -0.49 16.34
C PRO A 345 -13.77 0.01 15.47
N PRO A 346 -13.71 1.30 15.16
CA PRO A 346 -12.66 1.70 14.25
C PRO A 346 -11.26 1.52 14.81
N TYR A 347 -11.10 1.48 16.13
CA TYR A 347 -9.78 1.47 16.68
C TYR A 347 -9.58 0.36 17.68
N ALA A 348 -10.51 -0.57 17.73
CA ALA A 348 -10.32 -1.68 18.63
C ALA A 348 -9.03 -2.47 18.29
N HIS A 349 -8.58 -2.45 17.05
CA HIS A 349 -7.37 -3.17 16.74
C HIS A 349 -6.11 -2.49 17.26
N LEU A 350 -6.28 -1.35 17.86
CA LEU A 350 -5.11 -0.65 18.36
C LEU A 350 -5.07 -0.82 19.88
N ALA A 351 -5.98 -1.59 20.45
CA ALA A 351 -5.97 -1.75 21.91
C ALA A 351 -4.68 -2.30 22.50
N THR A 352 -4.25 -1.82 23.66
CA THR A 352 -3.13 -2.41 24.36
C THR A 352 -3.62 -2.62 25.79
N ASP A 353 -2.79 -3.31 26.56
CA ASP A 353 -3.16 -3.59 27.94
C ASP A 353 -2.81 -2.39 28.83
N ASP A 354 -2.35 -1.29 28.27
CA ASP A 354 -1.98 -0.24 29.17
C ASP A 354 -2.76 1.04 28.91
N LEU A 355 -4.08 0.90 28.77
CA LEU A 355 -4.94 2.07 28.51
C LEU A 355 -6.02 2.02 29.55
N LYS A 356 -5.64 1.54 30.73
CA LYS A 356 -6.60 1.38 31.83
C LYS A 356 -7.27 2.63 32.41
N ILE A 357 -6.50 3.71 32.51
CA ILE A 357 -7.04 4.96 33.05
C ILE A 357 -8.06 5.50 32.08
N ALA A 358 -7.74 5.44 30.79
CA ALA A 358 -8.70 5.92 29.77
C ALA A 358 -10.05 5.24 29.95
N GLU A 359 -9.97 3.92 30.05
CA GLU A 359 -11.19 3.17 30.18
C GLU A 359 -11.89 3.56 31.46
N ALA A 360 -11.14 3.78 32.52
CA ALA A 360 -11.80 4.07 33.78
C ALA A 360 -12.54 5.39 33.64
N CYS A 361 -11.88 6.35 33.03
CA CYS A 361 -12.52 7.64 32.84
C CYS A 361 -13.74 7.56 31.90
N GLY A 362 -13.59 6.84 30.80
CA GLY A 362 -14.71 6.72 29.89
C GLY A 362 -15.90 6.12 30.65
N VAL A 363 -15.59 5.29 31.65
CA VAL A 363 -16.68 4.64 32.38
C VAL A 363 -17.44 5.60 33.29
N ASP A 364 -16.68 6.32 34.11
CA ASP A 364 -17.24 7.22 35.13
C ASP A 364 -17.28 8.73 34.90
N GLY A 365 -16.67 9.21 33.81
CA GLY A 365 -16.66 10.64 33.53
C GLY A 365 -18.00 11.24 33.06
N LEU A 366 -18.21 12.46 33.54
CA LEU A 366 -19.42 13.24 33.27
C LEU A 366 -19.22 14.77 33.09
N ASN A 367 -19.61 15.30 31.93
CA ASN A 367 -19.49 16.75 31.76
C ASN A 367 -20.84 17.33 32.18
N LEU A 368 -20.81 18.28 33.11
CA LEU A 368 -22.01 18.97 33.59
C LEU A 368 -22.13 20.20 32.69
N PRO A 369 -23.34 20.71 32.52
CA PRO A 369 -23.54 21.90 31.69
C PRO A 369 -22.54 22.97 32.11
N THR A 370 -21.82 23.45 31.12
CA THR A 370 -20.80 24.44 31.42
C THR A 370 -20.82 25.42 30.27
N HIS A 371 -21.39 26.59 30.57
CA HIS A 371 -21.51 27.67 29.60
C HIS A 371 -21.80 29.05 30.19
N ALA A 372 -21.57 30.09 29.41
CA ALA A 372 -21.73 31.42 29.93
C ALA A 372 -23.18 31.89 30.23
N GLY A 373 -24.18 31.24 29.65
CA GLY A 373 -25.57 31.63 29.93
C GLY A 373 -26.20 30.91 31.16
N LEU A 374 -25.40 30.21 31.96
CA LEU A 374 -25.93 29.51 33.13
C LEU A 374 -25.92 30.39 34.36
N THR A 375 -26.96 30.24 35.15
CA THR A 375 -27.17 30.98 36.39
C THR A 375 -26.76 30.18 37.62
N GLU A 376 -26.46 30.89 38.70
CA GLU A 376 -26.12 30.21 39.96
C GLU A 376 -27.33 29.38 40.40
N ALA A 377 -28.49 29.80 39.93
CA ALA A 377 -29.74 29.09 40.16
C ALA A 377 -29.58 27.81 39.36
N ASP A 378 -29.31 28.02 38.08
CA ASP A 378 -29.07 26.96 37.10
C ASP A 378 -28.25 25.88 37.81
N ILE A 379 -27.09 26.29 38.27
CA ILE A 379 -26.19 25.39 38.95
C ILE A 379 -26.92 24.61 40.04
N ASP A 380 -27.41 25.33 41.04
CA ASP A 380 -28.15 24.73 42.14
C ASP A 380 -29.04 23.61 41.64
N ARG A 381 -29.92 23.98 40.71
CA ARG A 381 -30.87 23.04 40.17
C ARG A 381 -30.18 21.88 39.51
N VAL A 382 -28.99 22.16 39.00
CA VAL A 382 -28.26 21.09 38.35
C VAL A 382 -28.06 20.19 39.53
N ILE A 383 -27.56 20.81 40.61
CA ILE A 383 -27.27 20.11 41.86
C ILE A 383 -28.45 19.45 42.56
N ALA A 384 -29.63 20.06 42.48
CA ALA A 384 -30.79 19.44 43.11
C ALA A 384 -30.75 18.01 42.64
N ALA A 385 -30.88 17.91 41.32
CA ALA A 385 -30.88 16.65 40.60
C ALA A 385 -29.65 15.77 40.87
N LEU A 386 -28.45 16.36 40.93
CA LEU A 386 -27.25 15.56 41.19
C LEU A 386 -27.29 14.89 42.56
N ASP A 387 -27.95 15.53 43.52
CA ASP A 387 -28.09 14.96 44.85
C ASP A 387 -29.22 13.95 44.73
N GLN A 388 -30.32 14.40 44.12
CA GLN A 388 -31.49 13.55 43.90
C GLN A 388 -31.23 12.39 42.92
N VAL A 389 -30.00 12.29 42.41
CA VAL A 389 -29.69 11.22 41.47
C VAL A 389 -28.46 10.34 41.70
N LEU A 390 -27.47 10.84 42.43
CA LEU A 390 -26.31 10.00 42.68
C LEU A 390 -26.66 9.00 43.78
N VAL A 391 -26.92 7.76 43.37
CA VAL A 391 -27.29 6.66 44.27
C VAL A 391 -26.23 5.57 44.21
N ARG B 26 -16.26 47.94 -13.47
CA ARG B 26 -15.80 46.55 -13.46
C ARG B 26 -16.87 45.49 -13.65
N ILE B 27 -16.59 44.62 -14.60
CA ILE B 27 -17.50 43.52 -14.91
C ILE B 27 -16.87 42.25 -14.38
N SER B 28 -17.55 41.65 -13.41
CA SER B 28 -17.06 40.43 -12.78
C SER B 28 -17.59 39.24 -13.54
N VAL B 29 -16.75 38.21 -13.64
CA VAL B 29 -17.13 36.97 -14.31
C VAL B 29 -18.36 36.25 -13.71
N ALA B 30 -18.48 36.29 -12.40
CA ALA B 30 -19.65 35.70 -11.77
C ALA B 30 -19.79 36.53 -10.51
N ALA B 31 -21.00 36.47 -9.94
CA ALA B 31 -21.42 37.18 -8.73
C ALA B 31 -22.77 36.66 -8.25
N PRO B 32 -22.90 36.53 -6.95
CA PRO B 32 -24.18 36.05 -6.40
C PRO B 32 -25.28 37.09 -6.60
N ARG B 33 -26.55 36.72 -6.48
CA ARG B 33 -27.65 37.68 -6.54
C ARG B 33 -28.48 37.34 -5.32
N LEU B 34 -28.19 38.11 -4.28
CA LEU B 34 -28.81 37.83 -3.00
C LEU B 34 -29.98 38.77 -3.02
N ASP B 35 -30.98 38.39 -3.77
CA ASP B 35 -32.13 39.27 -3.90
C ASP B 35 -33.39 38.58 -3.41
N GLY B 36 -33.27 37.77 -2.38
CA GLY B 36 -34.39 37.04 -1.80
C GLY B 36 -34.42 37.17 -0.26
N ASN B 37 -34.76 36.04 0.39
CA ASN B 37 -34.81 35.94 1.86
C ASN B 37 -33.44 35.72 2.49
N GLU B 38 -32.36 35.78 1.72
CA GLU B 38 -31.06 35.46 2.32
C GLU B 38 -30.81 36.22 3.62
N ARG B 39 -30.89 37.54 3.54
CA ARG B 39 -30.58 38.43 4.66
C ARG B 39 -31.49 38.11 5.81
N ASP B 40 -32.77 37.98 5.50
CA ASP B 40 -33.64 37.67 6.61
C ASP B 40 -33.44 36.29 7.19
N TYR B 41 -33.24 35.28 6.33
CA TYR B 41 -33.05 33.92 6.86
C TYR B 41 -31.77 33.89 7.73
N VAL B 42 -30.71 34.57 7.27
CA VAL B 42 -29.46 34.64 8.06
C VAL B 42 -29.65 35.33 9.41
N LEU B 43 -30.41 36.41 9.41
CA LEU B 43 -30.70 37.08 10.69
C LEU B 43 -31.49 36.14 11.60
N GLU B 44 -32.35 35.33 11.03
CA GLU B 44 -33.09 34.41 11.88
C GLU B 44 -32.07 33.49 12.54
N CYS B 45 -31.06 33.05 11.77
CA CYS B 45 -30.07 32.12 12.35
C CYS B 45 -29.40 32.77 13.55
N MET B 46 -28.93 33.99 13.28
CA MET B 46 -28.22 34.77 14.31
C MET B 46 -29.14 35.02 15.50
N ASP B 47 -30.35 35.51 15.25
CA ASP B 47 -31.25 35.81 16.36
C ASP B 47 -31.63 34.64 17.25
N THR B 48 -31.84 33.48 16.66
CA THR B 48 -32.22 32.27 17.41
C THR B 48 -31.00 31.59 17.95
N THR B 49 -29.83 32.02 17.45
CA THR B 49 -28.50 31.49 17.78
C THR B 49 -28.15 30.13 17.21
N TRP B 50 -28.97 29.64 16.28
CA TRP B 50 -28.67 28.38 15.58
C TRP B 50 -27.79 28.68 14.36
N ILE B 51 -26.48 28.67 14.63
CA ILE B 51 -25.47 29.01 13.63
C ILE B 51 -24.53 27.87 13.23
N SER B 52 -24.61 26.76 13.94
CA SER B 52 -23.73 25.62 13.64
C SER B 52 -24.48 24.71 12.69
N SER B 53 -23.99 23.48 12.62
CA SER B 53 -24.56 22.49 11.71
C SER B 53 -25.84 21.86 12.29
N VAL B 54 -26.33 22.48 13.34
CA VAL B 54 -27.57 22.10 13.98
C VAL B 54 -28.52 23.27 13.63
N GLY B 55 -29.66 22.96 13.01
CA GLY B 55 -30.63 23.99 12.65
C GLY B 55 -31.68 23.51 11.63
N ARG B 56 -32.81 24.19 11.65
CA ARG B 56 -33.95 23.90 10.79
C ARG B 56 -33.74 24.06 9.28
N PHE B 57 -32.92 25.05 8.93
CA PHE B 57 -32.67 25.33 7.52
C PHE B 57 -32.05 24.17 6.73
N ILE B 58 -31.26 23.39 7.45
CA ILE B 58 -30.55 22.29 6.80
C ILE B 58 -31.51 21.31 6.20
N VAL B 59 -32.38 20.74 7.04
CA VAL B 59 -33.28 19.73 6.49
C VAL B 59 -34.26 20.42 5.56
N GLU B 60 -34.55 21.68 5.80
CA GLU B 60 -35.47 22.30 4.88
C GLU B 60 -34.81 22.51 3.53
N PHE B 61 -33.59 23.03 3.48
CA PHE B 61 -32.91 23.22 2.18
C PHE B 61 -32.78 21.81 1.52
N GLU B 62 -32.42 20.80 2.30
CA GLU B 62 -32.30 19.49 1.68
C GLU B 62 -33.59 19.02 0.97
N LYS B 63 -34.67 19.02 1.75
CA LYS B 63 -35.97 18.58 1.25
C LYS B 63 -36.32 19.40 0.03
N ALA B 64 -36.20 20.73 0.13
CA ALA B 64 -36.57 21.52 -1.02
C ALA B 64 -35.64 21.21 -2.15
N PHE B 65 -34.38 20.92 -1.87
CA PHE B 65 -33.44 20.65 -2.98
C PHE B 65 -33.75 19.32 -3.66
N ALA B 66 -34.06 18.35 -2.80
CA ALA B 66 -34.39 17.02 -3.29
C ALA B 66 -35.66 17.16 -4.16
N ASP B 67 -36.66 17.89 -3.70
CA ASP B 67 -37.86 18.06 -4.53
C ASP B 67 -37.46 18.66 -5.86
N TYR B 68 -36.70 19.74 -5.80
CA TYR B 68 -36.36 20.36 -7.06
C TYR B 68 -35.68 19.48 -8.07
N CYS B 69 -34.87 18.54 -7.59
CA CYS B 69 -34.18 17.69 -8.55
C CYS B 69 -35.09 16.51 -8.92
N GLY B 70 -36.13 16.33 -8.12
CA GLY B 70 -37.02 15.19 -8.28
C GLY B 70 -36.36 13.89 -7.80
N VAL B 71 -35.64 13.96 -6.67
CA VAL B 71 -34.99 12.78 -6.16
C VAL B 71 -35.46 12.56 -4.74
N LYS B 72 -35.21 11.38 -4.17
CA LYS B 72 -35.61 11.09 -2.80
C LYS B 72 -34.78 11.74 -1.71
N HIS B 73 -33.49 11.84 -1.92
CA HIS B 73 -32.69 12.38 -0.84
C HIS B 73 -31.66 13.36 -1.31
N ALA B 74 -31.35 14.31 -0.43
CA ALA B 74 -30.33 15.32 -0.71
C ALA B 74 -29.60 15.45 0.62
N ILE B 75 -28.28 15.38 0.55
CA ILE B 75 -27.43 15.45 1.74
C ILE B 75 -26.52 16.69 1.61
N ALA B 76 -26.75 17.68 2.46
CA ALA B 76 -25.99 18.93 2.41
C ALA B 76 -24.62 18.76 3.03
N CYS B 77 -23.63 19.30 2.33
CA CYS B 77 -22.23 19.22 2.76
C CYS B 77 -21.61 20.60 2.82
N ASN B 78 -20.38 20.62 3.37
CA ASN B 78 -19.64 21.88 3.48
C ASN B 78 -19.13 22.50 2.17
N ASN B 79 -18.96 21.68 1.14
CA ASN B 79 -18.52 22.15 -0.19
C ASN B 79 -18.69 21.06 -1.20
N GLY B 80 -18.49 21.44 -2.45
CA GLY B 80 -18.66 20.51 -3.55
C GLY B 80 -17.60 19.44 -3.56
N THR B 81 -16.40 19.80 -3.14
CA THR B 81 -15.31 18.84 -3.09
C THR B 81 -15.56 17.73 -2.04
N THR B 82 -15.98 18.12 -0.83
CA THR B 82 -16.26 17.14 0.23
C THR B 82 -17.51 16.31 -0.15
N ALA B 83 -18.43 16.93 -0.89
CA ALA B 83 -19.61 16.20 -1.37
C ALA B 83 -19.12 15.04 -2.25
N LEU B 84 -18.22 15.34 -3.16
CA LEU B 84 -17.67 14.28 -4.03
C LEU B 84 -16.97 13.19 -3.21
N HIS B 85 -16.11 13.62 -2.30
CA HIS B 85 -15.38 12.64 -1.49
C HIS B 85 -16.36 11.79 -0.68
N LEU B 86 -17.27 12.44 0.03
CA LEU B 86 -18.26 11.68 0.79
C LEU B 86 -19.10 10.69 -0.06
N ALA B 87 -19.48 11.13 -1.26
CA ALA B 87 -20.25 10.23 -2.13
C ALA B 87 -19.42 9.01 -2.51
N LEU B 88 -18.19 9.24 -2.96
CA LEU B 88 -17.34 8.12 -3.35
C LEU B 88 -17.10 7.14 -2.23
N VAL B 89 -16.75 7.66 -1.06
CA VAL B 89 -16.51 6.77 0.05
C VAL B 89 -17.83 6.01 0.36
N ALA B 90 -18.98 6.68 0.39
CA ALA B 90 -20.22 5.96 0.67
C ALA B 90 -20.46 4.88 -0.39
N MET B 91 -19.99 5.10 -1.63
CA MET B 91 -20.15 4.11 -2.72
C MET B 91 -19.21 2.94 -2.63
N GLY B 92 -18.27 3.05 -1.70
CA GLY B 92 -17.30 2.01 -1.43
C GLY B 92 -16.09 2.11 -2.30
N ILE B 93 -15.85 3.28 -2.89
CA ILE B 93 -14.66 3.41 -3.74
C ILE B 93 -13.41 3.44 -2.83
N GLY B 94 -12.38 2.67 -3.17
CA GLY B 94 -11.21 2.69 -2.29
C GLY B 94 -9.97 2.19 -3.04
N PRO B 95 -8.94 1.86 -2.24
CA PRO B 95 -7.70 1.40 -2.85
C PRO B 95 -7.95 0.26 -3.82
N GLY B 96 -7.30 0.40 -4.96
CA GLY B 96 -7.42 -0.62 -5.99
C GLY B 96 -8.50 -0.29 -7.02
N ASP B 97 -9.45 0.56 -6.67
CA ASP B 97 -10.52 0.79 -7.60
C ASP B 97 -10.09 1.83 -8.60
N GLU B 98 -10.73 1.75 -9.79
CA GLU B 98 -10.59 2.75 -10.86
C GLU B 98 -11.90 3.50 -11.01
N VAL B 99 -11.82 4.84 -11.21
CA VAL B 99 -13.02 5.67 -11.45
C VAL B 99 -12.70 6.47 -12.70
N ILE B 100 -13.57 6.37 -13.72
CA ILE B 100 -13.32 7.11 -14.97
C ILE B 100 -13.76 8.59 -14.81
N VAL B 101 -12.84 9.51 -15.09
CA VAL B 101 -13.11 10.94 -14.90
C VAL B 101 -12.55 11.69 -16.10
N PRO B 102 -13.25 12.74 -16.56
CA PRO B 102 -12.73 13.45 -17.75
C PRO B 102 -11.47 14.20 -17.34
N SER B 103 -10.51 14.27 -18.24
CA SER B 103 -9.32 15.06 -17.88
C SER B 103 -9.67 16.54 -17.86
N LEU B 104 -10.61 16.93 -18.71
CA LEU B 104 -11.02 18.31 -18.72
C LEU B 104 -12.12 18.49 -17.67
N THR B 105 -11.73 18.97 -16.49
CA THR B 105 -12.70 19.24 -15.42
C THR B 105 -12.02 20.04 -14.31
N TYR B 106 -12.77 20.44 -13.28
CA TYR B 106 -12.12 21.15 -12.16
C TYR B 106 -11.44 20.05 -11.31
N ILE B 107 -10.22 20.29 -10.83
CA ILE B 107 -9.43 19.27 -10.15
C ILE B 107 -10.08 18.43 -9.05
N ALA B 108 -11.06 19.00 -8.37
CA ALA B 108 -11.70 18.29 -7.28
C ALA B 108 -12.29 16.99 -7.83
N SER B 109 -12.71 16.95 -9.10
CA SER B 109 -13.29 15.69 -9.62
C SER B 109 -12.27 14.55 -9.47
N ALA B 110 -11.03 14.80 -9.86
CA ALA B 110 -9.99 13.80 -9.76
C ALA B 110 -9.48 13.64 -8.30
N ASN B 111 -9.31 14.77 -7.61
CA ASN B 111 -8.79 14.71 -6.25
C ASN B 111 -9.72 13.88 -5.36
N SER B 112 -11.01 14.01 -5.61
CA SER B 112 -11.91 13.26 -4.76
C SER B 112 -11.66 11.76 -4.87
N VAL B 113 -11.33 11.30 -6.06
CA VAL B 113 -11.01 9.90 -6.27
C VAL B 113 -9.70 9.51 -5.54
N THR B 114 -8.71 10.38 -5.63
CA THR B 114 -7.41 10.18 -4.99
C THR B 114 -7.56 10.09 -3.47
N TYR B 115 -8.41 10.93 -2.88
CA TYR B 115 -8.58 10.96 -1.43
C TYR B 115 -8.99 9.59 -1.00
N CYS B 116 -9.80 8.93 -1.81
CA CYS B 116 -10.24 7.56 -1.50
C CYS B 116 -9.15 6.48 -1.59
N GLY B 117 -8.01 6.76 -2.24
CA GLY B 117 -6.93 5.79 -2.41
C GLY B 117 -7.17 5.13 -3.77
N ALA B 118 -8.19 5.58 -4.49
CA ALA B 118 -8.47 4.98 -5.79
C ALA B 118 -7.69 5.70 -6.92
N THR B 119 -7.75 5.13 -8.12
CA THR B 119 -7.06 5.69 -9.27
C THR B 119 -8.01 6.32 -10.33
N PRO B 120 -7.79 7.59 -10.67
CA PRO B 120 -8.62 8.22 -11.70
C PRO B 120 -8.14 7.66 -13.03
N VAL B 121 -9.09 7.40 -13.92
CA VAL B 121 -8.80 6.91 -15.26
C VAL B 121 -9.37 7.99 -16.17
N LEU B 122 -8.44 8.76 -16.75
CA LEU B 122 -8.86 9.90 -17.54
C LEU B 122 -9.45 9.56 -18.90
N VAL B 123 -10.50 10.32 -19.23
CA VAL B 123 -11.20 10.16 -20.50
C VAL B 123 -11.35 11.49 -21.26
N ASP B 124 -11.28 11.50 -22.60
CA ASP B 124 -11.46 12.71 -23.42
C ASP B 124 -12.88 13.23 -23.45
N ASN B 125 -13.05 14.46 -23.92
CA ASN B 125 -14.39 15.00 -23.93
C ASN B 125 -14.70 15.39 -25.41
N ASP B 126 -15.96 15.82 -25.60
CA ASP B 126 -16.55 16.26 -26.88
C ASP B 126 -16.04 17.65 -27.16
N PRO B 127 -15.63 17.91 -28.41
CA PRO B 127 -15.08 19.22 -28.76
C PRO B 127 -16.07 20.35 -28.78
N ARG B 128 -17.36 20.03 -28.71
CA ARG B 128 -18.33 21.08 -28.68
C ARG B 128 -19.00 21.29 -27.34
N THR B 129 -19.28 20.20 -26.61
CA THR B 129 -20.02 20.42 -25.38
C THR B 129 -19.01 20.43 -24.24
N PHE B 130 -17.76 20.06 -24.50
CA PHE B 130 -16.73 20.05 -23.44
C PHE B 130 -16.90 18.89 -22.46
N ASN B 131 -17.90 18.05 -22.70
CA ASN B 131 -18.26 16.99 -21.79
C ASN B 131 -17.74 15.61 -22.17
N LEU B 132 -17.72 14.70 -21.19
CA LEU B 132 -17.20 13.34 -21.36
C LEU B 132 -17.75 12.69 -22.63
N ASP B 133 -16.84 12.17 -23.46
CA ASP B 133 -17.25 11.62 -24.75
C ASP B 133 -17.52 10.15 -24.51
N ALA B 134 -18.81 9.82 -24.48
CA ALA B 134 -19.24 8.44 -24.21
C ALA B 134 -18.61 7.40 -25.14
N ALA B 135 -18.31 7.77 -26.38
CA ALA B 135 -17.69 6.84 -27.31
C ALA B 135 -16.31 6.43 -26.87
N LYS B 136 -15.76 7.16 -25.91
CA LYS B 136 -14.41 6.78 -25.53
C LYS B 136 -14.37 5.97 -24.23
N LEU B 137 -15.53 5.74 -23.64
CA LEU B 137 -15.49 4.98 -22.37
C LEU B 137 -15.09 3.53 -22.42
N GLU B 138 -15.77 2.79 -23.29
CA GLU B 138 -15.63 1.36 -23.28
C GLU B 138 -14.20 0.91 -23.15
N ALA B 139 -13.38 1.47 -24.01
CA ALA B 139 -11.99 1.07 -24.05
C ALA B 139 -11.22 1.34 -22.77
N LEU B 140 -11.80 2.11 -21.84
CA LEU B 140 -11.04 2.46 -20.64
C LEU B 140 -11.38 1.53 -19.49
N ILE B 141 -12.45 0.79 -19.73
CA ILE B 141 -12.95 -0.14 -18.71
C ILE B 141 -12.02 -1.33 -18.45
N THR B 142 -11.76 -1.67 -17.18
CA THR B 142 -10.90 -2.80 -16.83
C THR B 142 -11.50 -3.51 -15.62
N PRO B 143 -10.85 -4.59 -15.20
CA PRO B 143 -11.38 -5.35 -14.07
C PRO B 143 -11.48 -4.46 -12.86
N ARG B 144 -10.70 -3.40 -12.78
CA ARG B 144 -10.72 -2.54 -11.57
C ARG B 144 -11.72 -1.39 -11.61
N THR B 145 -12.33 -1.15 -12.78
CA THR B 145 -13.29 -0.05 -12.87
C THR B 145 -14.49 -0.25 -11.96
N LYS B 146 -14.84 0.74 -11.15
CA LYS B 146 -16.03 0.67 -10.32
C LYS B 146 -17.03 1.76 -10.64
N ALA B 147 -16.62 2.89 -11.22
CA ALA B 147 -17.59 3.96 -11.48
C ALA B 147 -17.08 4.86 -12.55
N ILE B 148 -18.03 5.57 -13.12
CA ILE B 148 -17.80 6.62 -14.10
C ILE B 148 -18.34 7.94 -13.51
N MET B 149 -17.57 9.00 -13.70
CA MET B 149 -17.94 10.31 -13.22
C MET B 149 -18.14 11.31 -14.37
N PRO B 150 -19.31 11.31 -14.98
CA PRO B 150 -19.59 12.36 -15.98
C PRO B 150 -19.61 13.72 -15.26
N VAL B 151 -19.02 14.76 -15.88
CA VAL B 151 -19.04 16.11 -15.29
C VAL B 151 -19.77 17.05 -16.23
N HIS B 152 -20.84 17.67 -15.73
CA HIS B 152 -21.73 18.52 -16.54
C HIS B 152 -21.13 19.94 -16.53
N LEU B 153 -20.11 20.16 -17.34
CA LEU B 153 -19.41 21.46 -17.34
C LEU B 153 -20.30 22.59 -17.83
N TYR B 154 -20.10 23.74 -17.21
CA TYR B 154 -20.74 24.98 -17.60
C TYR B 154 -22.24 25.04 -17.59
N GLY B 155 -22.83 23.98 -17.04
CA GLY B 155 -24.29 23.95 -16.93
C GLY B 155 -25.01 23.04 -17.95
N GLN B 156 -24.22 22.31 -18.71
CA GLN B 156 -24.81 21.45 -19.68
C GLN B 156 -24.60 20.02 -19.19
N ILE B 157 -25.68 19.25 -19.15
CA ILE B 157 -25.53 17.85 -18.77
C ILE B 157 -24.91 16.98 -19.89
N CYS B 158 -24.10 15.99 -19.52
CA CYS B 158 -23.44 15.04 -20.43
C CYS B 158 -24.49 14.21 -21.18
N ASP B 159 -24.02 13.48 -22.18
CA ASP B 159 -24.99 12.72 -22.97
C ASP B 159 -25.19 11.44 -22.19
N MET B 160 -26.12 11.54 -21.26
CA MET B 160 -26.32 10.50 -20.30
C MET B 160 -26.79 9.16 -20.80
N ASP B 161 -27.54 9.16 -21.88
CA ASP B 161 -28.05 7.88 -22.34
C ASP B 161 -26.95 6.88 -22.64
N PRO B 162 -26.06 7.25 -23.55
CA PRO B 162 -24.98 6.34 -23.94
C PRO B 162 -24.04 6.05 -22.77
N ILE B 163 -23.82 7.04 -21.90
CA ILE B 163 -23.01 6.79 -20.71
C ILE B 163 -23.63 5.73 -19.78
N LEU B 164 -24.93 5.85 -19.48
CA LEU B 164 -25.53 4.87 -18.54
C LEU B 164 -25.60 3.47 -19.16
N GLU B 165 -25.78 3.40 -20.49
CA GLU B 165 -25.86 2.06 -21.01
CA GLU B 165 -25.84 2.13 -21.22
C GLU B 165 -24.51 1.38 -21.05
N VAL B 166 -23.43 2.14 -21.23
CA VAL B 166 -22.14 1.50 -21.14
C VAL B 166 -21.97 1.10 -19.66
N ALA B 167 -22.35 1.97 -18.72
CA ALA B 167 -22.17 1.61 -17.30
C ALA B 167 -22.95 0.36 -16.92
N ARG B 168 -24.21 0.33 -17.34
CA ARG B 168 -25.09 -0.78 -17.03
C ARG B 168 -24.54 -2.09 -17.56
N ARG B 169 -24.01 -2.03 -18.78
CA ARG B 169 -23.38 -3.19 -19.42
C ARG B 169 -22.17 -3.72 -18.65
N HIS B 170 -21.53 -2.89 -17.84
CA HIS B 170 -20.35 -3.29 -17.10
C HIS B 170 -20.55 -3.31 -15.63
N ASN B 171 -21.81 -3.17 -15.27
CA ASN B 171 -22.14 -3.14 -13.89
C ASN B 171 -21.33 -2.08 -13.12
N LEU B 172 -21.20 -0.87 -13.70
CA LEU B 172 -20.45 0.21 -13.03
C LEU B 172 -21.38 1.22 -12.36
N LEU B 173 -20.96 1.92 -11.32
CA LEU B 173 -21.82 2.97 -10.73
C LEU B 173 -21.54 4.28 -11.52
N VAL B 174 -22.49 5.21 -11.50
CA VAL B 174 -22.32 6.52 -12.15
C VAL B 174 -22.61 7.60 -11.13
N ILE B 175 -21.61 8.47 -10.96
CA ILE B 175 -21.74 9.62 -10.07
C ILE B 175 -21.60 10.87 -10.95
N GLU B 176 -22.65 11.67 -11.01
CA GLU B 176 -22.57 12.92 -11.77
C GLU B 176 -21.86 13.99 -10.92
N ASP B 177 -20.87 14.64 -11.53
CA ASP B 177 -20.27 15.82 -10.91
C ASP B 177 -21.11 17.01 -11.53
N ALA B 178 -22.20 17.42 -10.88
CA ALA B 178 -23.11 18.45 -11.40
C ALA B 178 -22.83 19.78 -10.72
N ALA B 179 -21.63 19.89 -10.15
CA ALA B 179 -21.24 21.12 -9.44
C ALA B 179 -21.76 22.36 -10.16
N GLU B 180 -21.57 22.40 -11.47
CA GLU B 180 -21.90 23.62 -12.24
C GLU B 180 -23.22 23.56 -12.98
N ALA B 181 -24.10 22.66 -12.55
CA ALA B 181 -25.31 22.43 -13.35
C ALA B 181 -26.66 22.37 -12.68
N VAL B 182 -26.79 23.01 -11.54
CA VAL B 182 -28.09 23.00 -10.92
CA VAL B 182 -28.09 23.04 -10.90
C VAL B 182 -29.20 23.48 -11.88
N GLY B 183 -30.36 22.81 -11.89
CA GLY B 183 -31.43 23.26 -12.78
C GLY B 183 -31.36 22.76 -14.21
N ALA B 184 -30.23 22.23 -14.70
CA ALA B 184 -30.15 21.71 -16.09
C ALA B 184 -31.05 20.47 -16.23
N THR B 185 -31.51 20.12 -17.43
CA THR B 185 -32.34 18.90 -17.52
C THR B 185 -31.91 18.09 -18.75
N TYR B 186 -32.25 16.82 -18.76
CA TYR B 186 -31.84 15.94 -19.87
C TYR B 186 -32.97 14.94 -20.08
N ARG B 187 -33.64 15.05 -21.22
CA ARG B 187 -34.78 14.17 -21.47
C ARG B 187 -35.78 14.05 -20.32
N GLY B 188 -36.12 15.22 -19.78
CA GLY B 188 -37.11 15.40 -18.72
C GLY B 188 -36.68 15.22 -17.26
N LYS B 189 -35.40 14.91 -17.03
CA LYS B 189 -34.88 14.65 -15.68
C LYS B 189 -33.90 15.77 -15.35
N LYS B 190 -33.93 16.24 -14.10
CA LYS B 190 -33.01 17.28 -13.66
C LYS B 190 -31.63 16.66 -13.42
N SER B 191 -30.58 17.48 -13.60
CA SER B 191 -29.22 17.04 -13.24
C SER B 191 -29.42 16.60 -11.78
N GLY B 192 -28.70 15.54 -11.41
CA GLY B 192 -28.77 15.09 -10.05
C GLY B 192 -29.60 13.83 -9.89
N SER B 193 -30.44 13.54 -10.89
CA SER B 193 -31.32 12.39 -10.77
C SER B 193 -30.96 11.31 -11.76
N LEU B 194 -29.87 11.50 -12.49
CA LEU B 194 -29.48 10.53 -13.51
C LEU B 194 -28.54 9.39 -13.11
N GLY B 195 -27.45 9.69 -12.39
CA GLY B 195 -26.49 8.65 -11.97
C GLY B 195 -26.94 8.00 -10.66
N ASP B 196 -26.15 7.08 -10.12
CA ASP B 196 -26.51 6.48 -8.84
C ASP B 196 -26.60 7.57 -7.76
N CYS B 197 -25.79 8.61 -7.92
CA CYS B 197 -25.85 9.74 -7.00
C CYS B 197 -25.19 10.89 -7.77
N ALA B 198 -25.27 12.08 -7.20
CA ALA B 198 -24.68 13.22 -7.91
C ALA B 198 -24.22 14.24 -6.86
N THR B 199 -23.36 15.18 -7.27
CA THR B 199 -22.99 16.21 -6.30
C THR B 199 -23.11 17.59 -6.95
N PHE B 200 -23.32 18.62 -6.12
CA PHE B 200 -23.39 20.00 -6.59
C PHE B 200 -22.49 20.86 -5.67
N SER B 201 -22.11 22.03 -6.18
CA SER B 201 -21.32 23.03 -5.42
C SER B 201 -22.17 24.32 -5.32
N PHE B 202 -22.02 25.06 -4.23
CA PHE B 202 -22.79 26.30 -4.02
C PHE B 202 -21.77 27.36 -3.66
N PHE B 203 -20.63 27.28 -4.34
CA PHE B 203 -19.59 28.30 -4.15
C PHE B 203 -20.14 29.66 -4.58
N GLY B 204 -19.42 30.71 -4.20
CA GLY B 204 -19.84 32.10 -4.45
C GLY B 204 -20.25 32.49 -5.88
N ASN B 205 -19.65 31.88 -6.92
CA ASN B 205 -19.96 32.20 -8.33
C ASN B 205 -21.07 31.29 -8.87
N ALA B 206 -21.63 30.38 -8.09
CA ALA B 206 -22.59 29.35 -8.58
C ALA B 206 -24.01 29.86 -8.86
N ILE B 207 -24.81 29.08 -9.58
CA ILE B 207 -26.15 29.49 -9.92
C ILE B 207 -26.95 29.70 -8.65
N ILE B 208 -26.74 28.77 -7.73
CA ILE B 208 -27.31 28.84 -6.38
C ILE B 208 -26.06 28.81 -5.47
N THR B 209 -25.91 29.85 -4.64
CA THR B 209 -24.76 29.89 -3.74
C THR B 209 -25.12 29.77 -2.25
N THR B 210 -24.17 29.28 -1.46
CA THR B 210 -24.31 29.27 -0.01
C THR B 210 -23.00 29.88 0.57
N GLY B 211 -22.22 30.56 -0.29
CA GLY B 211 -20.91 31.12 0.03
C GLY B 211 -19.90 29.97 -0.32
N GLU B 212 -19.95 28.91 0.49
CA GLU B 212 -19.26 27.62 0.30
C GLU B 212 -20.32 26.58 0.67
N GLY B 213 -20.44 25.50 -0.10
CA GLY B 213 -21.43 24.51 0.32
C GLY B 213 -21.56 23.48 -0.78
N GLY B 214 -22.13 22.32 -0.49
CA GLY B 214 -22.23 21.35 -1.59
C GLY B 214 -23.42 20.49 -1.22
N MET B 215 -23.83 19.60 -2.14
CA MET B 215 -24.99 18.76 -1.84
C MET B 215 -24.79 17.42 -2.59
N ILE B 216 -25.25 16.30 -2.02
CA ILE B 216 -25.21 15.05 -2.78
C ILE B 216 -26.69 14.71 -2.97
N THR B 217 -27.04 14.24 -4.15
CA THR B 217 -28.39 13.80 -4.38
C THR B 217 -28.34 12.32 -4.79
N THR B 218 -29.40 11.59 -4.39
CA THR B 218 -29.55 10.18 -4.74
C THR B 218 -30.99 9.68 -4.50
N ASN B 219 -31.39 8.56 -5.13
CA ASN B 219 -32.69 7.96 -4.85
C ASN B 219 -32.46 6.71 -4.06
N ASP B 220 -31.20 6.37 -3.79
CA ASP B 220 -30.83 5.15 -3.06
C ASP B 220 -30.84 5.32 -1.55
N ASP B 221 -31.82 4.69 -0.93
CA ASP B 221 -31.96 4.84 0.50
C ASP B 221 -30.70 4.46 1.21
N ASP B 222 -30.22 3.28 0.87
CA ASP B 222 -29.05 2.78 1.55
C ASP B 222 -27.84 3.71 1.44
N LEU B 223 -27.62 4.16 0.22
CA LEU B 223 -26.49 5.04 -0.01
C LEU B 223 -26.68 6.31 0.82
N ALA B 224 -27.89 6.85 0.78
CA ALA B 224 -28.14 8.08 1.55
C ALA B 224 -27.81 7.90 3.04
N ALA B 225 -28.18 6.76 3.59
CA ALA B 225 -27.93 6.59 5.03
C ALA B 225 -26.44 6.58 5.27
N LYS B 226 -25.74 5.84 4.41
CA LYS B 226 -24.30 5.73 4.57
C LYS B 226 -23.70 7.15 4.51
N MET B 227 -24.14 7.96 3.56
CA MET B 227 -23.55 9.31 3.45
C MET B 227 -23.76 10.15 4.71
N ARG B 228 -24.96 10.03 5.26
CA ARG B 228 -25.32 10.83 6.42
C ARG B 228 -24.49 10.37 7.55
N LEU B 229 -24.34 9.06 7.66
CA LEU B 229 -23.58 8.54 8.79
C LEU B 229 -22.13 9.06 8.69
N LEU B 230 -21.55 8.97 7.51
CA LEU B 230 -20.19 9.43 7.33
C LEU B 230 -20.08 10.94 7.47
N ARG B 231 -21.05 11.67 6.92
CA ARG B 231 -20.99 13.14 7.02
C ARG B 231 -20.88 13.68 8.47
N GLY B 232 -21.62 12.98 9.34
CA GLY B 232 -21.72 13.31 10.77
C GLY B 232 -20.68 12.51 11.61
N GLN B 233 -19.41 12.51 11.18
CA GLN B 233 -18.30 11.88 11.92
C GLN B 233 -18.42 10.37 12.17
N GLY B 234 -19.30 9.69 11.44
CA GLY B 234 -19.50 8.24 11.60
C GLY B 234 -20.11 7.95 12.97
N MET B 235 -20.76 8.94 13.58
CA MET B 235 -21.36 8.72 14.91
C MET B 235 -22.67 8.00 14.87
N ASP B 236 -22.81 7.08 15.84
CA ASP B 236 -24.05 6.35 16.00
C ASP B 236 -24.99 7.45 16.50
N PRO B 237 -26.08 7.59 15.78
CA PRO B 237 -27.13 8.59 16.02
C PRO B 237 -27.78 8.37 17.36
N ASN B 238 -27.78 7.11 17.77
CA ASN B 238 -28.35 6.66 19.03
C ASN B 238 -27.41 6.52 20.21
N ARG B 239 -26.10 6.65 19.97
CA ARG B 239 -25.08 6.53 21.02
C ARG B 239 -24.07 7.65 20.99
N ARG B 240 -24.19 8.57 21.95
CA ARG B 240 -23.31 9.74 22.08
C ARG B 240 -21.90 9.21 22.16
N TYR B 241 -21.08 9.77 21.27
CA TYR B 241 -19.67 9.44 21.27
C TYR B 241 -19.41 7.95 20.98
N TRP B 242 -20.37 7.26 20.34
CA TRP B 242 -20.09 5.89 20.01
C TRP B 242 -19.97 5.89 18.48
N PHE B 243 -18.80 5.50 17.99
CA PHE B 243 -18.47 5.54 16.57
C PHE B 243 -18.14 4.21 15.91
N PRO B 244 -19.11 3.69 15.16
CA PRO B 244 -18.90 2.40 14.52
C PRO B 244 -17.90 2.40 13.35
N ILE B 245 -17.69 3.55 12.71
CA ILE B 245 -16.82 3.64 11.56
C ILE B 245 -16.06 4.97 11.57
N VAL B 246 -15.08 5.10 10.68
CA VAL B 246 -14.33 6.36 10.56
C VAL B 246 -15.17 7.26 9.65
N GLY B 247 -15.50 8.47 10.11
CA GLY B 247 -16.29 9.37 9.27
C GLY B 247 -15.52 10.68 9.18
N PHE B 248 -16.31 11.68 8.78
CA PHE B 248 -15.81 13.01 8.48
C PHE B 248 -16.66 14.10 9.18
N ASN B 249 -16.12 15.31 9.17
CA ASN B 249 -16.91 16.49 9.53
C ASN B 249 -17.16 17.30 8.21
N TYR B 250 -18.21 16.91 7.50
CA TYR B 250 -18.51 17.52 6.22
C TYR B 250 -19.93 18.13 6.26
N ARG B 251 -20.41 18.49 7.45
CA ARG B 251 -21.75 19.05 7.57
CA ARG B 251 -21.73 19.08 7.61
C ARG B 251 -21.79 20.52 7.14
N MET B 252 -22.95 20.92 6.63
CA MET B 252 -23.11 22.33 6.23
C MET B 252 -23.70 23.04 7.49
N THR B 253 -23.50 24.34 7.60
CA THR B 253 -24.09 25.09 8.72
C THR B 253 -25.50 25.59 8.40
N ASN B 254 -26.22 25.97 9.46
CA ASN B 254 -27.57 26.48 9.31
C ASN B 254 -27.63 27.74 8.48
N ILE B 255 -26.56 28.54 8.64
CA ILE B 255 -26.40 29.81 7.94
C ILE B 255 -26.21 29.57 6.45
N GLN B 256 -25.35 28.62 6.09
CA GLN B 256 -25.16 28.28 4.68
CA GLN B 256 -25.18 28.33 4.67
C GLN B 256 -26.47 27.78 4.06
N ALA B 257 -27.15 26.91 4.82
CA ALA B 257 -28.41 26.29 4.41
C ALA B 257 -29.51 27.35 4.26
N ALA B 258 -29.50 28.33 5.16
CA ALA B 258 -30.49 29.42 5.11
C ALA B 258 -30.32 30.22 3.81
N ILE B 259 -29.06 30.50 3.45
CA ILE B 259 -28.78 31.26 2.23
C ILE B 259 -29.15 30.35 1.05
N GLY B 260 -28.83 29.07 1.16
CA GLY B 260 -29.15 28.20 0.06
C GLY B 260 -30.67 28.13 -0.11
N LEU B 261 -31.42 28.00 0.98
CA LEU B 261 -32.87 27.91 0.86
C LEU B 261 -33.47 29.13 0.15
N ALA B 262 -33.04 30.30 0.60
CA ALA B 262 -33.51 31.55 0.03
C ALA B 262 -33.10 31.60 -1.45
N GLN B 263 -31.95 31.04 -1.82
CA GLN B 263 -31.54 31.07 -3.26
C GLN B 263 -32.37 30.16 -4.16
N LEU B 264 -32.55 28.93 -3.71
CA LEU B 264 -33.35 27.98 -4.48
C LEU B 264 -34.77 28.54 -4.59
N GLU B 265 -35.19 29.34 -3.61
CA GLU B 265 -36.54 29.91 -3.56
C GLU B 265 -36.73 30.69 -4.82
N ARG B 266 -35.65 31.24 -5.37
CA ARG B 266 -35.81 32.03 -6.59
C ARG B 266 -34.95 31.46 -7.67
N VAL B 267 -34.78 30.14 -7.64
CA VAL B 267 -33.96 29.55 -8.69
C VAL B 267 -34.45 29.85 -10.15
N ASP B 268 -35.77 29.81 -10.33
CA ASP B 268 -36.28 30.07 -11.67
C ASP B 268 -35.98 31.46 -12.17
N GLU B 269 -36.13 32.39 -11.22
CA GLU B 269 -35.85 33.79 -11.45
C GLU B 269 -34.41 33.90 -11.78
N HIS B 270 -33.55 33.34 -10.93
CA HIS B 270 -32.12 33.41 -11.25
C HIS B 270 -31.76 32.76 -12.60
N LEU B 271 -32.43 31.65 -12.92
CA LEU B 271 -32.16 30.94 -14.18
C LEU B 271 -32.62 31.85 -15.32
N ALA B 272 -33.76 32.47 -15.09
CA ALA B 272 -34.29 33.34 -16.14
C ALA B 272 -33.30 34.46 -16.47
N ALA B 273 -32.78 35.08 -15.42
CA ALA B 273 -31.84 36.17 -15.60
C ALA B 273 -30.64 35.73 -16.43
N ARG B 274 -30.17 34.52 -16.15
CA ARG B 274 -29.01 34.04 -16.84
C ARG B 274 -29.37 33.76 -18.30
N GLU B 275 -30.57 33.25 -18.52
CA GLU B 275 -30.97 33.00 -19.90
C GLU B 275 -31.12 34.35 -20.60
N ARG B 276 -31.59 35.37 -19.87
CA ARG B 276 -31.68 36.69 -20.46
C ARG B 276 -30.28 36.99 -21.00
N VAL B 277 -29.26 36.88 -20.15
CA VAL B 277 -27.90 37.16 -20.62
C VAL B 277 -27.39 36.37 -21.83
N VAL B 278 -27.63 35.06 -21.83
CA VAL B 278 -27.14 34.22 -22.92
C VAL B 278 -27.70 34.69 -24.27
N GLY B 279 -28.95 35.12 -24.19
CA GLY B 279 -29.64 35.63 -25.38
C GLY B 279 -28.85 36.80 -25.93
N TRP B 280 -28.54 37.78 -25.09
CA TRP B 280 -27.76 38.89 -25.61
C TRP B 280 -26.53 38.33 -26.28
N TYR B 281 -25.78 37.45 -25.60
CA TYR B 281 -24.57 36.85 -26.18
C TYR B 281 -24.88 36.22 -27.53
N GLU B 282 -25.95 35.43 -27.53
CA GLU B 282 -26.36 34.73 -28.75
C GLU B 282 -26.66 35.85 -29.78
N GLN B 283 -27.42 36.89 -29.40
CA GLN B 283 -27.79 37.97 -30.33
C GLN B 283 -26.67 38.84 -30.86
N LYS B 284 -25.58 38.99 -30.12
CA LYS B 284 -24.56 39.95 -30.52
C LYS B 284 -23.23 39.36 -30.89
N LEU B 285 -23.05 38.09 -30.60
CA LEU B 285 -21.77 37.43 -30.81
C LEU B 285 -21.39 37.35 -32.27
N ALA B 286 -22.46 37.35 -33.06
CA ALA B 286 -22.37 37.29 -34.51
C ALA B 286 -21.35 38.35 -34.88
N ARG B 287 -21.34 39.48 -34.16
CA ARG B 287 -20.41 40.57 -34.46
C ARG B 287 -18.96 40.14 -34.49
N LEU B 288 -18.60 39.03 -33.85
CA LEU B 288 -17.16 38.67 -33.88
C LEU B 288 -16.80 37.71 -34.99
N GLY B 289 -17.83 37.35 -35.77
CA GLY B 289 -17.60 36.43 -36.86
C GLY B 289 -16.99 35.12 -36.40
N ASN B 290 -16.03 34.64 -37.17
CA ASN B 290 -15.37 33.36 -36.95
C ASN B 290 -14.30 33.42 -35.90
N ARG B 291 -14.26 34.52 -35.17
CA ARG B 291 -13.24 34.74 -34.15
C ARG B 291 -13.38 33.91 -32.87
N VAL B 292 -14.60 33.44 -32.63
CA VAL B 292 -14.91 32.61 -31.47
C VAL B 292 -15.89 31.57 -31.99
N THR B 293 -16.02 30.44 -31.29
CA THR B 293 -17.03 29.44 -31.62
C THR B 293 -17.95 29.54 -30.42
N LYS B 294 -19.23 29.74 -30.69
CA LYS B 294 -20.22 29.94 -29.63
C LYS B 294 -20.50 28.59 -29.02
N PRO B 295 -20.89 28.57 -27.75
CA PRO B 295 -21.09 27.29 -27.10
C PRO B 295 -22.17 26.47 -27.77
N HIS B 296 -21.83 25.24 -28.13
CA HIS B 296 -22.85 24.38 -28.70
C HIS B 296 -23.87 23.92 -27.65
N VAL B 297 -25.13 24.02 -27.98
CA VAL B 297 -26.14 23.53 -27.05
C VAL B 297 -26.75 22.21 -27.52
N ALA B 298 -26.57 21.13 -26.79
CA ALA B 298 -27.17 19.89 -27.23
C ALA B 298 -28.64 20.00 -26.99
N LEU B 299 -29.42 19.38 -27.87
CA LEU B 299 -30.88 19.43 -27.76
C LEU B 299 -31.59 18.45 -26.85
N THR B 300 -30.88 18.06 -25.79
CA THR B 300 -31.39 17.08 -24.82
C THR B 300 -32.09 17.58 -23.57
N GLY B 301 -32.16 18.89 -23.40
CA GLY B 301 -32.75 19.39 -22.17
C GLY B 301 -32.11 20.78 -22.00
N ARG B 302 -32.40 21.37 -20.85
CA ARG B 302 -31.97 22.73 -20.58
C ARG B 302 -30.53 22.87 -20.21
N HIS B 303 -29.84 23.75 -20.93
CA HIS B 303 -28.45 24.05 -20.63
C HIS B 303 -28.55 25.31 -19.74
N VAL B 304 -28.14 25.24 -18.48
CA VAL B 304 -28.31 26.40 -17.60
C VAL B 304 -27.25 27.49 -17.66
N PHE B 305 -26.23 27.23 -18.46
CA PHE B 305 -25.21 28.24 -18.67
C PHE B 305 -24.64 28.85 -17.40
N TRP B 306 -24.04 28.02 -16.57
CA TRP B 306 -23.42 28.60 -15.38
C TRP B 306 -22.36 29.58 -15.95
N MET B 307 -21.69 29.23 -17.05
CA MET B 307 -20.79 30.16 -17.72
C MET B 307 -21.09 30.00 -19.19
N TYR B 308 -20.87 31.06 -19.96
CA TYR B 308 -21.08 31.05 -21.42
C TYR B 308 -19.66 30.93 -21.98
N THR B 309 -19.37 29.81 -22.63
CA THR B 309 -17.98 29.51 -23.05
C THR B 309 -17.75 29.43 -24.53
N VAL B 310 -16.80 30.21 -24.98
CA VAL B 310 -16.52 30.20 -26.42
C VAL B 310 -15.15 29.60 -26.61
N ARG B 311 -14.89 29.10 -27.81
CA ARG B 311 -13.57 28.57 -28.19
C ARG B 311 -13.02 29.61 -29.19
N LEU B 312 -11.88 30.21 -28.88
CA LEU B 312 -11.38 31.33 -29.71
C LEU B 312 -10.88 30.64 -30.95
N GLY B 313 -11.11 31.29 -32.09
CA GLY B 313 -10.69 30.72 -33.36
C GLY B 313 -9.19 30.51 -33.34
N GLU B 314 -8.75 29.45 -34.00
CA GLU B 314 -7.34 29.12 -34.05
C GLU B 314 -6.63 30.14 -34.92
N GLY B 315 -7.41 30.89 -35.71
CA GLY B 315 -6.81 31.91 -36.59
C GLY B 315 -6.19 33.15 -35.87
N LEU B 316 -6.77 33.53 -34.74
CA LEU B 316 -6.32 34.70 -34.01
C LEU B 316 -4.79 34.70 -33.82
N SER B 317 -4.19 35.86 -33.66
CA SER B 317 -2.75 35.88 -33.46
C SER B 317 -2.44 35.86 -31.96
N THR B 318 -3.39 36.37 -31.20
CA THR B 318 -3.24 36.45 -29.75
C THR B 318 -3.40 35.04 -29.14
N THR B 319 -3.18 34.93 -27.84
CA THR B 319 -3.36 33.64 -27.17
C THR B 319 -4.51 33.86 -26.21
N ARG B 320 -5.09 32.76 -25.75
CA ARG B 320 -6.25 32.80 -24.87
C ARG B 320 -5.87 33.57 -23.57
N ASP B 321 -4.65 33.33 -23.11
CA ASP B 321 -4.22 33.98 -21.88
C ASP B 321 -4.05 35.50 -22.01
N GLN B 322 -3.56 35.95 -23.16
CA GLN B 322 -3.42 37.38 -23.41
C GLN B 322 -4.80 38.00 -23.50
N VAL B 323 -5.72 37.34 -24.19
CA VAL B 323 -7.05 37.89 -24.28
C VAL B 323 -7.59 38.11 -22.87
N ILE B 324 -7.27 37.16 -21.97
CA ILE B 324 -7.76 37.24 -20.58
C ILE B 324 -7.19 38.49 -19.94
N LYS B 325 -5.89 38.69 -20.20
CA LYS B 325 -5.18 39.88 -19.71
C LYS B 325 -5.77 41.16 -20.28
N ASP B 326 -5.90 41.17 -21.61
CA ASP B 326 -6.48 42.32 -22.31
C ASP B 326 -7.91 42.65 -21.85
N LEU B 327 -8.73 41.65 -21.61
CA LEU B 327 -10.07 41.96 -21.14
C LEU B 327 -10.06 42.54 -19.73
N ASP B 328 -9.11 42.04 -18.96
CA ASP B 328 -9.02 42.48 -17.58
C ASP B 328 -8.60 43.95 -17.55
N ALA B 329 -7.58 44.24 -18.37
CA ALA B 329 -7.12 45.60 -18.55
C ALA B 329 -8.27 46.50 -19.02
N LEU B 330 -9.28 45.96 -19.72
CA LEU B 330 -10.48 46.73 -20.11
C LEU B 330 -11.56 46.65 -19.05
N GLY B 331 -11.20 46.15 -17.87
CA GLY B 331 -12.14 46.09 -16.75
C GLY B 331 -13.17 44.97 -16.84
N ILE B 332 -12.77 43.95 -17.59
CA ILE B 332 -13.58 42.77 -17.81
C ILE B 332 -12.97 41.44 -17.34
N GLU B 333 -13.66 40.79 -16.38
N GLU B 333 -13.64 40.82 -16.36
CA GLU B 333 -13.24 39.50 -15.82
CA GLU B 333 -13.23 39.54 -15.77
C GLU B 333 -13.63 38.37 -16.76
C GLU B 333 -13.68 38.34 -16.61
N SER B 334 -12.77 37.37 -16.79
CA SER B 334 -12.96 36.14 -17.58
C SER B 334 -12.11 35.02 -16.98
N ARG B 335 -12.41 33.78 -17.35
CA ARG B 335 -11.65 32.62 -16.86
C ARG B 335 -11.34 31.70 -18.04
N PRO B 336 -10.18 31.07 -17.91
CA PRO B 336 -9.79 30.07 -18.88
C PRO B 336 -10.58 28.76 -18.68
N VAL B 337 -10.85 28.07 -19.78
CA VAL B 337 -11.42 26.73 -19.66
C VAL B 337 -10.30 25.94 -18.93
N PHE B 338 -10.63 24.99 -18.07
CA PHE B 338 -9.59 24.26 -17.29
C PHE B 338 -8.35 23.77 -18.01
N HIS B 339 -7.21 23.74 -17.33
CA HIS B 339 -6.02 23.05 -17.84
C HIS B 339 -6.37 21.56 -17.54
N PRO B 340 -6.33 20.66 -18.53
CA PRO B 340 -6.68 19.24 -18.34
C PRO B 340 -5.84 18.64 -17.19
N MET B 341 -6.40 17.68 -16.47
CA MET B 341 -5.65 17.08 -15.35
C MET B 341 -4.25 16.58 -15.72
N HIS B 342 -4.18 15.82 -16.81
CA HIS B 342 -2.92 15.19 -17.22
C HIS B 342 -1.79 16.10 -17.67
N ILE B 343 -2.03 17.40 -17.72
CA ILE B 343 -0.96 18.33 -18.10
C ILE B 343 -0.43 18.99 -16.84
N MET B 344 -1.14 18.84 -15.72
CA MET B 344 -0.62 19.41 -14.49
C MET B 344 0.14 18.40 -13.62
N PRO B 345 1.11 18.89 -12.83
CA PRO B 345 1.95 18.02 -12.02
C PRO B 345 1.31 16.86 -11.24
N PRO B 346 0.19 17.08 -10.55
CA PRO B 346 -0.34 15.94 -9.79
C PRO B 346 -0.86 14.78 -10.62
N TYR B 347 -1.24 14.98 -11.88
CA TYR B 347 -1.83 13.89 -12.64
C TYR B 347 -1.18 13.67 -13.98
N ALA B 348 -0.02 14.28 -14.15
CA ALA B 348 0.73 14.13 -15.39
C ALA B 348 1.05 12.63 -15.54
N HIS B 349 1.16 11.88 -14.44
CA HIS B 349 1.39 10.45 -14.59
C HIS B 349 0.24 9.69 -15.17
N LEU B 350 -0.88 10.37 -15.35
CA LEU B 350 -2.08 9.72 -15.86
C LEU B 350 -2.30 10.05 -17.34
N ALA B 351 -1.37 10.78 -17.96
CA ALA B 351 -1.53 11.16 -19.35
C ALA B 351 -1.53 9.97 -20.31
N THR B 352 -2.31 10.12 -21.38
CA THR B 352 -2.45 9.10 -22.45
C THR B 352 -2.43 9.88 -23.75
N ASP B 353 -2.34 9.14 -24.84
CA ASP B 353 -2.26 9.77 -26.15
C ASP B 353 -3.63 10.09 -26.67
N ASP B 354 -4.64 9.82 -25.85
CA ASP B 354 -6.01 10.00 -26.31
C ASP B 354 -6.80 11.04 -25.57
N LEU B 355 -6.13 12.15 -25.22
CA LEU B 355 -6.73 13.27 -24.44
C LEU B 355 -6.59 14.60 -25.20
N LYS B 356 -6.62 14.46 -26.51
CA LYS B 356 -6.42 15.61 -27.39
C LYS B 356 -7.49 16.65 -27.41
N ILE B 357 -8.76 16.26 -27.36
CA ILE B 357 -9.74 17.32 -27.37
C ILE B 357 -9.67 18.12 -26.07
N ALA B 358 -9.42 17.42 -24.96
CA ALA B 358 -9.32 18.12 -23.69
C ALA B 358 -8.17 19.15 -23.80
N GLU B 359 -7.05 18.75 -24.37
CA GLU B 359 -5.97 19.73 -24.46
C GLU B 359 -6.33 20.91 -25.32
N ALA B 360 -6.96 20.64 -26.46
CA ALA B 360 -7.33 21.71 -27.40
C ALA B 360 -8.26 22.74 -26.78
N CYS B 361 -9.15 22.19 -25.98
CA CYS B 361 -10.15 22.95 -25.26
C CYS B 361 -9.46 23.75 -24.15
N GLY B 362 -8.45 23.17 -23.48
CA GLY B 362 -7.81 23.90 -22.40
C GLY B 362 -7.05 25.08 -23.00
N VAL B 363 -6.61 24.90 -24.23
CA VAL B 363 -5.87 25.97 -24.88
C VAL B 363 -6.71 27.15 -25.40
N ASP B 364 -7.83 26.86 -26.07
CA ASP B 364 -8.64 27.92 -26.67
C ASP B 364 -9.95 28.29 -25.98
N GLY B 365 -10.34 27.64 -24.87
CA GLY B 365 -11.63 28.00 -24.27
C GLY B 365 -11.61 29.19 -23.30
N LEU B 366 -12.71 29.93 -23.25
CA LEU B 366 -12.76 31.11 -22.42
C LEU B 366 -14.14 31.25 -21.90
N ASN B 367 -14.23 31.34 -20.58
CA ASN B 367 -15.55 31.53 -20.01
C ASN B 367 -15.74 33.01 -20.08
N LEU B 368 -16.92 33.41 -20.51
CA LEU B 368 -17.24 34.82 -20.50
C LEU B 368 -18.18 35.09 -19.33
N PRO B 369 -18.12 36.34 -18.89
CA PRO B 369 -18.94 36.78 -17.78
C PRO B 369 -20.39 36.34 -17.96
N THR B 370 -20.86 35.65 -16.95
CA THR B 370 -22.22 35.13 -16.97
C THR B 370 -22.82 35.19 -15.57
N HIS B 371 -23.69 36.17 -15.32
CA HIS B 371 -24.40 36.29 -14.05
C HIS B 371 -25.62 37.21 -14.10
N ALA B 372 -26.53 36.94 -13.17
CA ALA B 372 -27.81 37.60 -13.13
C ALA B 372 -27.76 39.10 -13.01
N GLY B 373 -26.58 39.63 -12.71
CA GLY B 373 -26.47 41.08 -12.55
C GLY B 373 -25.99 41.79 -13.84
N LEU B 374 -25.57 41.04 -14.87
CA LEU B 374 -25.08 41.72 -16.08
C LEU B 374 -26.22 42.27 -16.88
N THR B 375 -25.94 43.41 -17.51
CA THR B 375 -26.95 44.07 -18.30
C THR B 375 -26.62 44.06 -19.77
N GLU B 376 -27.65 44.36 -20.54
CA GLU B 376 -27.48 44.32 -21.95
C GLU B 376 -26.24 45.14 -22.30
N ALA B 377 -26.20 46.30 -21.68
CA ALA B 377 -25.08 47.20 -21.90
C ALA B 377 -23.78 46.48 -21.61
N ASP B 378 -23.79 45.85 -20.44
CA ASP B 378 -22.69 45.04 -19.92
C ASP B 378 -22.24 44.13 -21.05
N ILE B 379 -23.21 43.44 -21.63
CA ILE B 379 -22.85 42.49 -22.70
C ILE B 379 -22.23 43.20 -23.89
N ASP B 380 -22.89 44.29 -24.25
CA ASP B 380 -22.38 45.06 -25.36
C ASP B 380 -20.93 45.39 -25.13
N ARG B 381 -20.64 45.79 -23.89
CA ARG B 381 -19.28 46.11 -23.48
C ARG B 381 -18.36 44.90 -23.66
N VAL B 382 -18.78 43.74 -23.19
CA VAL B 382 -17.83 42.62 -23.38
C VAL B 382 -17.61 42.32 -24.87
N ILE B 383 -18.71 42.42 -25.61
CA ILE B 383 -18.60 42.10 -27.03
C ILE B 383 -17.68 43.10 -27.67
N ALA B 384 -17.90 44.38 -27.35
CA ALA B 384 -17.02 45.36 -27.94
C ALA B 384 -15.59 45.13 -27.53
N ALA B 385 -15.39 44.71 -26.28
CA ALA B 385 -14.04 44.49 -25.82
C ALA B 385 -13.43 43.35 -26.62
N LEU B 386 -14.21 42.29 -26.76
CA LEU B 386 -13.69 41.17 -27.55
C LEU B 386 -13.42 41.53 -29.01
N ASP B 387 -14.35 42.28 -29.60
CA ASP B 387 -14.13 42.64 -30.99
C ASP B 387 -12.73 43.26 -31.06
N GLN B 388 -12.49 44.12 -30.08
CA GLN B 388 -11.22 44.82 -29.95
C GLN B 388 -10.06 43.89 -29.65
N VAL B 389 -10.20 43.02 -28.65
CA VAL B 389 -9.04 42.20 -28.35
C VAL B 389 -8.75 40.96 -29.17
N LEU B 390 -9.75 40.44 -29.88
CA LEU B 390 -9.48 39.20 -30.63
C LEU B 390 -8.73 39.47 -31.91
N VAL B 391 -7.43 39.19 -31.89
CA VAL B 391 -6.63 39.43 -33.10
C VAL B 391 -5.62 38.37 -33.48
N LEU C 24 4.32 -54.07 -19.97
CA LEU C 24 4.29 -52.85 -20.80
C LEU C 24 4.62 -51.56 -20.04
N PRO C 25 5.79 -50.98 -20.33
CA PRO C 25 6.28 -49.77 -19.68
C PRO C 25 5.38 -48.58 -20.04
N ARG C 26 5.26 -47.70 -19.06
CA ARG C 26 4.43 -46.53 -19.27
C ARG C 26 5.24 -45.54 -20.07
N ILE C 27 4.50 -44.73 -20.81
CA ILE C 27 5.15 -43.70 -21.57
C ILE C 27 4.95 -42.40 -20.76
N SER C 28 6.04 -41.71 -20.43
CA SER C 28 6.00 -40.44 -19.66
C SER C 28 5.80 -39.28 -20.61
N VAL C 29 5.14 -38.23 -20.15
CA VAL C 29 4.90 -37.14 -21.06
C VAL C 29 6.21 -36.47 -21.35
N ALA C 30 7.15 -36.58 -20.40
CA ALA C 30 8.44 -35.93 -20.57
C ALA C 30 9.45 -36.69 -19.74
N ALA C 31 10.73 -36.47 -20.04
CA ALA C 31 11.82 -37.15 -19.31
C ALA C 31 13.13 -36.51 -19.74
N PRO C 32 14.12 -36.40 -18.84
CA PRO C 32 15.42 -35.83 -19.19
C PRO C 32 16.17 -36.89 -19.97
N ARG C 33 17.15 -36.48 -20.75
CA ARG C 33 17.95 -37.44 -21.47
C ARG C 33 19.42 -37.10 -21.10
N LEU C 34 19.97 -37.76 -20.07
CA LEU C 34 21.31 -37.43 -19.56
C LEU C 34 22.30 -38.34 -20.28
N ASP C 35 22.46 -38.10 -21.55
CA ASP C 35 23.29 -39.02 -22.29
C ASP C 35 24.53 -38.35 -22.82
N GLY C 36 25.00 -37.42 -22.00
CA GLY C 36 26.24 -36.69 -22.27
C GLY C 36 27.14 -36.74 -21.02
N ASN C 37 27.76 -35.61 -20.70
CA ASN C 37 28.72 -35.55 -19.62
C ASN C 37 28.18 -35.14 -18.25
N GLU C 38 26.87 -35.20 -18.09
CA GLU C 38 26.25 -34.79 -16.83
C GLU C 38 26.84 -35.55 -15.66
N ARG C 39 26.92 -36.87 -15.79
CA ARG C 39 27.46 -37.65 -14.70
C ARG C 39 28.88 -37.22 -14.33
N ASP C 40 29.68 -36.99 -15.35
CA ASP C 40 31.05 -36.63 -15.09
C ASP C 40 31.30 -35.25 -14.47
N TYR C 41 30.64 -34.24 -15.00
CA TYR C 41 30.75 -32.92 -14.46
C TYR C 41 30.21 -32.99 -13.05
N VAL C 42 29.14 -33.74 -12.82
CA VAL C 42 28.62 -33.83 -11.46
C VAL C 42 29.65 -34.47 -10.52
N LEU C 43 30.29 -35.54 -10.96
CA LEU C 43 31.26 -36.22 -10.10
C LEU C 43 32.44 -35.30 -9.83
N GLU C 44 32.71 -34.47 -10.82
CA GLU C 44 33.79 -33.52 -10.65
C GLU C 44 33.45 -32.58 -9.48
N CYS C 45 32.22 -32.07 -9.43
CA CYS C 45 31.80 -31.23 -8.30
C CYS C 45 31.97 -31.98 -6.98
N MET C 46 31.54 -33.24 -6.97
CA MET C 46 31.64 -34.01 -5.76
C MET C 46 33.10 -34.13 -5.33
N ASP C 47 33.90 -34.56 -6.27
CA ASP C 47 35.29 -34.81 -5.96
C ASP C 47 36.05 -33.57 -5.61
N THR C 48 35.77 -32.45 -6.25
CA THR C 48 36.52 -31.25 -5.90
C THR C 48 35.88 -30.61 -4.68
N THR C 49 34.68 -31.12 -4.31
CA THR C 49 33.85 -30.63 -3.18
C THR C 49 33.17 -29.27 -3.34
N TRP C 50 33.19 -28.70 -4.53
CA TRP C 50 32.48 -27.47 -4.75
C TRP C 50 31.08 -27.90 -5.23
N ILE C 51 30.16 -27.91 -4.27
CA ILE C 51 28.81 -28.36 -4.56
C ILE C 51 27.78 -27.28 -4.26
N SER C 52 28.19 -26.14 -3.70
CA SER C 52 27.24 -25.04 -3.45
C SER C 52 27.15 -24.11 -4.66
N SER C 53 26.70 -22.88 -4.44
CA SER C 53 26.64 -21.93 -5.52
C SER C 53 28.01 -21.31 -5.77
N VAL C 54 29.04 -21.86 -5.13
CA VAL C 54 30.41 -21.39 -5.33
C VAL C 54 31.03 -22.51 -6.19
N GLY C 55 31.49 -22.20 -7.39
CA GLY C 55 32.05 -23.25 -8.26
C GLY C 55 32.22 -22.69 -9.70
N ARG C 56 32.94 -23.38 -10.57
CA ARG C 56 33.22 -22.83 -11.90
C ARG C 56 32.23 -23.09 -12.98
N PHE C 57 31.46 -24.15 -12.78
CA PHE C 57 30.48 -24.49 -13.79
C PHE C 57 29.43 -23.40 -13.96
N ILE C 58 29.10 -22.68 -12.88
CA ILE C 58 28.07 -21.63 -13.02
C ILE C 58 28.46 -20.63 -14.11
N VAL C 59 29.68 -20.10 -14.04
CA VAL C 59 30.10 -19.13 -15.05
C VAL C 59 30.31 -19.76 -16.41
N GLU C 60 30.80 -20.99 -16.41
CA GLU C 60 30.97 -21.60 -17.71
C GLU C 60 29.61 -21.81 -18.36
N PHE C 61 28.62 -22.29 -17.60
CA PHE C 61 27.30 -22.56 -18.13
C PHE C 61 26.71 -21.25 -18.61
N GLU C 62 26.83 -20.22 -17.77
CA GLU C 62 26.31 -18.94 -18.17
C GLU C 62 26.93 -18.46 -19.49
N LYS C 63 28.25 -18.51 -19.65
N LYS C 63 28.26 -18.50 -19.63
CA LYS C 63 28.80 -17.97 -20.89
CA LYS C 63 28.85 -17.99 -20.86
C LYS C 63 28.42 -18.84 -22.10
C LYS C 63 28.46 -18.84 -22.07
N ALA C 64 28.42 -20.15 -21.87
CA ALA C 64 28.04 -21.01 -22.97
C ALA C 64 26.58 -20.72 -23.35
N PHE C 65 25.76 -20.52 -22.33
CA PHE C 65 24.36 -20.32 -22.66
C PHE C 65 24.18 -19.01 -23.34
N ALA C 66 24.87 -17.99 -22.85
CA ALA C 66 24.74 -16.68 -23.44
C ALA C 66 25.14 -16.77 -24.91
N ASP C 67 26.27 -17.46 -25.14
CA ASP C 67 26.77 -17.68 -26.51
C ASP C 67 25.63 -18.36 -27.30
N TYR C 68 25.04 -19.40 -26.72
CA TYR C 68 23.97 -20.09 -27.40
C TYR C 68 22.84 -19.19 -27.85
N CYS C 69 22.37 -18.30 -26.98
CA CYS C 69 21.24 -17.43 -27.35
C CYS C 69 21.68 -16.21 -28.11
N GLY C 70 22.99 -16.04 -28.21
CA GLY C 70 23.51 -14.88 -28.93
C GLY C 70 23.39 -13.59 -28.12
N VAL C 71 23.52 -13.64 -26.79
CA VAL C 71 23.38 -12.40 -26.00
C VAL C 71 24.67 -12.14 -25.23
N LYS C 72 24.77 -10.91 -24.74
CA LYS C 72 25.89 -10.49 -23.91
C LYS C 72 25.93 -11.13 -22.52
N HIS C 73 24.79 -11.32 -21.83
CA HIS C 73 24.77 -11.84 -20.45
C HIS C 73 23.73 -12.92 -20.14
N ALA C 74 24.08 -13.88 -19.28
CA ALA C 74 23.18 -14.94 -18.81
C ALA C 74 23.41 -15.02 -17.32
N ILE C 75 22.29 -15.04 -16.59
CA ILE C 75 22.32 -15.05 -15.14
C ILE C 75 21.59 -16.29 -14.65
N ALA C 76 22.37 -17.26 -14.17
CA ALA C 76 21.82 -18.55 -13.69
C ALA C 76 21.04 -18.43 -12.37
N CYS C 77 19.89 -19.08 -12.25
CA CYS C 77 19.06 -18.95 -11.03
C CYS C 77 18.63 -20.33 -10.60
N ASN C 78 18.06 -20.40 -9.40
CA ASN C 78 17.62 -21.72 -8.93
C ASN C 78 16.40 -22.34 -9.56
N ASN C 79 15.58 -21.53 -10.24
CA ASN C 79 14.47 -22.06 -11.06
C ASN C 79 13.95 -21.00 -12.04
N GLY C 80 13.03 -21.39 -12.92
CA GLY C 80 12.50 -20.41 -13.88
C GLY C 80 11.52 -19.40 -13.26
N THR C 81 10.90 -19.74 -12.13
CA THR C 81 9.98 -18.80 -11.47
C THR C 81 10.84 -17.75 -10.82
N THR C 82 11.92 -18.14 -10.14
CA THR C 82 12.70 -17.14 -9.46
C THR C 82 13.45 -16.29 -10.50
N ALA C 83 13.70 -16.91 -11.65
CA ALA C 83 14.29 -16.17 -12.75
C ALA C 83 13.31 -15.06 -13.13
N LEU C 84 12.04 -15.38 -13.35
CA LEU C 84 11.09 -14.34 -13.66
C LEU C 84 11.04 -13.22 -12.58
N HIS C 85 10.96 -13.64 -11.33
CA HIS C 85 10.84 -12.64 -10.24
C HIS C 85 12.03 -11.65 -10.23
N LEU C 86 13.23 -12.23 -10.25
CA LEU C 86 14.49 -11.48 -10.24
C LEU C 86 14.55 -10.52 -11.43
N ALA C 87 14.19 -11.00 -12.62
CA ALA C 87 14.24 -10.10 -13.76
C ALA C 87 13.27 -8.94 -13.55
N LEU C 88 12.05 -9.25 -13.10
CA LEU C 88 11.06 -8.18 -12.95
C LEU C 88 11.54 -7.23 -11.89
N VAL C 89 12.07 -7.76 -10.80
CA VAL C 89 12.53 -6.82 -9.78
C VAL C 89 13.67 -5.97 -10.35
N ALA C 90 14.59 -6.61 -11.07
CA ALA C 90 15.74 -5.91 -11.65
C ALA C 90 15.30 -4.85 -12.63
N MET C 91 14.20 -5.12 -13.31
CA MET C 91 13.65 -4.11 -14.22
C MET C 91 12.87 -2.99 -13.50
N GLY C 92 12.73 -3.08 -12.18
CA GLY C 92 12.03 -2.05 -11.46
C GLY C 92 10.52 -2.17 -11.40
N ILE C 93 10.02 -3.36 -11.72
CA ILE C 93 8.59 -3.60 -11.62
C ILE C 93 8.18 -3.62 -10.16
N GLY C 94 7.13 -2.86 -9.82
CA GLY C 94 6.70 -2.79 -8.44
C GLY C 94 5.26 -2.34 -8.22
N PRO C 95 4.93 -2.11 -6.97
CA PRO C 95 3.53 -1.81 -6.66
C PRO C 95 3.11 -0.67 -7.55
N GLY C 96 1.87 -0.77 -8.04
CA GLY C 96 1.36 0.27 -8.91
C GLY C 96 1.69 0.06 -10.39
N ASP C 97 2.57 -0.89 -10.71
CA ASP C 97 2.85 -1.07 -12.13
C ASP C 97 1.94 -2.15 -12.66
N GLU C 98 1.73 -2.12 -13.97
CA GLU C 98 0.98 -3.19 -14.64
C GLU C 98 1.96 -3.89 -15.60
N VAL C 99 1.81 -5.21 -15.75
CA VAL C 99 2.64 -5.98 -16.71
C VAL C 99 1.59 -6.80 -17.47
N ILE C 100 1.60 -6.71 -18.79
CA ILE C 100 0.67 -7.47 -19.63
C ILE C 100 1.22 -8.87 -19.80
N VAL C 101 0.36 -9.83 -19.42
CA VAL C 101 0.67 -11.26 -19.41
C VAL C 101 -0.50 -12.03 -20.05
N PRO C 102 -0.21 -13.05 -20.87
CA PRO C 102 -1.33 -13.83 -21.41
C PRO C 102 -2.01 -14.59 -20.29
N SER C 103 -3.32 -14.76 -20.44
CA SER C 103 -4.05 -15.61 -19.48
C SER C 103 -3.69 -17.10 -19.65
N LEU C 104 -3.41 -17.51 -20.90
CA LEU C 104 -3.05 -18.89 -21.10
C LEU C 104 -1.54 -19.04 -20.93
N THR C 105 -1.14 -19.56 -19.78
CA THR C 105 0.29 -19.72 -19.51
C THR C 105 0.46 -20.49 -18.24
N TYR C 106 1.68 -20.84 -17.88
CA TYR C 106 1.94 -21.44 -16.56
C TYR C 106 1.86 -20.32 -15.46
N ILE C 107 1.28 -20.61 -14.30
CA ILE C 107 0.97 -19.57 -13.30
C ILE C 107 2.15 -18.72 -12.83
N ALA C 108 3.36 -19.29 -12.90
CA ALA C 108 4.54 -18.51 -12.52
C ALA C 108 4.65 -17.21 -13.33
N SER C 109 4.21 -17.18 -14.60
CA SER C 109 4.27 -15.94 -15.35
C SER C 109 3.57 -14.85 -14.57
N ALA C 110 2.36 -15.13 -14.10
CA ALA C 110 1.58 -14.11 -13.40
C ALA C 110 2.07 -13.89 -11.96
N ASN C 111 2.39 -15.01 -11.32
CA ASN C 111 2.77 -14.96 -9.91
C ASN C 111 4.01 -14.09 -9.81
N SER C 112 4.93 -14.17 -10.79
CA SER C 112 6.17 -13.38 -10.71
C SER C 112 5.91 -11.87 -10.62
N VAL C 113 4.91 -11.43 -11.36
CA VAL C 113 4.44 -10.05 -11.34
C VAL C 113 3.82 -9.75 -9.97
N THR C 114 2.95 -10.63 -9.49
CA THR C 114 2.35 -10.48 -8.16
C THR C 114 3.37 -10.38 -7.03
N TYR C 115 4.48 -11.11 -7.16
CA TYR C 115 5.48 -11.08 -6.12
C TYR C 115 6.04 -9.67 -5.99
N CYS C 116 6.07 -8.98 -7.11
CA CYS C 116 6.62 -7.62 -7.11
C CYS C 116 5.61 -6.67 -6.52
N GLY C 117 4.37 -7.10 -6.30
CA GLY C 117 3.32 -6.20 -5.88
C GLY C 117 2.76 -5.44 -7.09
N ALA C 118 3.06 -5.90 -8.30
CA ALA C 118 2.53 -5.27 -9.51
C ALA C 118 1.23 -6.01 -9.89
N THR C 119 0.55 -5.50 -10.88
CA THR C 119 -0.70 -6.12 -11.28
C THR C 119 -0.65 -6.73 -12.68
N PRO C 120 -0.93 -8.00 -12.79
CA PRO C 120 -0.93 -8.60 -14.13
C PRO C 120 -2.11 -8.06 -14.91
N VAL C 121 -1.95 -7.87 -16.21
CA VAL C 121 -3.06 -7.41 -17.05
C VAL C 121 -3.12 -8.50 -18.16
N LEU C 122 -4.18 -9.28 -18.11
CA LEU C 122 -4.32 -10.41 -18.99
C LEU C 122 -4.71 -10.09 -20.40
N VAL C 123 -4.11 -10.86 -21.29
CA VAL C 123 -4.38 -10.68 -22.70
C VAL C 123 -4.66 -12.07 -23.33
N ASP C 124 -5.52 -12.11 -24.36
CA ASP C 124 -5.82 -13.38 -25.05
C ASP C 124 -4.68 -13.82 -25.96
N ASN C 125 -4.81 -15.06 -26.38
CA ASN C 125 -3.84 -15.73 -27.26
C ASN C 125 -4.42 -16.08 -28.64
N ASP C 126 -3.52 -16.49 -29.54
CA ASP C 126 -3.92 -16.88 -30.87
C ASP C 126 -4.37 -18.33 -30.70
N PRO C 127 -5.43 -18.67 -31.43
CA PRO C 127 -6.02 -20.02 -31.35
C PRO C 127 -5.21 -21.14 -32.00
N ARG C 128 -4.27 -20.72 -32.82
CA ARG C 128 -3.41 -21.70 -33.48
C ARG C 128 -2.10 -21.90 -32.83
N THR C 129 -1.47 -20.80 -32.43
CA THR C 129 -0.14 -20.94 -31.85
C THR C 129 -0.19 -20.98 -30.34
N PHE C 130 -1.32 -20.62 -29.76
CA PHE C 130 -1.47 -20.62 -28.30
C PHE C 130 -0.74 -19.43 -27.70
N ASN C 131 -0.19 -18.55 -28.55
CA ASN C 131 0.61 -17.42 -28.10
C ASN C 131 -0.03 -16.04 -28.06
N LEU C 132 0.48 -15.17 -27.21
CA LEU C 132 -0.03 -13.82 -27.02
C LEU C 132 -0.49 -13.23 -28.34
N ASP C 133 -1.75 -12.80 -28.39
CA ASP C 133 -2.29 -12.19 -29.61
C ASP C 133 -1.91 -10.70 -29.70
N ALA C 134 -0.89 -10.40 -30.48
CA ALA C 134 -0.41 -9.01 -30.53
C ALA C 134 -1.49 -8.02 -30.90
N ALA C 135 -2.52 -8.47 -31.62
CA ALA C 135 -3.53 -7.51 -32.09
C ALA C 135 -4.37 -7.08 -30.91
N LYS C 136 -4.22 -7.77 -29.78
CA LYS C 136 -5.03 -7.41 -28.60
C LYS C 136 -4.24 -6.60 -27.58
N LEU C 137 -2.98 -6.42 -27.86
CA LEU C 137 -2.09 -5.76 -26.93
C LEU C 137 -2.33 -4.25 -26.72
N GLU C 138 -2.37 -3.51 -27.82
CA GLU C 138 -2.44 -2.07 -27.70
C GLU C 138 -3.51 -1.48 -26.84
N ALA C 139 -4.71 -2.05 -26.94
CA ALA C 139 -5.86 -1.64 -26.16
C ALA C 139 -5.76 -1.86 -24.63
N LEU C 140 -4.82 -2.71 -24.21
CA LEU C 140 -4.70 -2.98 -22.79
C LEU C 140 -3.67 -2.06 -22.11
N ILE C 141 -2.97 -1.29 -22.91
CA ILE C 141 -1.96 -0.38 -22.38
C ILE C 141 -2.58 0.85 -21.71
N THR C 142 -2.08 1.17 -20.52
CA THR C 142 -2.51 2.32 -19.77
C THR C 142 -1.29 3.08 -19.24
N PRO C 143 -1.57 4.14 -18.48
CA PRO C 143 -0.46 4.88 -17.91
C PRO C 143 0.31 4.00 -16.96
N ARG C 144 -0.27 2.92 -16.46
CA ARG C 144 0.49 2.10 -15.51
C ARG C 144 1.35 1.00 -16.13
N THR C 145 1.12 0.71 -17.40
CA THR C 145 1.91 -0.40 -18.00
C THR C 145 3.42 -0.11 -18.01
N LYS C 146 4.24 -1.09 -17.58
CA LYS C 146 5.72 -0.96 -17.62
C LYS C 146 6.37 -1.97 -18.57
N ALA C 147 5.70 -3.12 -18.74
CA ALA C 147 6.25 -4.26 -19.52
C ALA C 147 5.17 -5.18 -20.06
N ILE C 148 5.58 -5.92 -21.08
CA ILE C 148 4.71 -6.89 -21.71
C ILE C 148 5.51 -8.16 -21.60
N MET C 149 4.84 -9.26 -21.24
CA MET C 149 5.52 -10.53 -21.08
C MET C 149 5.01 -11.57 -22.09
N PRO C 150 5.55 -11.62 -23.32
CA PRO C 150 5.14 -12.64 -24.25
C PRO C 150 5.63 -13.98 -23.69
N VAL C 151 4.82 -15.05 -23.77
CA VAL C 151 5.19 -16.36 -23.29
C VAL C 151 5.35 -17.32 -24.45
N HIS C 152 6.51 -17.93 -24.66
CA HIS C 152 6.67 -18.75 -25.89
C HIS C 152 6.27 -20.17 -25.55
N LEU C 153 4.97 -20.42 -25.65
CA LEU C 153 4.55 -21.73 -25.19
C LEU C 153 4.93 -22.90 -26.10
N TYR C 154 5.25 -24.00 -25.44
CA TYR C 154 5.43 -25.28 -26.13
C TYR C 154 6.60 -25.38 -27.06
N GLY C 155 7.38 -24.30 -27.06
CA GLY C 155 8.64 -24.29 -27.82
C GLY C 155 8.56 -23.34 -29.01
N GLN C 156 7.43 -22.62 -29.11
CA GLN C 156 7.20 -21.70 -30.23
C GLN C 156 7.21 -20.26 -29.79
N ILE C 157 8.06 -19.49 -30.46
CA ILE C 157 8.22 -18.07 -30.12
C ILE C 157 7.00 -17.25 -30.57
N CYS C 158 6.57 -16.26 -29.77
CA CYS C 158 5.46 -15.38 -30.10
C CYS C 158 5.86 -14.56 -31.33
N ASP C 159 4.86 -13.92 -31.91
CA ASP C 159 5.08 -13.08 -33.08
C ASP C 159 5.70 -11.81 -32.54
N MET C 160 7.02 -11.91 -32.31
CA MET C 160 7.76 -10.81 -31.70
C MET C 160 7.81 -9.43 -32.38
N ASP C 161 7.86 -9.37 -33.70
CA ASP C 161 7.95 -8.02 -34.29
C ASP C 161 6.87 -6.98 -33.95
N PRO C 162 5.67 -7.44 -34.15
CA PRO C 162 4.50 -6.65 -33.84
C PRO C 162 4.49 -6.29 -32.33
N ILE C 163 4.79 -7.28 -31.48
CA ILE C 163 4.81 -7.01 -30.04
C ILE C 163 5.87 -5.96 -29.74
N LEU C 164 7.07 -6.12 -30.28
CA LEU C 164 8.13 -5.13 -30.02
C LEU C 164 7.77 -3.73 -30.58
N GLU C 165 7.09 -3.69 -31.73
CA GLU C 165 6.64 -2.40 -32.35
C GLU C 165 5.70 -1.70 -31.36
N VAL C 166 4.74 -2.43 -30.82
CA VAL C 166 3.82 -1.79 -29.88
C VAL C 166 4.60 -1.33 -28.64
N ALA C 167 5.47 -2.19 -28.17
CA ALA C 167 6.17 -1.85 -26.95
C ALA C 167 6.97 -0.58 -27.12
N ARG C 168 7.69 -0.54 -28.25
CA ARG C 168 8.58 0.57 -28.49
C ARG C 168 7.78 1.82 -28.67
N ARG C 169 6.64 1.73 -29.32
CA ARG C 169 5.87 2.94 -29.46
C ARG C 169 5.41 3.45 -28.12
N HIS C 170 5.31 2.59 -27.12
CA HIS C 170 4.78 3.07 -25.85
C HIS C 170 5.85 3.09 -24.79
N ASN C 171 7.10 2.97 -25.22
CA ASN C 171 8.19 2.94 -24.28
C ASN C 171 7.98 1.85 -23.22
N LEU C 172 7.61 0.65 -23.64
CA LEU C 172 7.47 -0.43 -22.66
C LEU C 172 8.62 -1.41 -22.75
N LEU C 173 8.92 -2.07 -21.66
CA LEU C 173 9.95 -3.10 -21.61
C LEU C 173 9.25 -4.37 -22.07
N VAL C 174 10.04 -5.32 -22.56
CA VAL C 174 9.48 -6.60 -22.97
C VAL C 174 10.39 -7.63 -22.33
N ILE C 175 9.75 -8.50 -21.55
CA ILE C 175 10.45 -9.63 -20.93
C ILE C 175 9.85 -10.93 -21.55
N GLU C 176 10.70 -11.73 -22.20
CA GLU C 176 10.17 -12.97 -22.79
C GLU C 176 10.16 -14.02 -21.70
N ASP C 177 9.02 -14.70 -21.53
CA ASP C 177 9.06 -15.85 -20.63
C ASP C 177 9.33 -17.02 -21.60
N ALA C 178 10.62 -17.34 -21.78
CA ALA C 178 11.06 -18.40 -22.73
C ALA C 178 11.32 -19.73 -22.01
N ALA C 179 10.64 -19.94 -20.88
CA ALA C 179 10.75 -21.17 -20.11
C ALA C 179 10.75 -22.43 -21.00
N GLU C 180 9.79 -22.48 -21.93
CA GLU C 180 9.58 -23.67 -22.75
C GLU C 180 10.19 -23.62 -24.15
N ALA C 181 11.12 -22.70 -24.40
CA ALA C 181 11.59 -22.45 -25.76
C ALA C 181 13.05 -22.34 -26.04
N VAL C 182 13.86 -23.00 -25.22
CA VAL C 182 15.29 -22.98 -25.52
C VAL C 182 15.59 -23.51 -26.94
N GLY C 183 16.39 -22.77 -27.70
CA GLY C 183 16.80 -23.17 -29.05
C GLY C 183 15.86 -22.68 -30.12
N ALA C 184 14.66 -22.22 -29.78
CA ALA C 184 13.73 -21.76 -30.79
C ALA C 184 14.29 -20.51 -31.44
N THR C 185 13.90 -20.24 -32.68
CA THR C 185 14.41 -19.00 -33.31
C THR C 185 13.27 -18.23 -33.98
N TYR C 186 13.53 -16.94 -34.17
CA TYR C 186 12.53 -16.05 -34.76
C TYR C 186 13.27 -15.07 -35.66
N ARG C 187 12.97 -15.17 -36.94
CA ARG C 187 13.56 -14.21 -37.87
C ARG C 187 15.02 -14.00 -37.60
N GLY C 188 15.70 -15.12 -37.39
CA GLY C 188 17.14 -15.13 -37.31
C GLY C 188 17.69 -14.93 -35.91
N LYS C 189 16.82 -14.77 -34.93
CA LYS C 189 17.38 -14.58 -33.59
C LYS C 189 16.84 -15.67 -32.67
N LYS C 190 17.64 -16.12 -31.69
CA LYS C 190 17.26 -17.15 -30.70
C LYS C 190 16.25 -16.60 -29.65
N SER C 191 15.44 -17.47 -29.05
CA SER C 191 14.60 -17.04 -27.93
C SER C 191 15.66 -16.55 -26.94
N GLY C 192 15.29 -15.53 -26.16
CA GLY C 192 16.18 -14.98 -25.14
C GLY C 192 16.86 -13.71 -25.58
N SER C 193 16.92 -13.45 -26.89
CA SER C 193 17.60 -12.25 -27.42
C SER C 193 16.68 -11.16 -27.98
N LEU C 194 15.39 -11.43 -27.86
CA LEU C 194 14.42 -10.55 -28.44
C LEU C 194 13.89 -9.49 -27.54
N GLY C 195 13.66 -9.77 -26.26
CA GLY C 195 13.14 -8.68 -25.42
C GLY C 195 14.28 -7.98 -24.70
N ASP C 196 13.94 -7.15 -23.74
CA ASP C 196 14.97 -6.49 -22.95
C ASP C 196 15.66 -7.58 -22.15
N CYS C 197 14.91 -8.61 -21.78
CA CYS C 197 15.51 -9.72 -21.10
C CYS C 197 14.53 -10.85 -21.35
N ALA C 198 14.93 -12.01 -20.88
CA ALA C 198 14.16 -13.22 -21.05
C ALA C 198 14.54 -14.20 -19.94
N THR C 199 13.63 -15.17 -19.74
CA THR C 199 13.86 -16.24 -18.76
C THR C 199 13.61 -17.63 -19.34
N PHE C 200 14.37 -18.56 -18.79
CA PHE C 200 14.28 -19.95 -19.17
C PHE C 200 14.14 -20.83 -17.92
N SER C 201 13.56 -21.99 -18.09
CA SER C 201 13.43 -22.92 -16.97
C SER C 201 14.17 -24.20 -17.34
N PHE C 202 14.80 -24.87 -16.37
CA PHE C 202 15.55 -26.08 -16.67
C PHE C 202 15.01 -27.18 -15.80
N PHE C 203 13.69 -27.19 -15.59
CA PHE C 203 13.11 -28.25 -14.77
C PHE C 203 13.36 -29.63 -15.41
N GLY C 204 13.11 -30.72 -14.69
CA GLY C 204 13.40 -32.05 -15.18
C GLY C 204 12.72 -32.43 -16.51
N ASN C 205 11.60 -31.82 -16.87
CA ASN C 205 10.91 -32.18 -18.13
C ASN C 205 11.38 -31.29 -19.29
N ALA C 206 12.35 -30.42 -19.05
CA ALA C 206 12.74 -29.41 -20.05
C ALA C 206 13.67 -29.93 -21.15
N ILE C 207 13.73 -29.18 -22.26
CA ILE C 207 14.64 -29.56 -23.34
C ILE C 207 16.07 -29.68 -22.82
N ILE C 208 16.46 -28.69 -22.04
CA ILE C 208 17.76 -28.68 -21.36
CA ILE C 208 17.77 -28.68 -21.35
C ILE C 208 17.40 -28.65 -19.89
N THR C 209 17.91 -29.60 -19.11
CA THR C 209 17.54 -29.61 -17.70
C THR C 209 18.73 -29.47 -16.77
N THR C 210 18.49 -29.02 -15.55
CA THR C 210 19.44 -29.00 -14.45
C THR C 210 18.73 -29.61 -13.22
N GLY C 211 17.60 -30.33 -13.38
CA GLY C 211 16.85 -30.91 -12.26
C GLY C 211 15.82 -29.83 -11.92
N GLU C 212 16.31 -28.76 -11.28
CA GLU C 212 15.52 -27.55 -11.06
C GLU C 212 16.55 -26.47 -11.46
N GLY C 213 16.13 -25.40 -12.12
CA GLY C 213 17.08 -24.33 -12.52
C GLY C 213 16.46 -23.31 -13.46
N GLY C 214 17.11 -22.16 -13.61
CA GLY C 214 16.55 -21.15 -14.49
C GLY C 214 17.70 -20.26 -14.96
N MET C 215 17.35 -19.34 -15.84
CA MET C 215 18.32 -18.43 -16.39
C MET C 215 17.65 -17.17 -16.87
N ILE C 216 18.36 -16.06 -16.74
CA ILE C 216 17.88 -14.85 -17.35
C ILE C 216 18.94 -14.44 -18.38
N THR C 217 18.49 -13.97 -19.52
CA THR C 217 19.43 -13.48 -20.52
C THR C 217 19.12 -12.04 -20.86
N THR C 218 20.16 -11.32 -21.25
CA THR C 218 19.94 -9.95 -21.63
C THR C 218 21.24 -9.45 -22.24
N ASN C 219 21.16 -8.38 -23.02
CA ASN C 219 22.35 -7.75 -23.55
C ASN C 219 22.69 -6.46 -22.78
N ASP C 220 21.78 -6.00 -21.92
CA ASP C 220 21.97 -4.75 -21.18
C ASP C 220 22.79 -4.88 -19.92
N ASP C 221 23.94 -4.22 -19.90
CA ASP C 221 24.90 -4.31 -18.78
C ASP C 221 24.38 -4.01 -17.36
N ASP C 222 23.60 -2.93 -17.31
CA ASP C 222 23.03 -2.35 -16.11
C ASP C 222 22.00 -3.32 -15.55
N LEU C 223 21.09 -3.78 -16.41
CA LEU C 223 20.14 -4.79 -15.98
C LEU C 223 20.85 -6.05 -15.48
N ALA C 224 21.84 -6.56 -16.23
CA ALA C 224 22.57 -7.74 -15.84
C ALA C 224 23.21 -7.51 -14.48
N ALA C 225 23.73 -6.32 -14.27
CA ALA C 225 24.40 -6.04 -13.00
C ALA C 225 23.44 -6.03 -11.81
N LYS C 226 22.31 -5.36 -12.00
CA LYS C 226 21.30 -5.37 -10.93
C LYS C 226 20.82 -6.81 -10.67
N MET C 227 20.65 -7.61 -11.73
CA MET C 227 20.25 -8.98 -11.51
C MET C 227 21.27 -9.72 -10.64
N ARG C 228 22.57 -9.60 -10.95
CA ARG C 228 23.53 -10.37 -10.20
C ARG C 228 23.57 -9.91 -8.74
N LEU C 229 23.39 -8.61 -8.55
CA LEU C 229 23.42 -8.05 -7.21
C LEU C 229 22.27 -8.66 -6.37
N LEU C 230 21.08 -8.62 -6.92
CA LEU C 230 19.89 -9.14 -6.26
C LEU C 230 19.96 -10.64 -6.02
N ARG C 231 20.44 -11.36 -7.04
CA ARG C 231 20.55 -12.83 -6.96
C ARG C 231 21.41 -13.26 -5.77
N GLY C 232 22.42 -12.40 -5.51
CA GLY C 232 23.42 -12.68 -4.48
C GLY C 232 23.12 -12.01 -3.16
N GLN C 233 21.85 -12.06 -2.77
CA GLN C 233 21.41 -11.52 -1.50
C GLN C 233 21.62 -10.04 -1.41
N GLY C 234 21.77 -9.38 -2.57
CA GLY C 234 21.97 -7.92 -2.48
C GLY C 234 23.27 -7.51 -1.76
N MET C 235 24.24 -8.44 -1.69
CA MET C 235 25.50 -8.12 -0.99
C MET C 235 26.53 -7.44 -1.89
N ASP C 236 27.25 -6.51 -1.30
CA ASP C 236 28.31 -5.80 -1.99
C ASP C 236 29.43 -6.81 -2.15
N PRO C 237 29.75 -7.03 -3.41
CA PRO C 237 30.85 -7.91 -3.81
C PRO C 237 32.16 -7.51 -3.12
N ASN C 238 32.35 -6.25 -2.76
CA ASN C 238 33.62 -5.97 -2.10
C ASN C 238 33.58 -5.61 -0.64
N ARG C 239 32.47 -5.89 0.01
CA ARG C 239 32.41 -5.59 1.42
C ARG C 239 31.56 -6.70 2.05
N ARG C 240 32.25 -7.65 2.69
CA ARG C 240 31.65 -8.84 3.30
C ARG C 240 30.49 -8.52 4.21
N TYR C 241 29.33 -9.14 3.95
CA TYR C 241 28.13 -8.91 4.76
C TYR C 241 27.69 -7.44 4.85
N TRP C 242 27.98 -6.68 3.79
CA TRP C 242 27.49 -5.32 3.69
C TRP C 242 26.44 -5.40 2.56
N PHE C 243 25.19 -5.04 2.84
CA PHE C 243 24.10 -5.17 1.86
C PHE C 243 23.48 -3.82 1.60
N PRO C 244 23.77 -3.31 0.41
CA PRO C 244 23.22 -2.01 0.06
C PRO C 244 21.74 -2.11 -0.31
N ILE C 245 21.22 -3.28 -0.69
CA ILE C 245 19.81 -3.36 -1.01
C ILE C 245 19.29 -4.68 -0.50
N VAL C 246 17.97 -4.80 -0.55
CA VAL C 246 17.27 -6.06 -0.24
C VAL C 246 17.32 -6.97 -1.48
N GLY C 247 17.93 -8.15 -1.33
CA GLY C 247 18.08 -9.11 -2.39
C GLY C 247 17.45 -10.41 -1.96
N PHE C 248 17.83 -11.45 -2.67
CA PHE C 248 17.25 -12.79 -2.52
C PHE C 248 18.38 -13.82 -2.57
N ASN C 249 18.05 -15.09 -2.29
CA ASN C 249 19.01 -16.18 -2.49
C ASN C 249 18.48 -16.95 -3.72
N TYR C 250 18.82 -16.52 -4.93
CA TYR C 250 18.29 -17.17 -6.14
C TYR C 250 19.43 -17.82 -6.96
N ARG C 251 20.54 -18.10 -6.27
CA ARG C 251 21.72 -18.66 -6.92
C ARG C 251 21.51 -20.09 -7.37
N MET C 252 22.08 -20.47 -8.51
CA MET C 252 22.11 -21.85 -8.98
C MET C 252 23.34 -22.55 -8.31
N THR C 253 23.28 -23.85 -7.99
CA THR C 253 24.45 -24.52 -7.43
C THR C 253 25.36 -24.97 -8.61
N ASN C 254 26.63 -25.24 -8.27
CA ASN C 254 27.62 -25.73 -9.25
C ASN C 254 27.19 -27.08 -9.86
N ILE C 255 26.56 -27.95 -9.06
CA ILE C 255 26.04 -29.23 -9.55
C ILE C 255 24.93 -28.97 -10.61
N GLN C 256 23.97 -28.10 -10.31
CA GLN C 256 22.95 -27.81 -11.32
C GLN C 256 23.63 -27.29 -12.57
N ALA C 257 24.58 -26.38 -12.43
CA ALA C 257 25.23 -25.76 -13.61
C ALA C 257 26.04 -26.80 -14.36
N ALA C 258 26.59 -27.78 -13.61
CA ALA C 258 27.39 -28.86 -14.24
C ALA C 258 26.46 -29.61 -15.17
N ILE C 259 25.31 -30.05 -14.67
CA ILE C 259 24.28 -30.76 -15.44
C ILE C 259 23.83 -29.96 -16.64
N GLY C 260 23.61 -28.67 -16.40
CA GLY C 260 23.18 -27.77 -17.45
C GLY C 260 24.20 -27.71 -18.59
N LEU C 261 25.47 -27.56 -18.21
CA LEU C 261 26.53 -27.36 -19.19
C LEU C 261 26.56 -28.52 -20.18
N ALA C 262 26.50 -29.71 -19.59
CA ALA C 262 26.53 -30.96 -20.34
C ALA C 262 25.30 -31.09 -21.24
N GLN C 263 24.17 -30.61 -20.75
CA GLN C 263 22.97 -30.74 -21.54
C GLN C 263 23.11 -29.79 -22.67
N LEU C 264 23.55 -28.57 -22.38
CA LEU C 264 23.65 -27.54 -23.40
C LEU C 264 24.65 -28.06 -24.47
N GLU C 265 25.71 -28.75 -24.03
CA GLU C 265 26.66 -29.33 -24.97
C GLU C 265 26.02 -30.20 -26.05
N ARG C 266 24.98 -30.93 -25.72
CA ARG C 266 24.31 -31.79 -26.69
C ARG C 266 22.93 -31.24 -27.09
N VAL C 267 22.79 -29.93 -26.99
CA VAL C 267 21.49 -29.34 -27.30
C VAL C 267 21.04 -29.68 -28.72
N ASP C 268 21.98 -29.61 -29.66
CA ASP C 268 21.56 -29.95 -31.02
C ASP C 268 21.05 -31.36 -31.20
N GLU C 269 21.69 -32.31 -30.53
CA GLU C 269 21.29 -33.71 -30.63
C GLU C 269 19.95 -33.84 -29.90
N HIS C 270 19.80 -33.15 -28.79
CA HIS C 270 18.51 -33.23 -28.12
C HIS C 270 17.36 -32.68 -28.99
N LEU C 271 17.58 -31.55 -29.65
CA LEU C 271 16.53 -30.98 -30.50
C LEU C 271 16.29 -31.88 -31.69
N ALA C 272 17.34 -32.51 -32.20
CA ALA C 272 17.09 -33.37 -33.35
C ALA C 272 16.24 -34.55 -32.95
N ALA C 273 16.51 -35.06 -31.76
CA ALA C 273 15.80 -36.24 -31.27
C ALA C 273 14.32 -35.85 -31.21
N ARG C 274 14.04 -34.69 -30.64
CA ARG C 274 12.67 -34.23 -30.53
C ARG C 274 12.07 -34.03 -31.94
N GLU C 275 12.80 -33.41 -32.88
CA GLU C 275 12.26 -33.20 -34.22
C GLU C 275 11.87 -34.53 -34.85
N ARG C 276 12.62 -35.57 -34.55
CA ARG C 276 12.33 -36.87 -35.13
C ARG C 276 10.99 -37.33 -34.53
N VAL C 277 10.81 -37.17 -33.22
CA VAL C 277 9.53 -37.54 -32.58
C VAL C 277 8.35 -36.75 -33.17
N VAL C 278 8.54 -35.46 -33.41
CA VAL C 278 7.51 -34.62 -33.98
C VAL C 278 7.21 -35.07 -35.43
N GLY C 279 8.24 -35.50 -36.14
CA GLY C 279 8.04 -35.99 -37.52
C GLY C 279 7.09 -37.18 -37.49
N TRP C 280 7.27 -38.03 -36.47
CA TRP C 280 6.45 -39.23 -36.29
C TRP C 280 5.02 -38.88 -36.01
N TYR C 281 4.84 -37.91 -35.10
CA TYR C 281 3.47 -37.48 -34.82
C TYR C 281 2.79 -36.93 -36.07
N GLU C 282 3.57 -36.12 -36.79
CA GLU C 282 3.11 -35.40 -37.97
C GLU C 282 2.62 -36.36 -39.05
N GLN C 283 3.40 -37.40 -39.24
CA GLN C 283 3.04 -38.36 -40.25
C GLN C 283 1.94 -39.26 -39.75
N LYS C 284 2.06 -39.76 -38.53
CA LYS C 284 1.04 -40.68 -38.10
C LYS C 284 -0.30 -40.11 -37.70
N LEU C 285 -0.35 -38.83 -37.33
CA LEU C 285 -1.63 -38.35 -36.83
C LEU C 285 -2.76 -38.30 -37.86
N ALA C 286 -2.38 -38.39 -39.12
CA ALA C 286 -3.34 -38.38 -40.20
C ALA C 286 -4.33 -39.53 -39.99
N ARG C 287 -3.87 -40.62 -39.37
CA ARG C 287 -4.81 -41.70 -39.07
C ARG C 287 -6.01 -41.25 -38.23
N LEU C 288 -5.85 -40.20 -37.43
CA LEU C 288 -6.92 -39.72 -36.55
C LEU C 288 -7.76 -38.65 -37.26
N GLY C 289 -7.34 -38.26 -38.45
CA GLY C 289 -8.14 -37.27 -39.17
C GLY C 289 -8.56 -36.03 -38.39
N ASN C 290 -9.81 -35.60 -38.55
CA ASN C 290 -10.27 -34.39 -37.89
C ASN C 290 -10.59 -34.60 -36.42
N ARG C 291 -10.22 -35.71 -35.82
CA ARG C 291 -10.49 -35.90 -34.42
C ARG C 291 -9.48 -35.12 -33.56
N VAL C 292 -8.40 -34.67 -34.18
CA VAL C 292 -7.52 -33.77 -33.46
C VAL C 292 -7.16 -32.67 -34.38
N THR C 293 -6.69 -31.56 -33.80
CA THR C 293 -6.11 -30.46 -34.60
C THR C 293 -4.59 -30.37 -34.26
N LYS C 294 -3.77 -30.68 -35.28
CA LYS C 294 -2.32 -30.69 -35.12
C LYS C 294 -1.78 -29.29 -34.81
N PRO C 295 -0.67 -29.21 -34.08
CA PRO C 295 -0.13 -27.89 -33.74
C PRO C 295 0.27 -27.07 -35.01
N HIS C 296 -0.29 -25.90 -35.16
CA HIS C 296 0.08 -25.03 -36.27
C HIS C 296 1.52 -24.56 -36.04
N VAL C 297 2.33 -24.56 -37.09
CA VAL C 297 3.72 -24.09 -36.96
C VAL C 297 3.99 -22.79 -37.75
N ALA C 298 4.16 -21.65 -37.06
CA ALA C 298 4.48 -20.37 -37.75
C ALA C 298 5.79 -20.47 -38.51
N LEU C 299 5.83 -19.86 -39.70
CA LEU C 299 7.07 -19.99 -40.45
C LEU C 299 8.04 -18.93 -40.02
N THR C 300 7.88 -18.40 -38.83
CA THR C 300 8.78 -17.36 -38.36
C THR C 300 10.17 -17.80 -37.91
N GLY C 301 10.36 -19.08 -37.64
CA GLY C 301 11.68 -19.57 -37.24
C GLY C 301 11.46 -20.99 -36.71
N ARG C 302 12.41 -21.51 -35.96
CA ARG C 302 12.30 -22.87 -35.49
C ARG C 302 11.38 -22.99 -34.28
N HIS C 303 10.46 -23.95 -34.33
CA HIS C 303 9.58 -24.26 -33.20
C HIS C 303 10.24 -25.51 -32.62
N VAL C 304 10.73 -25.40 -31.39
CA VAL C 304 11.39 -26.53 -30.76
C VAL C 304 10.51 -27.64 -30.20
N PHE C 305 9.21 -27.43 -30.15
CA PHE C 305 8.38 -28.52 -29.69
C PHE C 305 8.74 -29.06 -28.30
N TRP C 306 8.78 -28.17 -27.29
CA TRP C 306 9.00 -28.69 -25.95
C TRP C 306 7.87 -29.75 -25.74
N MET C 307 6.64 -29.43 -26.18
CA MET C 307 5.49 -30.36 -26.16
C MET C 307 4.77 -30.29 -27.52
N TYR C 308 4.34 -31.45 -28.01
CA TYR C 308 3.54 -31.52 -29.24
C TYR C 308 2.10 -31.45 -28.77
N THR C 309 1.43 -30.36 -29.10
CA THR C 309 0.15 -29.99 -28.52
C THR C 309 -1.00 -30.00 -29.48
N VAL C 310 -1.96 -30.90 -29.29
CA VAL C 310 -3.09 -30.87 -30.22
C VAL C 310 -4.30 -30.22 -29.55
N ARG C 311 -5.31 -29.80 -30.32
CA ARG C 311 -6.61 -29.34 -29.75
C ARG C 311 -7.63 -30.42 -30.19
N LEU C 312 -8.28 -31.02 -29.22
CA LEU C 312 -9.26 -32.06 -29.54
C LEU C 312 -10.30 -31.60 -30.51
N GLY C 313 -10.72 -32.52 -31.36
CA GLY C 313 -11.75 -32.18 -32.35
C GLY C 313 -13.03 -31.68 -31.68
N GLU C 314 -13.57 -30.60 -32.22
CA GLU C 314 -14.78 -30.07 -31.61
C GLU C 314 -15.88 -31.14 -31.62
N GLY C 315 -15.97 -31.86 -32.76
CA GLY C 315 -16.90 -32.94 -33.09
C GLY C 315 -17.01 -34.15 -32.13
N LEU C 316 -15.97 -34.39 -31.34
CA LEU C 316 -15.93 -35.52 -30.40
C LEU C 316 -16.99 -35.46 -29.31
N SER C 317 -17.27 -36.60 -28.71
CA SER C 317 -18.27 -36.58 -27.65
C SER C 317 -17.60 -36.58 -26.29
N THR C 318 -16.38 -37.10 -26.24
CA THR C 318 -15.63 -37.20 -24.99
C THR C 318 -15.05 -35.84 -24.59
N THR C 319 -14.51 -35.72 -23.38
CA THR C 319 -13.94 -34.44 -22.94
C THR C 319 -12.43 -34.60 -22.81
N ARG C 320 -11.76 -33.46 -22.86
CA ARG C 320 -10.31 -33.45 -22.73
C ARG C 320 -9.86 -34.22 -21.47
N ASP C 321 -10.43 -33.94 -20.30
CA ASP C 321 -9.92 -34.62 -19.11
C ASP C 321 -10.25 -36.10 -19.11
N GLN C 322 -11.37 -36.46 -19.73
CA GLN C 322 -11.64 -37.90 -19.83
C GLN C 322 -10.56 -38.54 -20.75
N VAL C 323 -10.18 -37.86 -21.85
CA VAL C 323 -9.16 -38.49 -22.69
C VAL C 323 -7.89 -38.65 -21.82
N ILE C 324 -7.51 -37.61 -21.07
CA ILE C 324 -6.30 -37.74 -20.29
C ILE C 324 -6.45 -38.95 -19.42
N LYS C 325 -7.62 -39.09 -18.82
CA LYS C 325 -7.77 -40.26 -17.94
C LYS C 325 -7.66 -41.57 -18.72
N ASP C 326 -8.27 -41.61 -19.89
CA ASP C 326 -8.29 -42.84 -20.67
C ASP C 326 -6.91 -43.19 -21.15
N LEU C 327 -6.12 -42.18 -21.51
CA LEU C 327 -4.78 -42.52 -21.94
C LEU C 327 -3.94 -43.09 -20.79
N ASP C 328 -4.12 -42.50 -19.61
CA ASP C 328 -3.36 -42.91 -18.45
C ASP C 328 -3.65 -44.38 -18.17
N ALA C 329 -4.91 -44.72 -18.23
CA ALA C 329 -5.32 -46.11 -18.02
C ALA C 329 -4.59 -46.93 -19.09
N LEU C 330 -4.26 -46.37 -20.25
CA LEU C 330 -3.50 -47.13 -21.26
C LEU C 330 -1.96 -47.09 -21.16
N GLY C 331 -1.47 -46.57 -20.02
CA GLY C 331 -0.03 -46.43 -19.69
C GLY C 331 0.67 -45.23 -20.32
N ILE C 332 -0.13 -44.24 -20.73
CA ILE C 332 0.36 -43.07 -21.41
C ILE C 332 0.02 -41.79 -20.63
N GLU C 333 1.10 -41.09 -20.27
CA GLU C 333 1.01 -39.84 -19.51
C GLU C 333 0.82 -38.70 -20.48
N SER C 334 0.01 -37.73 -20.10
CA SER C 334 -0.22 -36.55 -20.93
C SER C 334 -0.57 -35.39 -19.99
N ARG C 335 -0.68 -34.19 -20.54
CA ARG C 335 -0.99 -33.02 -19.68
C ARG C 335 -1.99 -32.17 -20.44
N PRO C 336 -2.73 -31.39 -19.67
CA PRO C 336 -3.71 -30.51 -20.26
C PRO C 336 -3.06 -29.17 -20.63
N VAL C 337 -3.61 -28.53 -21.66
CA VAL C 337 -3.19 -27.15 -21.95
C VAL C 337 -3.66 -26.38 -20.68
N PHE C 338 -2.87 -25.42 -20.24
CA PHE C 338 -3.18 -24.70 -18.98
C PHE C 338 -4.60 -24.19 -18.82
N HIS C 339 -5.04 -24.22 -17.55
CA HIS C 339 -6.29 -23.54 -17.20
C HIS C 339 -5.88 -22.07 -17.20
N PRO C 340 -6.59 -21.24 -17.95
CA PRO C 340 -6.18 -19.83 -17.96
C PRO C 340 -6.26 -19.19 -16.57
N MET C 341 -5.35 -18.24 -16.36
CA MET C 341 -5.26 -17.54 -15.08
C MET C 341 -6.64 -17.08 -14.61
N HIS C 342 -7.41 -16.45 -15.50
CA HIS C 342 -8.65 -15.82 -15.05
C HIS C 342 -9.79 -16.72 -14.61
N ILE C 343 -9.58 -18.02 -14.78
CA ILE C 343 -10.63 -18.92 -14.34
C ILE C 343 -10.26 -19.59 -13.00
N MET C 344 -9.07 -19.32 -12.47
CA MET C 344 -8.65 -19.98 -11.22
C MET C 344 -8.72 -18.96 -10.07
N PRO C 345 -8.81 -19.47 -8.84
CA PRO C 345 -9.02 -18.57 -7.73
C PRO C 345 -8.12 -17.35 -7.59
N PRO C 346 -6.81 -17.52 -7.74
CA PRO C 346 -5.92 -16.38 -7.52
C PRO C 346 -6.09 -15.20 -8.49
N TYR C 347 -6.60 -15.46 -9.69
CA TYR C 347 -6.69 -14.43 -10.69
C TYR C 347 -8.05 -14.24 -11.28
N ALA C 348 -9.04 -14.87 -10.68
CA ALA C 348 -10.39 -14.69 -11.20
C ALA C 348 -10.77 -13.22 -11.19
N HIS C 349 -10.18 -12.46 -10.27
CA HIS C 349 -10.56 -11.03 -10.25
C HIS C 349 -10.02 -10.26 -11.46
N LEU C 350 -9.18 -10.90 -12.25
CA LEU C 350 -8.65 -10.16 -13.38
C LEU C 350 -9.37 -10.61 -14.64
N ALA C 351 -10.46 -11.38 -14.51
CA ALA C 351 -11.19 -11.78 -15.73
C ALA C 351 -11.76 -10.60 -16.54
N THR C 352 -11.85 -10.81 -17.85
CA THR C 352 -12.46 -9.81 -18.72
C THR C 352 -13.22 -10.65 -19.71
N ASP C 353 -14.04 -9.99 -20.53
CA ASP C 353 -14.80 -10.74 -21.52
C ASP C 353 -14.00 -10.93 -22.78
N ASP C 354 -12.71 -10.66 -22.78
CA ASP C 354 -12.00 -10.85 -24.03
C ASP C 354 -10.83 -11.81 -23.89
N LEU C 355 -11.13 -12.93 -23.24
CA LEU C 355 -10.15 -14.01 -23.01
C LEU C 355 -10.76 -15.35 -23.43
N LYS C 356 -11.59 -15.26 -24.44
CA LYS C 356 -12.31 -16.43 -24.93
C LYS C 356 -11.42 -17.52 -25.55
N ILE C 357 -10.39 -17.13 -26.32
CA ILE C 357 -9.52 -18.13 -26.96
C ILE C 357 -8.72 -18.88 -25.91
N ALA C 358 -8.17 -18.13 -24.95
CA ALA C 358 -7.45 -18.76 -23.86
C ALA C 358 -8.41 -19.77 -23.26
N GLU C 359 -9.67 -19.38 -23.01
CA GLU C 359 -10.59 -20.38 -22.43
C GLU C 359 -10.81 -21.64 -23.27
N ALA C 360 -11.01 -21.43 -24.58
CA ALA C 360 -11.31 -22.51 -25.53
C ALA C 360 -10.12 -23.47 -25.56
N CYS C 361 -8.93 -22.88 -25.66
CA CYS C 361 -7.71 -23.71 -25.67
C CYS C 361 -7.56 -24.54 -24.38
N GLY C 362 -7.75 -23.90 -23.23
CA GLY C 362 -7.66 -24.58 -21.95
C GLY C 362 -8.68 -25.71 -21.89
N VAL C 363 -9.84 -25.56 -22.55
CA VAL C 363 -10.82 -26.64 -22.55
C VAL C 363 -10.45 -27.84 -23.45
N ASP C 364 -9.93 -27.55 -24.64
CA ASP C 364 -9.67 -28.67 -25.57
C ASP C 364 -8.19 -29.05 -25.84
N GLY C 365 -7.26 -28.36 -25.16
CA GLY C 365 -5.83 -28.61 -25.42
C GLY C 365 -5.21 -29.78 -24.64
N LEU C 366 -4.33 -30.49 -25.35
CA LEU C 366 -3.69 -31.67 -24.82
C LEU C 366 -2.22 -31.80 -25.29
N ASN C 367 -1.28 -31.90 -24.33
CA ASN C 367 0.13 -32.06 -24.68
C ASN C 367 0.35 -33.58 -24.70
N LEU C 368 0.81 -34.07 -25.85
CA LEU C 368 1.14 -35.50 -26.01
C LEU C 368 2.59 -35.74 -25.58
N PRO C 369 2.89 -36.98 -25.19
CA PRO C 369 4.25 -37.33 -24.80
C PRO C 369 5.26 -36.77 -25.80
N THR C 370 6.20 -35.99 -25.29
CA THR C 370 7.18 -35.39 -26.19
C THR C 370 8.54 -35.32 -25.52
N HIS C 371 9.48 -36.21 -25.86
CA HIS C 371 10.80 -36.16 -25.23
C HIS C 371 11.67 -37.07 -26.03
N ALA C 372 12.95 -36.78 -25.85
CA ALA C 372 14.01 -37.42 -26.62
C ALA C 372 14.12 -38.90 -26.52
N GLY C 373 13.57 -39.52 -25.48
CA GLY C 373 13.69 -40.97 -25.43
C GLY C 373 12.57 -41.73 -26.09
N LEU C 374 11.54 -41.10 -26.65
CA LEU C 374 10.43 -41.84 -27.28
C LEU C 374 10.88 -42.46 -28.58
N THR C 375 10.44 -43.69 -28.80
CA THR C 375 10.80 -44.41 -30.02
C THR C 375 9.64 -44.34 -30.98
N GLU C 376 9.93 -44.72 -32.22
CA GLU C 376 8.82 -44.74 -33.15
C GLU C 376 7.64 -45.63 -32.68
N ALA C 377 7.93 -46.74 -31.99
CA ALA C 377 6.82 -47.56 -31.52
C ALA C 377 6.01 -46.89 -30.41
N ASP C 378 6.73 -46.10 -29.62
CA ASP C 378 6.07 -45.39 -28.53
C ASP C 378 5.00 -44.54 -29.18
N ILE C 379 5.40 -43.83 -30.23
CA ILE C 379 4.44 -42.95 -30.89
C ILE C 379 3.32 -43.76 -31.53
N ASP C 380 3.61 -44.88 -32.18
CA ASP C 380 2.54 -45.64 -32.80
C ASP C 380 1.56 -45.99 -31.69
N ARG C 381 2.12 -46.35 -30.55
CA ARG C 381 1.32 -46.69 -29.38
C ARG C 381 0.47 -45.51 -28.90
N VAL C 382 0.97 -44.29 -28.96
CA VAL C 382 0.14 -43.19 -28.52
C VAL C 382 -0.98 -42.96 -29.48
N ILE C 383 -0.69 -43.06 -30.77
CA ILE C 383 -1.70 -42.76 -31.76
C ILE C 383 -2.79 -43.81 -31.70
N ALA C 384 -2.35 -45.04 -31.47
CA ALA C 384 -3.30 -46.13 -31.40
C ALA C 384 -4.19 -45.86 -30.20
N ALA C 385 -3.59 -45.49 -29.08
CA ALA C 385 -4.38 -45.14 -27.90
C ALA C 385 -5.39 -44.00 -28.23
N LEU C 386 -4.92 -42.95 -28.89
CA LEU C 386 -5.78 -41.84 -29.28
C LEU C 386 -6.89 -42.35 -30.20
N ASP C 387 -6.55 -43.22 -31.13
CA ASP C 387 -7.63 -43.73 -31.97
C ASP C 387 -8.76 -44.39 -31.11
N GLN C 388 -8.35 -45.14 -30.10
CA GLN C 388 -9.33 -45.79 -29.25
C GLN C 388 -10.12 -44.85 -28.31
N VAL C 389 -9.49 -43.78 -27.84
CA VAL C 389 -10.14 -42.86 -26.88
C VAL C 389 -10.80 -41.60 -27.38
N LEU C 390 -10.50 -41.24 -28.65
CA LEU C 390 -11.09 -40.06 -29.24
C LEU C 390 -12.40 -40.43 -29.89
N VAL C 391 -13.43 -40.43 -29.07
CA VAL C 391 -14.82 -40.76 -29.42
C VAL C 391 -15.77 -39.61 -29.06
N PRO D 25 49.86 -23.37 2.80
CA PRO D 25 48.70 -23.25 1.94
C PRO D 25 47.57 -22.50 2.67
N ARG D 26 46.53 -22.17 1.91
CA ARG D 26 45.35 -21.44 2.40
C ARG D 26 44.45 -22.21 3.36
N ILE D 27 44.05 -21.51 4.41
CA ILE D 27 43.11 -22.07 5.37
C ILE D 27 41.74 -21.41 5.06
N SER D 28 40.73 -22.22 4.77
CA SER D 28 39.43 -21.61 4.48
C SER D 28 38.64 -21.44 5.77
N VAL D 29 37.71 -20.50 5.76
CA VAL D 29 36.97 -20.31 6.99
C VAL D 29 35.96 -21.44 7.28
N ALA D 30 35.57 -22.14 6.21
CA ALA D 30 34.61 -23.22 6.29
C ALA D 30 34.84 -24.07 5.06
N ALA D 31 34.31 -25.29 5.11
CA ALA D 31 34.37 -26.26 4.01
C ALA D 31 33.52 -27.42 4.43
N PRO D 32 32.88 -28.10 3.49
CA PRO D 32 32.07 -29.28 3.80
C PRO D 32 33.02 -30.48 3.91
N ARG D 33 32.56 -31.59 4.50
CA ARG D 33 33.38 -32.79 4.61
C ARG D 33 32.48 -33.86 3.99
N LEU D 34 32.73 -34.26 2.76
CA LEU D 34 31.81 -35.19 2.12
C LEU D 34 32.43 -36.57 2.31
N ASP D 35 32.42 -37.07 3.52
CA ASP D 35 33.08 -38.35 3.73
C ASP D 35 32.10 -39.43 4.14
N GLY D 36 30.90 -39.42 3.56
CA GLY D 36 29.90 -40.45 3.89
C GLY D 36 29.41 -41.03 2.57
N ASN D 37 28.10 -41.21 2.49
CA ASN D 37 27.44 -41.70 1.28
C ASN D 37 27.13 -40.68 0.21
N GLU D 38 27.61 -39.45 0.35
CA GLU D 38 27.24 -38.39 -0.62
C GLU D 38 27.41 -38.77 -2.08
N ARG D 39 28.64 -39.14 -2.39
CA ARG D 39 28.95 -39.48 -3.77
C ARG D 39 28.06 -40.60 -4.25
N ASP D 40 27.90 -41.65 -3.47
CA ASP D 40 27.04 -42.74 -3.91
C ASP D 40 25.57 -42.41 -4.11
N TYR D 41 25.01 -41.73 -3.13
CA TYR D 41 23.62 -41.30 -3.25
C TYR D 41 23.45 -40.37 -4.46
N VAL D 42 24.40 -39.46 -4.68
CA VAL D 42 24.25 -38.56 -5.80
C VAL D 42 24.31 -39.40 -7.07
N LEU D 43 25.19 -40.41 -7.09
CA LEU D 43 25.27 -41.25 -8.31
C LEU D 43 23.97 -41.99 -8.54
N GLU D 44 23.37 -42.40 -7.44
CA GLU D 44 22.09 -43.05 -7.62
C GLU D 44 21.11 -42.05 -8.28
N CYS D 45 21.12 -40.76 -7.91
CA CYS D 45 20.21 -39.77 -8.52
C CYS D 45 20.51 -39.74 -9.98
N MET D 46 21.79 -39.64 -10.30
CA MET D 46 22.22 -39.53 -11.70
C MET D 46 21.86 -40.76 -12.55
N ASP D 47 22.16 -41.92 -12.01
CA ASP D 47 21.90 -43.13 -12.76
C ASP D 47 20.41 -43.41 -12.90
N THR D 48 19.60 -43.13 -11.89
CA THR D 48 18.15 -43.34 -12.00
C THR D 48 17.47 -42.26 -12.82
N THR D 49 18.18 -41.15 -13.01
CA THR D 49 17.74 -39.93 -13.71
C THR D 49 16.79 -39.12 -12.88
N TRP D 50 16.63 -39.45 -11.59
CA TRP D 50 15.80 -38.61 -10.72
C TRP D 50 16.63 -37.49 -10.08
N ILE D 51 16.71 -36.37 -10.81
CA ILE D 51 17.51 -35.19 -10.48
C ILE D 51 16.77 -33.88 -10.19
N SER D 52 15.46 -33.85 -10.40
CA SER D 52 14.69 -32.61 -10.10
C SER D 52 14.15 -32.78 -8.66
N SER D 53 13.12 -32.00 -8.40
CA SER D 53 12.46 -32.03 -7.12
C SER D 53 11.54 -33.23 -6.97
N VAL D 54 11.61 -34.13 -7.93
CA VAL D 54 10.80 -35.36 -7.88
C VAL D 54 11.87 -36.42 -7.62
N GLY D 55 11.76 -37.11 -6.50
CA GLY D 55 12.76 -38.11 -6.13
C GLY D 55 12.59 -38.65 -4.69
N ARG D 56 13.04 -39.88 -4.43
CA ARG D 56 12.88 -40.49 -3.11
C ARG D 56 13.72 -39.87 -1.97
N PHE D 57 14.85 -39.26 -2.29
CA PHE D 57 15.67 -38.76 -1.19
C PHE D 57 15.07 -37.57 -0.46
N ILE D 58 14.22 -36.79 -1.15
CA ILE D 58 13.62 -35.64 -0.46
C ILE D 58 12.82 -36.03 0.80
N VAL D 59 11.89 -36.97 0.62
CA VAL D 59 11.10 -37.42 1.75
C VAL D 59 11.96 -38.17 2.76
N GLU D 60 12.90 -38.94 2.26
CA GLU D 60 13.69 -39.61 3.26
C GLU D 60 14.52 -38.61 4.05
N PHE D 61 15.05 -37.61 3.37
CA PHE D 61 15.84 -36.63 4.13
C PHE D 61 14.93 -35.90 5.14
N GLU D 62 13.71 -35.58 4.72
CA GLU D 62 12.77 -34.90 5.61
C GLU D 62 12.43 -35.76 6.80
N LYS D 63 12.20 -37.05 6.56
CA LYS D 63 11.89 -37.88 7.73
C LYS D 63 13.02 -37.94 8.73
N ALA D 64 14.18 -38.23 8.15
CA ALA D 64 15.32 -38.40 9.02
C ALA D 64 15.59 -37.10 9.78
N PHE D 65 15.46 -35.95 9.10
CA PHE D 65 15.74 -34.68 9.76
C PHE D 65 14.75 -34.37 10.85
N ALA D 66 13.51 -34.68 10.54
CA ALA D 66 12.48 -34.47 11.55
C ALA D 66 12.81 -35.37 12.73
N ASP D 67 13.19 -36.61 12.45
CA ASP D 67 13.43 -37.52 13.57
C ASP D 67 14.58 -36.96 14.36
N TYR D 68 15.60 -36.46 13.68
CA TYR D 68 16.79 -35.92 14.36
C TYR D 68 16.48 -34.76 15.32
N CYS D 69 15.56 -33.89 14.94
CA CYS D 69 15.28 -32.77 15.81
C CYS D 69 14.17 -33.11 16.78
N GLY D 70 13.57 -34.30 16.66
CA GLY D 70 12.43 -34.70 17.51
C GLY D 70 11.08 -34.01 17.23
N VAL D 71 10.82 -33.73 15.95
CA VAL D 71 9.64 -32.99 15.62
C VAL D 71 8.84 -33.81 14.62
N LYS D 72 7.59 -33.43 14.44
CA LYS D 72 6.70 -34.18 13.59
C LYS D 72 6.94 -33.96 12.11
N HIS D 73 7.12 -32.72 11.69
CA HIS D 73 7.27 -32.46 10.28
C HIS D 73 8.54 -31.71 9.92
N ALA D 74 9.07 -32.04 8.74
CA ALA D 74 10.24 -31.36 8.14
C ALA D 74 9.91 -31.14 6.64
N ILE D 75 10.04 -29.88 6.21
CA ILE D 75 9.72 -29.46 4.86
C ILE D 75 11.01 -28.97 4.22
N ALA D 76 11.50 -29.73 3.24
CA ALA D 76 12.74 -29.35 2.57
C ALA D 76 12.53 -28.23 1.55
N CYS D 77 13.45 -27.26 1.54
CA CYS D 77 13.38 -26.07 0.64
C CYS D 77 14.71 -25.86 -0.10
N ASN D 78 14.69 -24.96 -1.10
CA ASN D 78 15.88 -24.71 -1.89
C ASN D 78 17.00 -23.95 -1.20
N ASN D 79 16.70 -23.24 -0.12
CA ASN D 79 17.71 -22.58 0.74
C ASN D 79 17.15 -22.10 2.07
N GLY D 80 18.03 -21.65 2.96
CA GLY D 80 17.55 -21.20 4.28
C GLY D 80 16.74 -19.92 4.19
N THR D 81 16.94 -19.12 3.14
CA THR D 81 16.19 -17.88 2.96
C THR D 81 14.76 -18.14 2.52
N THR D 82 14.57 -19.03 1.55
CA THR D 82 13.21 -19.28 1.07
C THR D 82 12.51 -20.11 2.18
N ALA D 83 13.21 -20.93 2.98
CA ALA D 83 12.53 -21.64 4.10
C ALA D 83 11.94 -20.59 5.04
N LEU D 84 12.72 -19.53 5.37
CA LEU D 84 12.20 -18.46 6.25
C LEU D 84 10.95 -17.80 5.67
N HIS D 85 11.10 -17.44 4.39
CA HIS D 85 10.01 -16.78 3.69
C HIS D 85 8.78 -17.65 3.72
N LEU D 86 8.97 -18.88 3.29
CA LEU D 86 7.87 -19.85 3.24
C LEU D 86 7.17 -19.99 4.58
N ALA D 87 7.99 -20.18 5.60
CA ALA D 87 7.53 -20.35 6.99
C ALA D 87 6.72 -19.10 7.39
N LEU D 88 7.26 -17.93 7.13
CA LEU D 88 6.50 -16.74 7.53
C LEU D 88 5.15 -16.60 6.79
N VAL D 89 5.14 -16.87 5.49
CA VAL D 89 3.85 -16.78 4.76
C VAL D 89 2.86 -17.82 5.30
N ALA D 90 3.36 -19.00 5.55
CA ALA D 90 2.48 -20.05 6.03
C ALA D 90 1.91 -19.62 7.35
N MET D 91 2.72 -18.94 8.15
CA MET D 91 2.30 -18.48 9.45
C MET D 91 1.27 -17.34 9.34
N GLY D 92 1.13 -16.74 8.17
CA GLY D 92 0.14 -15.67 8.05
C GLY D 92 0.73 -14.28 8.18
N ILE D 93 2.06 -14.18 8.16
CA ILE D 93 2.66 -12.86 8.32
C ILE D 93 2.43 -12.08 7.00
N GLY D 94 2.00 -10.82 7.10
CA GLY D 94 1.77 -10.05 5.90
C GLY D 94 1.80 -8.56 6.16
N PRO D 95 1.31 -7.79 5.17
CA PRO D 95 1.39 -6.35 5.30
C PRO D 95 0.79 -5.88 6.57
N GLY D 96 1.55 -5.02 7.22
CA GLY D 96 1.04 -4.47 8.47
C GLY D 96 1.50 -5.15 9.75
N ASP D 97 1.91 -6.40 9.65
CA ASP D 97 2.36 -7.13 10.85
C ASP D 97 3.78 -6.69 11.14
N GLU D 98 4.09 -6.89 12.41
CA GLU D 98 5.45 -6.70 12.92
C GLU D 98 6.02 -8.04 13.37
N VAL D 99 7.32 -8.25 13.10
CA VAL D 99 7.96 -9.47 13.57
C VAL D 99 9.25 -8.98 14.25
N ILE D 100 9.45 -9.39 15.50
CA ILE D 100 10.65 -8.92 16.20
C ILE D 100 11.82 -9.79 15.76
N VAL D 101 12.89 -9.15 15.31
CA VAL D 101 14.07 -9.84 14.80
C VAL D 101 15.31 -9.13 15.37
N PRO D 102 16.39 -9.85 15.70
CA PRO D 102 17.58 -9.13 16.23
C PRO D 102 18.22 -8.34 15.11
N SER D 103 18.74 -7.18 15.47
CA SER D 103 19.46 -6.41 14.45
C SER D 103 20.78 -7.18 14.10
N LEU D 104 21.37 -7.88 15.07
CA LEU D 104 22.60 -8.62 14.73
C LEU D 104 22.24 -9.98 14.20
N THR D 105 22.26 -10.15 12.87
CA THR D 105 21.95 -11.44 12.29
C THR D 105 22.33 -11.39 10.82
N TYR D 106 22.21 -12.54 10.13
CA TYR D 106 22.42 -12.54 8.69
C TYR D 106 21.16 -11.89 8.07
N ILE D 107 21.35 -11.02 7.06
CA ILE D 107 20.21 -10.25 6.51
C ILE D 107 18.90 -10.99 6.12
N ALA D 108 19.02 -12.28 5.74
CA ALA D 108 17.84 -13.06 5.36
C ALA D 108 16.80 -13.06 6.49
N SER D 109 17.22 -13.03 7.75
CA SER D 109 16.20 -13.06 8.81
C SER D 109 15.23 -11.88 8.63
N ALA D 110 15.79 -10.69 8.36
CA ALA D 110 14.93 -9.52 8.22
C ALA D 110 14.30 -9.50 6.85
N ASN D 111 15.08 -9.82 5.82
CA ASN D 111 14.51 -9.78 4.47
C ASN D 111 13.27 -10.67 4.35
N SER D 112 13.29 -11.81 5.01
CA SER D 112 12.14 -12.75 4.86
C SER D 112 10.87 -12.09 5.37
N VAL D 113 11.02 -11.30 6.43
CA VAL D 113 9.86 -10.56 6.94
C VAL D 113 9.42 -9.53 5.86
N THR D 114 10.41 -8.80 5.32
CA THR D 114 10.20 -7.80 4.27
C THR D 114 9.46 -8.38 3.08
N TYR D 115 9.83 -9.58 2.65
CA TYR D 115 9.15 -10.19 1.50
C TYR D 115 7.63 -10.31 1.73
N CYS D 116 7.23 -10.57 2.97
CA CYS D 116 5.80 -10.73 3.32
C CYS D 116 5.01 -9.43 3.33
N GLY D 117 5.71 -8.30 3.21
CA GLY D 117 5.11 -6.97 3.28
C GLY D 117 5.04 -6.55 4.80
N ALA D 118 5.64 -7.36 5.70
CA ALA D 118 5.64 -7.12 7.17
C ALA D 118 6.83 -6.26 7.61
N THR D 119 6.74 -5.77 8.84
CA THR D 119 7.79 -4.87 9.29
C THR D 119 8.67 -5.52 10.39
N PRO D 120 9.97 -5.55 10.13
CA PRO D 120 10.86 -6.07 11.16
C PRO D 120 10.92 -5.07 12.32
N VAL D 121 10.96 -5.55 13.57
CA VAL D 121 11.10 -4.65 14.70
C VAL D 121 12.42 -5.17 15.37
N LEU D 122 13.54 -4.45 15.21
CA LEU D 122 14.83 -4.96 15.66
C LEU D 122 14.99 -4.91 17.17
N VAL D 123 15.71 -5.89 17.69
CA VAL D 123 15.94 -5.96 19.14
C VAL D 123 17.40 -6.22 19.36
N ASP D 124 17.89 -5.73 20.50
CA ASP D 124 19.33 -5.90 20.79
C ASP D 124 19.62 -7.34 21.20
N ASN D 125 20.91 -7.64 21.27
CA ASN D 125 21.35 -8.96 21.68
C ASN D 125 22.29 -8.91 22.89
N ASP D 126 22.61 -10.11 23.37
CA ASP D 126 23.53 -10.33 24.49
C ASP D 126 25.00 -10.17 24.07
N PRO D 127 25.77 -9.48 24.90
CA PRO D 127 27.14 -9.19 24.52
C PRO D 127 28.00 -10.44 24.64
N ARG D 128 27.50 -11.49 25.29
CA ARG D 128 28.34 -12.67 25.37
C ARG D 128 27.98 -13.74 24.39
N THR D 129 26.68 -13.99 24.26
CA THR D 129 26.21 -15.04 23.36
C THR D 129 25.88 -14.54 21.94
N PHE D 130 25.89 -13.22 21.76
CA PHE D 130 25.53 -12.62 20.47
C PHE D 130 24.04 -12.79 20.13
N ASN D 131 23.25 -13.39 21.02
CA ASN D 131 21.88 -13.74 20.71
C ASN D 131 20.82 -12.84 21.32
N LEU D 132 19.63 -12.91 20.72
CA LEU D 132 18.48 -12.09 21.13
C LEU D 132 18.40 -11.81 22.62
N ASP D 133 18.30 -10.56 23.03
CA ASP D 133 18.22 -10.30 24.47
C ASP D 133 16.78 -10.33 24.96
N ALA D 134 16.39 -11.46 25.57
CA ALA D 134 15.02 -11.66 26.01
C ALA D 134 14.50 -10.54 26.89
N ALA D 135 15.36 -9.93 27.71
CA ALA D 135 14.91 -8.81 28.58
C ALA D 135 14.49 -7.60 27.80
N LYS D 136 14.76 -7.60 26.52
CA LYS D 136 14.37 -6.43 25.77
C LYS D 136 13.17 -6.70 24.91
N LEU D 137 12.61 -7.89 25.01
CA LEU D 137 11.51 -8.09 24.11
C LEU D 137 10.25 -7.29 24.39
N GLU D 138 9.79 -7.45 25.62
CA GLU D 138 8.52 -6.92 26.05
C GLU D 138 8.15 -5.52 25.60
N ALA D 139 9.11 -4.61 25.74
CA ALA D 139 8.92 -3.22 25.42
C ALA D 139 8.77 -3.08 23.91
N LEU D 140 8.94 -4.14 23.14
CA LEU D 140 8.90 -3.90 21.70
C LEU D 140 7.60 -4.38 21.14
N ILE D 141 6.82 -5.01 22.00
CA ILE D 141 5.56 -5.54 21.57
C ILE D 141 4.50 -4.43 21.42
N THR D 142 3.79 -4.47 20.30
CA THR D 142 2.73 -3.49 20.00
C THR D 142 1.51 -4.28 19.48
N PRO D 143 0.43 -3.55 19.13
CA PRO D 143 -0.75 -4.23 18.62
C PRO D 143 -0.42 -4.94 17.33
N ARG D 144 0.66 -4.56 16.66
CA ARG D 144 0.93 -5.20 15.35
C ARG D 144 1.81 -6.45 15.43
N THR D 145 2.35 -6.72 16.61
CA THR D 145 3.29 -7.84 16.67
C THR D 145 2.61 -9.16 16.44
N LYS D 146 3.20 -10.03 15.61
CA LYS D 146 2.58 -11.33 15.39
C LYS D 146 3.57 -12.43 15.75
N ALA D 147 4.86 -12.12 15.74
CA ALA D 147 5.83 -13.21 15.98
C ALA D 147 7.16 -12.68 16.39
N ILE D 148 7.95 -13.59 16.94
CA ILE D 148 9.30 -13.27 17.39
C ILE D 148 10.20 -14.29 16.73
N MET D 149 11.31 -13.78 16.21
CA MET D 149 12.27 -14.64 15.55
C MET D 149 13.60 -14.69 16.27
N PRO D 150 13.74 -15.51 17.31
CA PRO D 150 15.06 -15.70 17.92
C PRO D 150 16.00 -16.32 16.87
N VAL D 151 17.25 -15.86 16.79
CA VAL D 151 18.22 -16.40 15.79
C VAL D 151 19.34 -17.09 16.58
N HIS D 152 19.60 -18.39 16.35
CA HIS D 152 20.64 -19.10 17.15
C HIS D 152 22.02 -18.91 16.48
N LEU D 153 22.64 -17.79 16.79
CA LEU D 153 23.88 -17.52 16.11
C LEU D 153 25.04 -18.45 16.47
N TYR D 154 25.75 -18.82 15.42
CA TYR D 154 27.04 -19.50 15.54
C TYR D 154 26.98 -20.89 16.15
N GLY D 155 25.78 -21.46 16.29
CA GLY D 155 25.57 -22.80 16.82
C GLY D 155 25.04 -22.83 18.25
N GLN D 156 24.66 -21.67 18.76
CA GLN D 156 24.21 -21.60 20.13
C GLN D 156 22.78 -21.14 20.14
N ILE D 157 21.96 -21.89 20.87
CA ILE D 157 20.54 -21.57 20.95
C ILE D 157 20.23 -20.40 21.91
N CYS D 158 19.31 -19.51 21.51
CA CYS D 158 18.90 -18.34 22.34
C CYS D 158 18.33 -18.84 23.68
N ASP D 159 18.18 -17.94 24.66
CA ASP D 159 17.58 -18.32 25.97
C ASP D 159 16.10 -18.47 25.72
N MET D 160 15.72 -19.66 25.23
CA MET D 160 14.35 -19.90 24.77
C MET D 160 13.23 -19.74 25.80
N ASP D 161 13.51 -20.16 27.02
CA ASP D 161 12.49 -20.13 28.06
C ASP D 161 11.75 -18.81 28.23
N PRO D 162 12.53 -17.79 28.53
CA PRO D 162 11.88 -16.52 28.72
C PRO D 162 11.25 -15.99 27.41
N ILE D 163 11.84 -16.34 26.27
CA ILE D 163 11.34 -15.83 25.00
C ILE D 163 9.99 -16.46 24.79
N LEU D 164 9.88 -17.75 25.03
CA LEU D 164 8.58 -18.43 24.85
C LEU D 164 7.58 -17.89 25.87
N GLU D 165 8.11 -17.56 27.03
CA GLU D 165 7.22 -17.06 28.04
C GLU D 165 6.65 -15.73 27.59
N VAL D 166 7.51 -14.85 27.10
CA VAL D 166 6.97 -13.57 26.68
C VAL D 166 5.98 -13.82 25.55
N ALA D 167 6.33 -14.68 24.59
CA ALA D 167 5.44 -14.94 23.47
C ALA D 167 4.09 -15.49 23.93
N ARG D 168 4.11 -16.35 24.95
CA ARG D 168 2.85 -16.97 25.35
C ARG D 168 1.91 -15.93 25.97
N ARG D 169 2.52 -15.08 26.78
CA ARG D 169 1.82 -14.02 27.44
C ARG D 169 1.17 -13.06 26.45
N HIS D 170 1.75 -12.88 25.27
CA HIS D 170 1.24 -11.98 24.24
C HIS D 170 0.64 -12.66 23.01
N ASN D 171 0.38 -13.97 23.10
CA ASN D 171 -0.18 -14.70 22.01
C ASN D 171 0.56 -14.42 20.73
N LEU D 172 1.88 -14.57 20.78
CA LEU D 172 2.69 -14.36 19.58
C LEU D 172 3.23 -15.71 19.15
N LEU D 173 3.60 -15.80 17.88
CA LEU D 173 4.25 -17.01 17.42
C LEU D 173 5.75 -16.82 17.59
N VAL D 174 6.43 -17.96 17.57
CA VAL D 174 7.89 -17.90 17.66
C VAL D 174 8.39 -18.76 16.52
N ILE D 175 9.19 -18.10 15.69
CA ILE D 175 9.86 -18.83 14.58
C ILE D 175 11.38 -18.90 14.85
N GLU D 176 12.00 -20.07 15.06
CA GLU D 176 13.46 -20.01 15.31
C GLU D 176 14.21 -19.91 13.98
N ASP D 177 15.13 -18.97 13.82
CA ASP D 177 16.00 -19.01 12.63
C ASP D 177 17.24 -19.81 13.12
N ALA D 178 17.23 -21.11 12.83
CA ALA D 178 18.24 -21.99 13.35
C ALA D 178 19.20 -22.34 12.25
N ALA D 179 19.28 -21.47 11.25
CA ALA D 179 20.20 -21.69 10.12
C ALA D 179 21.54 -22.24 10.54
N GLU D 180 22.16 -21.63 11.57
CA GLU D 180 23.52 -21.90 12.01
C GLU D 180 23.61 -22.83 13.19
N ALA D 181 22.53 -23.56 13.48
CA ALA D 181 22.54 -24.39 14.72
C ALA D 181 22.04 -25.83 14.65
N VAL D 182 22.21 -26.51 13.52
CA VAL D 182 21.70 -27.90 13.50
C VAL D 182 22.46 -28.67 14.59
N GLY D 183 21.80 -29.57 15.33
CA GLY D 183 22.49 -30.36 16.36
C GLY D 183 22.52 -29.71 17.75
N ALA D 184 22.31 -28.40 17.84
CA ALA D 184 22.35 -27.75 19.14
C ALA D 184 21.14 -28.19 20.01
N THR D 185 21.30 -28.07 21.33
CA THR D 185 20.22 -28.39 22.27
C THR D 185 19.97 -27.33 23.32
N TYR D 186 18.74 -27.32 23.81
CA TYR D 186 18.46 -26.36 24.83
C TYR D 186 17.56 -27.12 25.80
N ARG D 187 18.08 -27.27 27.02
CA ARG D 187 17.32 -27.95 28.06
C ARG D 187 16.70 -29.24 27.53
N GLY D 188 17.52 -30.00 26.81
CA GLY D 188 17.06 -31.29 26.30
C GLY D 188 16.29 -31.34 24.99
N LYS D 189 16.11 -30.17 24.38
CA LYS D 189 15.39 -30.16 23.13
C LYS D 189 16.34 -29.68 22.05
N LYS D 190 16.19 -30.27 20.87
CA LYS D 190 17.04 -29.87 19.75
C LYS D 190 16.54 -28.57 19.18
N SER D 191 17.46 -27.82 18.60
CA SER D 191 17.04 -26.66 17.85
C SER D 191 16.07 -27.18 16.84
N GLY D 192 15.11 -26.33 16.48
CA GLY D 192 14.11 -26.66 15.49
C GLY D 192 12.85 -27.18 16.16
N SER D 193 12.90 -27.55 17.45
CA SER D 193 11.70 -28.13 18.07
C SER D 193 11.18 -27.20 19.13
N LEU D 194 11.79 -26.03 19.23
CA LEU D 194 11.37 -25.15 20.30
C LEU D 194 10.28 -24.14 19.98
N GLY D 195 10.30 -23.50 18.82
CA GLY D 195 9.27 -22.47 18.56
C GLY D 195 8.06 -23.08 17.86
N ASP D 196 7.14 -22.25 17.36
CA ASP D 196 6.07 -22.85 16.54
C ASP D 196 6.60 -23.46 15.25
N CYS D 197 7.71 -22.94 14.73
CA CYS D 197 8.36 -23.57 13.60
C CYS D 197 9.78 -23.09 13.64
N ALA D 198 10.59 -23.67 12.77
CA ALA D 198 12.00 -23.25 12.77
C ALA D 198 12.56 -23.46 11.37
N THR D 199 13.64 -22.75 11.05
CA THR D 199 14.28 -22.97 9.75
C THR D 199 15.77 -23.28 9.93
N PHE D 200 16.28 -24.00 8.93
CA PHE D 200 17.70 -24.30 8.84
C PHE D 200 18.25 -23.99 7.46
N SER D 201 19.56 -23.77 7.41
CA SER D 201 20.27 -23.60 6.13
C SER D 201 21.27 -24.75 5.98
N PHE D 202 21.47 -25.20 4.73
CA PHE D 202 22.42 -26.27 4.40
C PHE D 202 23.43 -25.76 3.34
N PHE D 203 23.71 -24.46 3.41
CA PHE D 203 24.64 -23.82 2.49
C PHE D 203 25.99 -24.53 2.67
N GLY D 204 26.88 -24.40 1.68
CA GLY D 204 28.21 -25.09 1.67
C GLY D 204 29.13 -24.92 2.88
N ASN D 205 28.96 -23.88 3.69
CA ASN D 205 29.82 -23.68 4.86
C ASN D 205 29.20 -24.28 6.13
N ALA D 206 28.00 -24.84 6.02
CA ALA D 206 27.23 -25.34 7.16
C ALA D 206 27.68 -26.68 7.80
N ILE D 207 27.27 -26.96 9.03
CA ILE D 207 27.65 -28.22 9.72
C ILE D 207 27.23 -29.41 8.87
N ILE D 208 26.01 -29.30 8.36
CA ILE D 208 25.45 -30.29 7.46
CA ILE D 208 25.40 -30.27 7.46
C ILE D 208 25.13 -29.46 6.20
N THR D 209 25.55 -29.94 5.04
CA THR D 209 25.31 -29.19 3.83
C THR D 209 24.59 -30.00 2.73
N THR D 210 23.95 -29.24 1.85
CA THR D 210 23.38 -29.75 0.61
C THR D 210 23.90 -28.92 -0.59
N GLY D 211 24.95 -28.11 -0.40
CA GLY D 211 25.42 -27.18 -1.43
C GLY D 211 24.61 -25.87 -1.17
N GLU D 212 23.34 -25.89 -1.56
CA GLU D 212 22.37 -24.83 -1.22
C GLU D 212 21.15 -25.69 -0.77
N GLY D 213 20.45 -25.29 0.28
CA GLY D 213 19.26 -26.04 0.71
C GLY D 213 18.78 -25.47 2.04
N GLY D 214 17.54 -25.80 2.43
CA GLY D 214 17.04 -25.31 3.73
C GLY D 214 15.99 -26.30 4.20
N MET D 215 15.44 -26.08 5.39
CA MET D 215 14.41 -26.97 5.91
C MET D 215 13.60 -26.16 6.89
N ILE D 216 12.31 -26.48 6.96
CA ILE D 216 11.47 -25.90 8.01
C ILE D 216 11.07 -27.09 8.87
N THR D 217 11.06 -26.88 10.19
CA THR D 217 10.61 -27.95 11.07
C THR D 217 9.44 -27.38 11.89
N THR D 218 8.46 -28.25 12.17
CA THR D 218 7.32 -27.86 13.01
C THR D 218 6.61 -29.11 13.52
N ASN D 219 5.90 -28.93 14.63
CA ASN D 219 5.05 -30.01 15.15
C ASN D 219 3.60 -29.77 14.77
N ASP D 220 3.31 -28.63 14.13
CA ASP D 220 1.93 -28.24 13.79
C ASP D 220 1.49 -28.71 12.40
N ASP D 221 0.48 -29.57 12.44
CA ASP D 221 -0.04 -30.14 11.23
C ASP D 221 -0.52 -29.11 10.21
N ASP D 222 -1.26 -28.10 10.68
CA ASP D 222 -1.79 -27.13 9.73
C ASP D 222 -0.73 -26.36 8.97
N LEU D 223 0.18 -25.86 9.80
CA LEU D 223 1.28 -25.05 9.33
C LEU D 223 2.04 -25.88 8.29
N ALA D 224 2.30 -27.14 8.64
CA ALA D 224 3.05 -27.98 7.69
C ALA D 224 2.32 -28.16 6.34
N ALA D 225 1.00 -28.31 6.39
CA ALA D 225 0.27 -28.57 5.16
C ALA D 225 0.29 -27.32 4.34
N LYS D 226 0.17 -26.20 5.03
CA LYS D 226 0.23 -24.93 4.31
C LYS D 226 1.63 -24.73 3.68
N MET D 227 2.68 -25.01 4.42
CA MET D 227 4.02 -24.81 3.88
C MET D 227 4.18 -25.73 2.68
N ARG D 228 3.71 -26.97 2.76
CA ARG D 228 3.88 -27.87 1.57
C ARG D 228 3.08 -27.43 0.35
N LEU D 229 1.92 -26.85 0.59
CA LEU D 229 1.10 -26.40 -0.52
C LEU D 229 1.77 -25.20 -1.18
N LEU D 230 2.21 -24.25 -0.36
CA LEU D 230 2.85 -23.04 -0.87
C LEU D 230 4.20 -23.36 -1.57
N ARG D 231 4.92 -24.34 -1.03
CA ARG D 231 6.22 -24.73 -1.61
C ARG D 231 6.09 -25.30 -3.00
N GLY D 232 5.02 -26.06 -3.26
CA GLY D 232 4.80 -26.69 -4.57
C GLY D 232 3.92 -25.81 -5.50
N GLN D 233 4.25 -24.50 -5.59
CA GLN D 233 3.59 -23.53 -6.45
C GLN D 233 2.11 -23.34 -6.13
N GLY D 234 1.64 -23.80 -4.97
CA GLY D 234 0.23 -23.60 -4.63
C GLY D 234 -0.70 -24.51 -5.44
N MET D 235 -0.19 -25.52 -6.14
CA MET D 235 -1.07 -26.37 -6.96
C MET D 235 -1.96 -27.35 -6.21
N ASP D 236 -3.16 -27.61 -6.74
CA ASP D 236 -4.01 -28.66 -6.16
C ASP D 236 -3.37 -30.02 -6.52
N PRO D 237 -3.04 -30.80 -5.48
CA PRO D 237 -2.39 -32.10 -5.69
C PRO D 237 -3.19 -33.04 -6.60
N ASN D 238 -4.49 -32.78 -6.73
CA ASN D 238 -5.39 -33.63 -7.50
C ASN D 238 -5.96 -33.00 -8.76
N ARG D 239 -5.47 -31.85 -9.17
CA ARG D 239 -6.03 -31.25 -10.39
C ARG D 239 -4.82 -30.59 -11.04
N ARG D 240 -4.31 -31.25 -12.06
CA ARG D 240 -3.08 -30.84 -12.75
C ARG D 240 -3.22 -29.43 -13.22
N TYR D 241 -2.29 -28.57 -12.79
CA TYR D 241 -2.31 -27.17 -13.22
C TYR D 241 -3.53 -26.40 -12.73
N TRP D 242 -4.13 -26.87 -11.65
CA TRP D 242 -5.19 -26.11 -10.99
C TRP D 242 -4.54 -25.50 -9.72
N PHE D 243 -4.53 -24.17 -9.64
CA PHE D 243 -3.89 -23.45 -8.52
C PHE D 243 -4.87 -22.64 -7.67
N PRO D 244 -5.18 -23.10 -6.46
CA PRO D 244 -6.13 -22.32 -5.63
C PRO D 244 -5.51 -21.10 -5.00
N ILE D 245 -4.19 -21.09 -4.87
CA ILE D 245 -3.58 -19.93 -4.22
C ILE D 245 -2.29 -19.59 -4.92
N VAL D 246 -1.75 -18.42 -4.55
CA VAL D 246 -0.44 -18.01 -5.08
C VAL D 246 0.69 -18.72 -4.28
N GLY D 247 1.55 -19.47 -4.95
CA GLY D 247 2.57 -20.25 -4.24
C GLY D 247 3.93 -19.83 -4.79
N PHE D 248 4.90 -20.69 -4.50
CA PHE D 248 6.27 -20.40 -4.86
C PHE D 248 6.92 -21.62 -5.45
N ASN D 249 8.12 -21.42 -6.02
CA ASN D 249 8.86 -22.62 -6.47
C ASN D 249 10.05 -22.72 -5.47
N TYR D 250 9.84 -23.39 -4.35
CA TYR D 250 10.87 -23.44 -3.33
C TYR D 250 11.25 -24.89 -3.00
N ARG D 251 10.99 -25.80 -3.92
CA ARG D 251 11.35 -27.19 -3.57
C ARG D 251 12.88 -27.49 -3.63
N MET D 252 13.34 -28.45 -2.83
CA MET D 252 14.72 -28.93 -2.87
C MET D 252 14.80 -29.98 -4.01
N THR D 253 15.98 -30.19 -4.59
CA THR D 253 16.07 -31.22 -5.63
C THR D 253 16.46 -32.52 -4.93
N ASN D 254 16.30 -33.61 -5.67
CA ASN D 254 16.64 -34.95 -5.17
C ASN D 254 18.16 -35.05 -4.90
N ILE D 255 18.95 -34.35 -5.71
CA ILE D 255 20.41 -34.42 -5.47
C ILE D 255 20.77 -33.70 -4.17
N GLN D 256 20.13 -32.56 -3.91
CA GLN D 256 20.43 -31.84 -2.66
C GLN D 256 20.08 -32.72 -1.47
N ALA D 257 18.90 -33.33 -1.55
CA ALA D 257 18.43 -34.18 -0.45
C ALA D 257 19.34 -35.41 -0.23
N ALA D 258 19.83 -35.98 -1.32
CA ALA D 258 20.72 -37.12 -1.25
C ALA D 258 21.96 -36.70 -0.47
N ILE D 259 22.52 -35.55 -0.85
CA ILE D 259 23.70 -35.10 -0.09
C ILE D 259 23.33 -34.83 1.38
N GLY D 260 22.19 -34.20 1.63
CA GLY D 260 21.80 -33.82 2.98
C GLY D 260 21.63 -35.10 3.80
N LEU D 261 20.98 -36.11 3.20
CA LEU D 261 20.78 -37.35 3.92
C LEU D 261 22.10 -38.02 4.31
N ALA D 262 23.03 -38.11 3.38
CA ALA D 262 24.35 -38.67 3.64
C ALA D 262 25.08 -37.87 4.77
N GLN D 263 24.95 -36.56 4.70
CA GLN D 263 25.54 -35.68 5.74
C GLN D 263 24.91 -35.95 7.12
N LEU D 264 23.58 -35.99 7.18
CA LEU D 264 22.88 -36.22 8.42
C LEU D 264 23.23 -37.59 9.00
N GLU D 265 23.46 -38.54 8.12
CA GLU D 265 23.91 -39.86 8.57
C GLU D 265 25.17 -39.76 9.45
N ARG D 266 26.02 -38.75 9.23
CA ARG D 266 27.25 -38.65 10.00
C ARG D 266 27.27 -37.37 10.83
N VAL D 267 26.08 -36.88 11.15
CA VAL D 267 26.05 -35.64 11.89
C VAL D 267 26.86 -35.71 13.17
N ASP D 268 26.82 -36.85 13.84
CA ASP D 268 27.55 -36.87 15.11
C ASP D 268 29.04 -36.77 14.95
N GLU D 269 29.51 -37.36 13.86
CA GLU D 269 30.93 -37.32 13.60
C GLU D 269 31.29 -35.90 13.25
N HIS D 270 30.40 -35.32 12.44
CA HIS D 270 30.57 -33.95 11.99
C HIS D 270 30.66 -33.02 13.21
N LEU D 271 29.76 -33.23 14.17
CA LEU D 271 29.74 -32.37 15.34
C LEU D 271 31.04 -32.59 16.17
N ALA D 272 31.44 -33.86 16.26
CA ALA D 272 32.63 -34.22 17.04
C ALA D 272 33.85 -33.56 16.43
N ALA D 273 33.88 -33.47 15.11
CA ALA D 273 35.05 -32.85 14.48
C ALA D 273 35.11 -31.36 14.86
N ARG D 274 33.96 -30.69 14.96
CA ARG D 274 34.07 -29.28 15.32
C ARG D 274 34.50 -29.15 16.81
N GLU D 275 34.09 -30.09 17.64
CA GLU D 275 34.52 -30.06 19.03
C GLU D 275 36.02 -30.20 19.17
N ARG D 276 36.59 -30.97 18.27
CA ARG D 276 38.03 -31.17 18.28
C ARG D 276 38.70 -29.86 17.89
N VAL D 277 38.16 -29.18 16.87
CA VAL D 277 38.68 -27.87 16.49
C VAL D 277 38.57 -26.81 17.60
N VAL D 278 37.41 -26.75 18.21
CA VAL D 278 37.13 -25.81 19.27
C VAL D 278 38.05 -26.09 20.47
N GLY D 279 38.25 -27.38 20.77
CA GLY D 279 39.14 -27.77 21.88
C GLY D 279 40.54 -27.24 21.60
N TRP D 280 40.97 -27.38 20.35
CA TRP D 280 42.27 -26.83 20.02
C TRP D 280 42.37 -25.33 20.22
N TYR D 281 41.36 -24.60 19.76
CA TYR D 281 41.42 -23.14 19.95
C TYR D 281 41.47 -22.85 21.44
N GLU D 282 40.57 -23.51 22.18
CA GLU D 282 40.43 -23.23 23.60
C GLU D 282 41.69 -23.56 24.38
N GLN D 283 42.41 -24.62 24.00
CA GLN D 283 43.59 -24.90 24.81
C GLN D 283 44.79 -24.09 24.40
N LYS D 284 44.74 -23.33 23.30
CA LYS D 284 45.83 -22.44 22.86
C LYS D 284 45.60 -20.95 23.01
N LEU D 285 44.40 -20.55 23.45
CA LEU D 285 44.08 -19.12 23.43
C LEU D 285 44.84 -18.15 24.33
N ALA D 286 45.41 -18.68 25.40
CA ALA D 286 46.18 -17.87 26.34
C ALA D 286 47.34 -17.17 25.62
N ARG D 287 47.76 -17.79 24.53
CA ARG D 287 48.82 -17.22 23.75
C ARG D 287 48.38 -15.82 23.35
N LEU D 288 47.07 -15.59 23.30
CA LEU D 288 46.55 -14.29 22.86
C LEU D 288 46.25 -13.30 23.98
N GLY D 289 46.17 -13.81 25.20
CA GLY D 289 45.91 -12.94 26.34
C GLY D 289 44.59 -12.20 26.22
N ASN D 290 44.56 -11.01 26.81
CA ASN D 290 43.32 -10.25 26.80
C ASN D 290 43.07 -9.61 25.41
N ARG D 291 43.86 -9.90 24.38
CA ARG D 291 43.62 -9.33 23.09
C ARG D 291 42.36 -9.87 22.42
N VAL D 292 41.81 -10.96 22.92
CA VAL D 292 40.56 -11.39 22.30
C VAL D 292 39.73 -11.86 23.45
N THR D 293 38.42 -11.93 23.26
CA THR D 293 37.53 -12.53 24.23
C THR D 293 36.91 -13.74 23.57
N LYS D 294 37.10 -14.93 24.17
CA LYS D 294 36.62 -16.17 23.62
C LYS D 294 35.12 -16.32 23.71
N PRO D 295 34.54 -17.17 22.85
CA PRO D 295 33.08 -17.32 22.85
C PRO D 295 32.52 -17.88 24.14
N HIS D 296 31.64 -17.12 24.74
CA HIS D 296 31.02 -17.57 25.97
C HIS D 296 30.06 -18.71 25.64
N VAL D 297 30.01 -19.74 26.49
CA VAL D 297 29.07 -20.84 26.27
C VAL D 297 27.97 -20.83 27.32
N ALA D 298 26.73 -20.52 26.97
CA ALA D 298 25.63 -20.55 27.94
C ALA D 298 25.48 -22.04 28.34
N LEU D 299 25.17 -22.29 29.61
CA LEU D 299 25.05 -23.68 30.08
C LEU D 299 23.70 -24.39 29.94
N THR D 300 22.91 -23.94 28.98
CA THR D 300 21.58 -24.50 28.72
C THR D 300 21.45 -25.69 27.75
N GLY D 301 22.53 -26.08 27.07
CA GLY D 301 22.45 -27.25 26.19
C GLY D 301 23.72 -27.18 25.34
N ARG D 302 23.78 -27.99 24.29
CA ARG D 302 24.97 -28.04 23.50
C ARG D 302 25.12 -26.83 22.59
N HIS D 303 26.29 -26.19 22.57
CA HIS D 303 26.67 -25.10 21.63
C HIS D 303 27.43 -25.88 20.56
N VAL D 304 26.92 -25.93 19.33
CA VAL D 304 27.57 -26.74 18.27
C VAL D 304 28.72 -26.03 17.53
N PHE D 305 29.01 -24.76 17.82
CA PHE D 305 30.16 -24.17 17.12
C PHE D 305 30.26 -24.23 15.58
N TRP D 306 29.20 -23.70 14.94
CA TRP D 306 29.22 -23.59 13.48
C TRP D 306 30.41 -22.68 13.21
N MET D 307 30.64 -21.65 14.04
CA MET D 307 31.86 -20.81 13.90
C MET D 307 32.34 -20.49 15.29
N TYR D 308 33.67 -20.50 15.47
CA TYR D 308 34.26 -20.14 16.74
C TYR D 308 34.52 -18.63 16.63
N THR D 309 33.79 -17.85 17.41
CA THR D 309 33.79 -16.40 17.25
C THR D 309 34.34 -15.62 18.45
N VAL D 310 35.38 -14.83 18.19
CA VAL D 310 35.98 -14.04 19.28
C VAL D 310 35.57 -12.59 19.14
N ARG D 311 35.77 -11.82 20.22
CA ARG D 311 35.58 -10.35 20.22
C ARG D 311 36.99 -9.81 20.47
N LEU D 312 37.42 -8.93 19.58
CA LEU D 312 38.76 -8.34 19.73
C LEU D 312 38.75 -7.24 20.78
N GLY D 313 39.83 -7.14 21.55
CA GLY D 313 40.03 -6.15 22.64
C GLY D 313 40.02 -4.68 22.15
N GLU D 314 39.23 -3.84 22.81
CA GLU D 314 39.10 -2.46 22.36
C GLU D 314 40.44 -1.85 22.51
N GLY D 315 41.20 -2.49 23.39
CA GLY D 315 42.52 -2.01 23.71
C GLY D 315 43.46 -2.03 22.51
N LEU D 316 43.06 -2.68 21.41
CA LEU D 316 43.98 -2.76 20.26
C LEU D 316 43.99 -1.54 19.34
N SER D 317 45.13 -1.36 18.68
CA SER D 317 45.40 -0.25 17.78
C SER D 317 44.86 -0.54 16.39
N THR D 318 44.92 -1.81 15.97
CA THR D 318 44.45 -2.24 14.66
C THR D 318 42.93 -2.32 14.65
N THR D 319 42.33 -2.49 13.49
CA THR D 319 40.86 -2.62 13.49
C THR D 319 40.47 -4.05 13.09
N ARG D 320 39.22 -4.44 13.41
CA ARG D 320 38.71 -5.78 13.12
C ARG D 320 38.87 -6.02 11.66
N ASP D 321 38.52 -5.02 10.84
CA ASP D 321 38.64 -5.16 9.40
C ASP D 321 40.10 -5.29 8.96
N GLN D 322 41.00 -4.58 9.62
CA GLN D 322 42.40 -4.71 9.23
C GLN D 322 42.89 -6.12 9.51
N VAL D 323 42.49 -6.56 10.69
CA VAL D 323 42.86 -7.89 11.18
C VAL D 323 42.45 -8.95 10.12
N ILE D 324 41.24 -8.83 9.58
CA ILE D 324 40.82 -9.78 8.56
C ILE D 324 41.78 -9.72 7.35
N LYS D 325 42.22 -8.49 7.07
CA LYS D 325 43.12 -8.23 5.95
C LYS D 325 44.51 -8.83 6.21
N ASP D 326 44.99 -8.57 7.41
CA ASP D 326 46.28 -9.14 7.79
C ASP D 326 46.22 -10.69 7.81
N LEU D 327 45.15 -11.30 8.31
CA LEU D 327 45.13 -12.77 8.26
C LEU D 327 45.07 -13.30 6.84
N ASP D 328 44.34 -12.56 6.01
CA ASP D 328 44.22 -13.02 4.64
C ASP D 328 45.61 -13.05 4.02
N ALA D 329 46.36 -12.00 4.30
CA ALA D 329 47.72 -11.96 3.78
C ALA D 329 48.51 -13.12 4.34
N LEU D 330 48.18 -13.61 5.53
CA LEU D 330 48.91 -14.73 6.12
C LEU D 330 48.34 -16.06 5.61
N GLY D 331 47.39 -15.99 4.67
CA GLY D 331 46.78 -17.16 4.05
C GLY D 331 45.60 -17.73 4.87
N ILE D 332 44.99 -16.88 5.65
CA ILE D 332 43.94 -17.42 6.51
C ILE D 332 42.65 -16.66 6.27
N GLU D 333 41.66 -17.41 5.79
CA GLU D 333 40.35 -16.81 5.62
C GLU D 333 39.61 -16.57 6.96
N SER D 334 38.74 -15.57 7.06
CA SER D 334 37.95 -15.28 8.27
C SER D 334 36.78 -14.40 7.87
N ARG D 335 35.84 -14.18 8.78
CA ARG D 335 34.65 -13.37 8.53
C ARG D 335 34.33 -12.45 9.72
N PRO D 336 33.69 -11.31 9.43
CA PRO D 336 33.31 -10.39 10.51
C PRO D 336 32.00 -10.87 11.12
N VAL D 337 31.76 -10.62 12.40
CA VAL D 337 30.45 -10.86 12.95
C VAL D 337 29.65 -9.85 12.10
N PHE D 338 28.40 -10.15 11.82
CA PHE D 338 27.57 -9.28 10.93
C PHE D 338 27.50 -7.79 11.21
N HIS D 339 27.35 -6.95 10.19
CA HIS D 339 27.04 -5.53 10.41
C HIS D 339 25.55 -5.58 10.76
N PRO D 340 25.16 -4.95 11.87
CA PRO D 340 23.76 -5.01 12.32
C PRO D 340 22.83 -4.48 11.24
N MET D 341 21.65 -5.06 11.14
CA MET D 341 20.73 -4.54 10.14
C MET D 341 20.59 -3.00 10.08
N HIS D 342 20.45 -2.36 11.24
CA HIS D 342 20.15 -0.93 11.35
C HIS D 342 21.28 0.02 10.91
N ILE D 343 22.47 -0.51 10.66
CA ILE D 343 23.54 0.33 10.16
C ILE D 343 23.68 0.25 8.62
N MET D 344 22.97 -0.67 7.99
CA MET D 344 23.00 -0.80 6.51
C MET D 344 21.83 -0.08 5.81
N PRO D 345 22.06 0.35 4.58
CA PRO D 345 21.05 1.12 3.84
C PRO D 345 19.64 0.54 3.87
N PRO D 346 19.46 -0.76 3.64
CA PRO D 346 18.08 -1.26 3.59
C PRO D 346 17.32 -1.14 4.90
N TYR D 347 18.02 -1.09 6.03
CA TYR D 347 17.32 -1.08 7.31
C TYR D 347 17.72 0.04 8.29
N ALA D 348 18.41 1.04 7.75
CA ALA D 348 18.84 2.14 8.62
C ALA D 348 17.59 2.81 9.14
N HIS D 349 16.53 2.74 8.36
CA HIS D 349 15.32 3.41 8.82
C HIS D 349 14.66 2.72 10.00
N LEU D 350 15.20 1.59 10.43
CA LEU D 350 14.62 0.90 11.59
C LEU D 350 15.51 1.05 12.84
N ALA D 351 16.55 1.88 12.70
CA ALA D 351 17.51 2.11 13.80
C ALA D 351 16.84 2.70 15.04
N THR D 352 17.29 2.29 16.22
CA THR D 352 16.84 2.82 17.49
C THR D 352 18.06 3.09 18.35
N ASP D 353 17.83 3.70 19.50
CA ASP D 353 18.93 4.06 20.38
C ASP D 353 19.28 2.88 21.28
N ASP D 354 18.64 1.74 21.09
CA ASP D 354 18.92 0.63 22.01
C ASP D 354 19.34 -0.63 21.27
N LEU D 355 20.27 -0.42 20.33
CA LEU D 355 20.86 -1.50 19.54
C LEU D 355 22.37 -1.38 19.75
N LYS D 356 22.74 -0.88 20.92
CA LYS D 356 24.16 -0.70 21.17
C LYS D 356 25.09 -1.95 21.21
N ILE D 357 24.61 -3.08 21.71
CA ILE D 357 25.45 -4.30 21.85
C ILE D 357 25.68 -4.87 20.46
N ALA D 358 24.58 -4.82 19.70
CA ALA D 358 24.62 -5.26 18.32
C ALA D 358 25.70 -4.49 17.62
N GLU D 359 25.67 -3.16 17.75
CA GLU D 359 26.73 -2.36 17.07
C GLU D 359 28.15 -2.73 17.55
N ALA D 360 28.30 -2.89 18.86
CA ALA D 360 29.61 -3.27 19.42
C ALA D 360 30.11 -4.62 18.94
N CYS D 361 29.21 -5.60 18.90
CA CYS D 361 29.61 -6.91 18.40
C CYS D 361 29.98 -6.82 16.94
N GLY D 362 29.25 -6.00 16.17
CA GLY D 362 29.55 -5.90 14.76
C GLY D 362 30.88 -5.25 14.54
N VAL D 363 31.25 -4.40 15.49
CA VAL D 363 32.51 -3.69 15.32
C VAL D 363 33.72 -4.56 15.63
N ASP D 364 33.62 -5.31 16.73
CA ASP D 364 34.79 -6.06 17.17
C ASP D 364 34.77 -7.58 16.97
N GLY D 365 33.67 -8.14 16.45
CA GLY D 365 33.53 -9.59 16.28
C GLY D 365 34.22 -10.20 15.05
N LEU D 366 34.77 -11.39 15.27
CA LEU D 366 35.50 -12.16 14.29
C LEU D 366 35.23 -13.67 14.34
N ASN D 367 34.76 -14.20 13.22
CA ASN D 367 34.56 -15.66 13.12
C ASN D 367 35.90 -16.22 12.64
N LEU D 368 36.43 -17.19 13.38
CA LEU D 368 37.67 -17.82 12.96
C LEU D 368 37.36 -19.11 12.15
N PRO D 369 38.32 -19.56 11.35
CA PRO D 369 38.12 -20.81 10.59
C PRO D 369 37.62 -21.95 11.50
N THR D 370 36.52 -22.58 11.11
CA THR D 370 35.90 -23.59 11.95
C THR D 370 35.24 -24.56 11.00
N HIS D 371 35.86 -25.71 10.86
CA HIS D 371 35.34 -26.77 10.02
C HIS D 371 36.12 -28.06 10.26
N ALA D 372 35.48 -29.13 9.81
CA ALA D 372 35.94 -30.48 9.99
C ALA D 372 37.30 -30.86 9.40
N GLY D 373 37.78 -30.15 8.39
CA GLY D 373 39.08 -30.56 7.84
C GLY D 373 40.26 -29.78 8.45
N LEU D 374 40.01 -28.97 9.47
CA LEU D 374 41.15 -28.24 10.03
C LEU D 374 41.95 -29.15 10.95
N THR D 375 43.27 -29.07 10.87
CA THR D 375 44.12 -29.91 11.77
C THR D 375 44.65 -29.06 12.92
N GLU D 376 45.34 -29.70 13.89
CA GLU D 376 45.90 -28.91 14.97
C GLU D 376 46.89 -27.89 14.42
N ALA D 377 47.65 -28.34 13.44
CA ALA D 377 48.67 -27.47 12.84
C ALA D 377 47.99 -26.26 12.24
N ASP D 378 46.82 -26.45 11.63
CA ASP D 378 46.08 -25.31 11.07
C ASP D 378 45.69 -24.35 12.20
N ILE D 379 45.24 -24.94 13.31
CA ILE D 379 44.86 -24.06 14.40
C ILE D 379 46.06 -23.34 15.01
N ASP D 380 47.19 -24.05 15.07
CA ASP D 380 48.35 -23.34 15.62
C ASP D 380 48.69 -22.11 14.72
N ARG D 381 48.63 -22.30 13.41
CA ARG D 381 48.91 -21.22 12.44
C ARG D 381 47.92 -20.06 12.59
N VAL D 382 46.65 -20.37 12.78
CA VAL D 382 45.72 -19.26 13.00
C VAL D 382 46.08 -18.48 14.29
N ILE D 383 46.46 -19.21 15.34
CA ILE D 383 46.78 -18.54 16.60
C ILE D 383 48.09 -17.75 16.44
N ALA D 384 49.07 -18.32 15.74
CA ALA D 384 50.32 -17.60 15.53
C ALA D 384 50.04 -16.36 14.69
N ALA D 385 49.21 -16.51 13.67
CA ALA D 385 48.87 -15.34 12.86
C ALA D 385 48.20 -14.28 13.71
N LEU D 386 47.24 -14.67 14.55
CA LEU D 386 46.57 -13.66 15.34
C LEU D 386 47.55 -13.05 16.34
N ASP D 387 48.46 -13.88 16.84
CA ASP D 387 49.40 -13.41 17.86
C ASP D 387 50.14 -12.18 17.33
N GLN D 388 50.53 -12.34 16.08
CA GLN D 388 51.25 -11.33 15.36
C GLN D 388 50.41 -10.11 14.95
N VAL D 389 49.24 -10.35 14.37
CA VAL D 389 48.40 -9.25 13.85
C VAL D 389 47.60 -8.46 14.88
N LEU D 390 47.39 -9.05 16.05
CA LEU D 390 46.65 -8.32 17.06
C LEU D 390 47.58 -7.42 17.88
N VAL D 391 47.74 -6.20 17.37
CA VAL D 391 48.49 -5.13 18.02
C VAL D 391 47.60 -3.91 18.31
OP3 G4M E . -15.93 19.25 15.58
PL G4M E . -14.79 19.87 14.96
OP1 G4M E . -14.46 19.18 13.69
OP2 G4M E . -14.80 21.35 14.84
OP4 G4M E . -13.47 19.62 15.87
C5B G4M E . -13.16 18.28 16.17
C5L G4M E . -12.48 18.03 17.51
C6L G4M E . -11.15 17.73 17.54
N1L G4M E . -10.53 17.49 18.68
C2L G4M E . -11.19 17.52 19.84
C2A G4M E . -10.41 17.23 21.10
C3L G4M E . -12.54 17.84 19.90
O3L G4M E . -13.16 17.87 20.97
C4L G4M E . -13.19 18.07 18.68
C4A G4M E . -14.61 18.36 18.66
N4A G4M E . -15.30 18.31 19.68
C4G G4M E . -16.73 18.58 19.78
C5G G4M E . -17.33 17.48 20.62
C6G G4M E . -16.56 17.33 21.92
O5G G4M E . -18.63 17.85 20.94
C3G G4M E . -17.42 18.55 18.43
O3G G4M E . -17.32 19.77 17.75
C2G G4M E . -18.85 18.07 18.53
O2G G4M E . -19.74 18.25 17.42
C1G G4M E . -19.53 17.96 19.88
O1G G4M E . -20.45 16.80 19.82
P2 G4M E . -21.90 16.87 20.40
O3P G4M E . -21.78 16.80 21.90
O4P G4M E . -22.65 15.72 19.95
OPP G4M E . -22.50 18.26 19.86
P G4M E . -24.06 18.59 19.80
O1P G4M E . -24.88 17.66 20.55
O2P G4M E . -24.44 18.71 18.40
O5' G4M E . -24.07 20.05 20.45
C5' G4M E . -23.90 20.07 21.85
C4' G4M E . -24.62 21.23 22.48
O4' G4M E . -24.34 22.49 21.83
C3' G4M E . -26.08 20.95 22.32
O3' G4M E . -26.76 21.45 23.45
C2' G4M E . -26.41 21.72 21.06
O2' G4M E . -27.77 22.02 20.97
C1' G4M E . -25.54 22.94 21.20
N9 G4M E . -25.32 23.70 19.95
C8 G4M E . -24.57 23.33 18.93
N7 G4M E . -24.62 24.27 17.99
C4 G4M E . -25.84 24.89 19.68
C5 G4M E . -25.39 25.26 18.45
C6 G4M E . -25.84 26.48 17.89
O6 G4M E . -25.42 26.87 16.81
N3 G4M E . -26.69 25.70 20.35
C2 G4M E . -27.08 26.87 19.84
N1 G4M E . -26.63 27.26 18.65
N2 G4M E . -27.92 27.63 20.54
OP3 G4M F . -15.48 24.37 -5.00
PL G4M F . -16.25 23.35 -4.40
OP1 G4M F . -15.46 22.53 -3.52
OP2 G4M F . -17.52 23.70 -3.84
OP4 G4M F . -16.75 22.40 -5.63
C5B G4M F . -15.76 21.75 -6.35
C5L G4M F . -16.09 21.43 -7.81
C6L G4M F . -16.32 20.15 -8.24
N1L G4M F . -16.55 19.88 -9.51
C2L G4M F . -16.62 20.86 -10.42
C2A G4M F . -16.90 20.49 -11.85
C3L G4M F . -16.44 22.18 -10.08
O3L G4M F . -16.47 23.07 -10.95
C4L G4M F . -16.15 22.47 -8.75
C4A G4M F . -15.92 23.85 -8.34
N4A G4M F . -15.76 24.74 -9.18
C4G G4M F . -15.54 26.15 -8.91
C5G G4M F . -14.59 26.72 -9.93
C6G G4M F . -14.83 26.33 -11.38
O5G G4M F . -14.48 28.10 -9.76
C3G G4M F . -14.92 26.36 -7.54
O3G G4M F . -15.87 26.51 -6.53
C2G G4M F . -13.84 27.44 -7.51
O2G G4M F . -13.86 28.09 -6.25
C1G G4M F . -13.86 28.52 -8.57
O1G G4M F . -12.48 29.00 -8.78
P2 G4M F . -12.31 30.54 -9.04
O3P G4M F . -12.81 30.80 -10.41
O4P G4M F . -10.85 30.84 -8.93
OPP G4M F . -13.23 31.22 -7.90
P G4M F . -13.06 32.77 -7.59
O1P G4M F . -11.99 33.40 -8.34
O2P G4M F . -12.76 32.76 -6.13
O5' G4M F . -14.53 33.35 -7.66
C5' G4M F . -14.97 33.50 -9.01
C4' G4M F . -15.83 34.75 -9.17
O4' G4M F . -16.88 34.69 -8.22
C3' G4M F . -15.05 36.01 -8.89
O3' G4M F . -15.56 37.09 -9.68
C2' G4M F . -15.39 36.30 -7.44
O2' G4M F . -15.30 37.66 -7.06
C1' G4M F . -16.80 35.81 -7.37
N9 G4M F . -17.20 35.53 -5.99
C8 G4M F . -16.85 34.44 -5.30
N7 G4M F . -17.38 34.51 -4.08
C4 G4M F . -17.97 36.29 -5.25
C5 G4M F . -18.09 35.66 -4.01
C6 G4M F . -18.86 36.26 -3.01
O6 G4M F . -19.01 35.74 -1.92
N3 G4M F . -18.57 37.47 -5.44
C2 G4M F . -19.31 38.03 -4.47
N1 G4M F . -19.45 37.43 -3.28
N2 G4M F . -19.94 39.23 -4.66
C1 EDO G . -6.57 31.77 -29.47
O1 EDO G . -6.24 31.29 -30.78
C2 EDO G . -6.98 30.63 -28.55
O2 EDO G . -5.97 29.63 -28.46
C1 EDO H . -3.03 30.64 -29.72
O1 EDO H . -2.19 30.27 -28.64
C2 EDO H . -2.37 31.45 -30.84
O2 EDO H . -3.42 32.17 -31.46
OP3 G4M I . 9.10 -24.49 -12.98
PL G4M I . 10.06 -23.41 -13.05
OP1 G4M I . 10.01 -22.65 -11.78
OP2 G4M I . 11.42 -23.78 -13.36
OP4 G4M I . 9.69 -22.47 -14.30
C5B G4M I . 8.47 -21.80 -14.26
C5L G4M I . 7.76 -21.58 -15.59
C6L G4M I . 7.65 -20.33 -16.09
N1L G4M I . 7.02 -20.10 -17.20
C2L G4M I . 6.53 -21.09 -17.93
C2A G4M I . 5.86 -20.73 -19.22
C3L G4M I . 6.65 -22.40 -17.55
O3L G4M I . 6.15 -23.29 -18.26
C4L G4M I . 7.28 -22.65 -16.34
C4A G4M I . 7.39 -24.05 -15.86
N4A G4M I . 6.74 -24.97 -16.41
C4G G4M I . 6.77 -26.36 -16.07
C5G G4M I . 5.36 -26.98 -16.25
C6G G4M I . 4.74 -26.63 -17.60
O5G G4M I . 5.48 -28.36 -16.10
C3G G4M I . 7.14 -26.56 -14.62
O3G G4M I . 8.51 -26.62 -14.44
C2G G4M I . 6.39 -27.70 -13.95
O2G G4M I . 7.12 -28.20 -12.88
C1G G4M I . 5.85 -28.80 -14.82
O1G G4M I . 4.64 -29.29 -14.13
P2 G4M I . 4.26 -30.80 -14.17
O3P G4M I . 3.75 -31.12 -15.52
O4P G4M I . 3.23 -31.04 -13.17
OPP G4M I . 5.65 -31.57 -13.84
P G4M I . 5.76 -33.06 -13.23
O1P G4M I . 4.56 -33.85 -13.31
O2P G4M I . 6.30 -32.96 -11.83
O5' G4M I . 6.90 -33.61 -14.20
C5' G4M I . 6.49 -33.72 -15.54
C4' G4M I . 7.07 -34.97 -16.19
O4' G4M I . 8.50 -34.91 -16.14
C3' G4M I . 6.69 -36.22 -15.42
O3' G4M I . 6.67 -37.31 -16.35
C2' G4M I . 7.88 -36.38 -14.50
O2' G4M I . 8.08 -37.69 -13.99
C1' G4M I . 9.00 -35.97 -15.38
N9 G4M I . 10.22 -35.65 -14.60
C8 G4M I . 10.36 -34.54 -13.86
N7 G4M I . 11.57 -34.53 -13.30
C4 G4M I . 11.34 -36.35 -14.53
C5 G4M I . 12.22 -35.64 -13.69
C6 G4M I . 13.50 -36.20 -13.40
O6 G4M I . 14.35 -35.64 -12.71
N3 G4M I . 11.73 -37.55 -15.04
C2 G4M I . 12.94 -38.03 -14.77
N1 G4M I . 13.80 -37.37 -13.98
N2 G4M I . 13.29 -39.21 -15.28
OP3 G4M J . 22.07 -18.86 2.84
PL G4M J . 20.79 -19.48 3.08
OP1 G4M J . 19.72 -18.86 2.26
OP2 G4M J . 20.71 -20.93 3.01
OP4 G4M J . 20.35 -19.23 4.62
C5B G4M J . 20.04 -17.98 5.08
C5L G4M J . 20.44 -17.67 6.54
C6L G4M J . 19.45 -17.37 7.41
N1L G4M J . 19.70 -17.07 8.67
C2L G4M J . 20.95 -17.08 9.12
C2A G4M J . 21.14 -16.73 10.59
C3L G4M J . 22.02 -17.38 8.30
O3L G4M J . 23.19 -17.36 8.76
C4L G4M J . 21.76 -17.67 6.97
C4A G4M J . 22.87 -17.98 6.08
N4A G4M J . 24.05 -17.68 6.39
C4G G4M J . 25.26 -17.92 5.59
C5G G4M J . 26.31 -16.83 5.79
C6G G4M J . 26.57 -16.59 7.28
O5G G4M J . 27.46 -17.35 5.20
C3G G4M J . 24.95 -17.90 4.11
O3G G4M J . 24.62 -19.17 3.63
C2G G4M J . 26.02 -17.18 3.30
O2G G4M J . 25.99 -17.60 1.97
C1G G4M J . 27.45 -17.33 3.79
O1G G4M J . 28.13 -16.10 3.31
P2 G4M J . 29.63 -16.16 2.99
O3P G4M J . 30.41 -16.22 4.25
O4P G4M J . 29.87 -14.94 2.24
OPP G4M J . 29.79 -17.53 2.13
P G4M J . 31.00 -17.85 1.13
O1P G4M J . 32.03 -16.88 1.18
O2P G4M J . 30.39 -18.05 -0.21
O5' G4M J . 31.45 -19.29 1.66
C5' G4M J . 31.93 -19.29 2.98
C4' G4M J . 33.01 -20.37 3.10
O4' G4M J . 32.48 -21.64 2.80
C3' G4M J . 34.09 -20.10 2.11
O3' G4M J . 35.32 -20.56 2.62
C2' G4M J . 33.71 -20.98 0.92
O2' G4M J . 34.83 -21.27 0.12
C1' G4M J . 33.16 -22.17 1.67
N9 G4M J . 32.31 -22.97 0.78
C8 G4M J . 31.09 -22.62 0.38
N7 G4M J . 30.61 -23.55 -0.41
C4 G4M J . 32.60 -24.13 0.21
C5 G4M J . 31.51 -24.51 -0.55
C6 G4M J . 31.56 -25.71 -1.25
O6 G4M J . 30.63 -26.16 -1.91
N3 G4M J . 33.68 -24.94 0.25
C2 G4M J . 33.70 -26.08 -0.41
N1 G4M J . 32.66 -26.45 -1.14
N2 G4M J . 34.80 -26.85 -0.38
#